data_5VL0
#
_entry.id   5VL0
#
_cell.length_a   50.160
_cell.length_b   180.290
_cell.length_c   86.920
_cell.angle_alpha   90.000
_cell.angle_beta   106.180
_cell.angle_gamma   90.000
#
_symmetry.space_group_name_H-M   'P 1 21 1'
#
loop_
_entity.id
_entity.type
_entity.pdbx_description
1 polymer 'Alcohol dehydrogenase E chain'
2 non-polymer 'ZINC ION'
3 non-polymer '1,4-DIHYDRONICOTINAMIDE ADENINE DINUCLEOTIDE'
4 non-polymer N-BENZYLFORMAMIDE
5 non-polymer (4R)-2-METHYLPENTANE-2,4-DIOL
6 water water
#
_entity_poly.entity_id   1
_entity_poly.type   'polypeptide(L)'
_entity_poly.pdbx_seq_one_letter_code
;STAGKVIKCKAAVLWEEKKPFSIEEVEVAPPKAHEVRIKMVATGICRSDDHVVSGTLVTPLPVIAGHEAAGIVESIGEGV
TTVRPGDKVIPLFTPQCGKCRVCKHPEGNFCLKNDLSMPRGTMQDGTSRFTCRGKPIHHFLGTSTFSQYTVVDEISVAKI
DAASPLEKVCLIGCGFSTGYGSAVKVAKVTQGSTCAVFGLGGVGLSVIMGCKAAGAARIIGVDINKDKFAKAKEVGATEC
VNPQDYKKPIQEVLTEMSNGGVDFSFEVIGRLDTMVTALSCCQEAYGVSVIVGVPPDSQNLSMNPMLLLSGRTWKGAIFG
GFKSKDSVPKLVADFMAKKFALDPLITHVLPFEKINEGFDLLRSGESIRTILTF
;
_entity_poly.pdbx_strand_id   A,B,C,D
#
# COMPACT_ATOMS: atom_id res chain seq x y z
N SER A 1 -47.50 -19.19 29.38
CA SER A 1 -47.12 -19.16 30.79
C SER A 1 -45.71 -18.62 31.12
N THR A 2 -44.82 -18.56 30.13
CA THR A 2 -43.50 -18.00 30.32
C THR A 2 -43.42 -16.49 29.88
N ALA A 3 -44.53 -15.94 29.38
CA ALA A 3 -44.49 -14.61 28.84
C ALA A 3 -44.08 -13.65 29.93
N GLY A 4 -43.18 -12.73 29.61
CA GLY A 4 -42.76 -11.76 30.61
C GLY A 4 -41.82 -12.23 31.65
N LYS A 5 -41.46 -13.50 31.60
CA LYS A 5 -40.56 -14.10 32.60
C LYS A 5 -39.23 -14.49 31.99
N VAL A 6 -38.19 -14.50 32.80
CA VAL A 6 -36.94 -15.18 32.44
C VAL A 6 -37.17 -16.63 32.29
N ILE A 7 -36.71 -17.20 31.19
CA ILE A 7 -36.68 -18.60 31.02
C ILE A 7 -35.34 -19.23 31.36
N LYS A 8 -35.39 -20.32 32.13
CA LYS A 8 -34.22 -21.16 32.33
C LYS A 8 -34.32 -22.36 31.39
N CYS A 9 -33.30 -22.58 30.57
CA CYS A 9 -33.35 -23.61 29.61
C CYS A 9 -31.96 -24.10 29.28
N LYS A 10 -31.85 -25.14 28.45
CA LYS A 10 -30.52 -25.63 28.01
C LYS A 10 -30.08 -24.91 26.73
N ALA A 11 -28.79 -24.65 26.65
CA ALA A 11 -28.14 -24.14 25.47
C ALA A 11 -26.73 -24.72 25.33
N ALA A 12 -26.19 -24.74 24.11
CA ALA A 12 -24.91 -25.15 23.80
C ALA A 12 -24.06 -23.94 23.77
N VAL A 13 -23.27 -23.73 24.83
CA VAL A 13 -22.45 -22.58 24.95
C VAL A 13 -21.04 -22.90 24.46
N LEU A 14 -20.45 -21.99 23.69
CA LEU A 14 -19.03 -22.11 23.28
C LEU A 14 -18.26 -21.10 24.09
N TRP A 15 -17.50 -21.62 25.06
CA TRP A 15 -16.71 -20.77 25.95
C TRP A 15 -15.40 -20.37 25.36
N GLU A 16 -14.80 -21.27 24.56
CA GLU A 16 -13.46 -21.05 23.99
C GLU A 16 -13.38 -21.67 22.63
N GLU A 17 -12.48 -21.16 21.79
CA GLU A 17 -12.17 -21.77 20.53
C GLU A 17 -11.63 -23.18 20.70
N LYS A 18 -11.93 -24.02 19.73
CA LYS A 18 -11.37 -25.33 19.54
C LYS A 18 -11.73 -26.23 20.70
N LYS A 19 -12.90 -26.00 21.29
CA LYS A 19 -13.41 -26.85 22.37
C LYS A 19 -14.79 -27.34 22.01
N PRO A 20 -15.24 -28.45 22.62
CA PRO A 20 -16.61 -28.87 22.42
C PRO A 20 -17.57 -27.81 22.97
N PHE A 21 -18.77 -27.80 22.43
CA PHE A 21 -19.89 -27.08 23.04
C PHE A 21 -20.15 -27.63 24.42
N SER A 22 -20.59 -26.76 25.31
CA SER A 22 -21.02 -27.15 26.65
C SER A 22 -22.50 -26.97 26.79
N ILE A 23 -23.23 -28.09 26.94
CA ILE A 23 -24.66 -28.04 27.11
C ILE A 23 -24.92 -27.70 28.56
N GLU A 24 -25.49 -26.55 28.81
CA GLU A 24 -25.75 -26.20 30.18
C GLU A 24 -26.89 -25.27 30.28
N GLU A 25 -27.27 -24.99 31.52
CA GLU A 25 -28.38 -24.10 31.81
C GLU A 25 -28.00 -22.66 31.52
N VAL A 26 -28.89 -22.00 30.80
CA VAL A 26 -28.80 -20.58 30.58
C VAL A 26 -30.11 -19.89 31.01
N GLU A 27 -30.03 -18.57 31.23
CA GLU A 27 -31.18 -17.78 31.44
C GLU A 27 -31.44 -16.89 30.21
N VAL A 28 -32.66 -16.93 29.74
CA VAL A 28 -33.12 -16.19 28.55
C VAL A 28 -34.08 -15.10 28.99
N ALA A 29 -33.66 -13.87 28.83
CA ALA A 29 -34.49 -12.74 29.23
C ALA A 29 -35.76 -12.64 28.36
N PRO A 30 -36.85 -12.01 28.82
CA PRO A 30 -37.98 -11.77 27.98
C PRO A 30 -37.64 -10.72 26.92
N PRO A 31 -38.35 -10.70 25.80
CA PRO A 31 -38.12 -9.74 24.75
C PRO A 31 -38.46 -8.33 25.15
N LYS A 32 -37.61 -7.40 24.76
CA LYS A 32 -37.83 -5.98 24.89
C LYS A 32 -38.58 -5.48 23.66
N ALA A 33 -38.70 -4.15 23.54
CA ALA A 33 -39.50 -3.61 22.46
C ALA A 33 -38.89 -4.08 21.13
N HIS A 34 -39.74 -4.45 20.24
CA HIS A 34 -39.29 -4.87 18.90
C HIS A 34 -38.41 -6.11 18.87
N GLU A 35 -38.55 -6.99 19.83
CA GLU A 35 -37.87 -8.24 19.93
C GLU A 35 -38.84 -9.38 20.02
N VAL A 36 -38.41 -10.58 19.68
CA VAL A 36 -39.22 -11.75 19.60
C VAL A 36 -38.49 -12.91 20.27
N ARG A 37 -39.15 -13.62 21.19
CA ARG A 37 -38.59 -14.78 21.82
C ARG A 37 -39.14 -16.03 21.19
N ILE A 38 -38.28 -16.94 20.77
CA ILE A 38 -38.63 -18.09 19.96
C ILE A 38 -38.24 -19.35 20.67
N LYS A 39 -39.20 -20.26 20.72
CA LYS A 39 -38.93 -21.68 21.10
C LYS A 39 -38.40 -22.51 19.91
N MET A 40 -37.14 -22.96 19.99
CA MET A 40 -36.57 -23.62 18.85
C MET A 40 -37.18 -24.99 18.66
N VAL A 41 -37.40 -25.34 17.38
CA VAL A 41 -37.90 -26.67 17.02
C VAL A 41 -36.80 -27.50 16.32
N ALA A 42 -36.00 -26.90 15.42
CA ALA A 42 -35.00 -27.64 14.73
C ALA A 42 -33.90 -26.59 14.34
N THR A 43 -32.70 -27.10 14.29
CA THR A 43 -31.56 -26.26 13.82
C THR A 43 -30.54 -27.14 13.12
N GLY A 44 -30.00 -26.64 12.01
CA GLY A 44 -29.03 -27.37 11.28
C GLY A 44 -27.63 -27.04 11.74
N ILE A 45 -26.71 -27.90 11.41
CA ILE A 45 -25.28 -27.67 11.65
C ILE A 45 -24.61 -27.27 10.37
N CYS A 46 -24.32 -25.98 10.25
CA CYS A 46 -23.70 -25.35 9.08
C CYS A 46 -22.18 -25.27 9.29
N ARG A 47 -21.41 -25.38 8.20
CA ARG A 47 -19.98 -25.25 8.36
C ARG A 47 -19.63 -23.89 9.03
N SER A 48 -20.42 -22.83 8.79
CA SER A 48 -20.07 -21.61 9.45
C SER A 48 -20.11 -21.62 10.98
N ASP A 49 -20.98 -22.48 11.57
CA ASP A 49 -20.94 -22.66 13.00
C ASP A 49 -19.63 -23.30 13.43
N ASP A 50 -19.13 -24.25 12.62
CA ASP A 50 -17.86 -24.84 12.91
C ASP A 50 -16.72 -23.85 12.74
N HIS A 51 -16.85 -22.91 11.78
CA HIS A 51 -15.83 -21.85 11.64
C HIS A 51 -15.73 -20.99 12.89
N VAL A 52 -16.80 -20.83 13.67
CA VAL A 52 -16.70 -20.14 14.93
C VAL A 52 -15.82 -20.93 15.90
N VAL A 53 -16.02 -22.23 15.95
CA VAL A 53 -15.19 -23.10 16.83
C VAL A 53 -13.71 -23.04 16.43
N SER A 54 -13.43 -23.11 15.13
CA SER A 54 -12.07 -23.16 14.65
C SER A 54 -11.37 -21.82 14.65
N GLY A 55 -12.07 -20.71 14.86
CA GLY A 55 -11.52 -19.37 14.68
C GLY A 55 -11.45 -18.84 13.25
N THR A 56 -11.90 -19.62 12.28
CA THR A 56 -12.00 -19.18 10.91
C THR A 56 -12.88 -17.96 10.78
N LEU A 57 -14.03 -17.98 11.50
CA LEU A 57 -14.98 -16.91 11.52
C LEU A 57 -14.93 -16.33 12.93
N VAL A 58 -14.56 -15.06 13.05
CA VAL A 58 -14.37 -14.47 14.35
C VAL A 58 -15.65 -13.81 14.77
N THR A 59 -16.05 -14.12 15.99
CA THR A 59 -17.16 -13.47 16.63
C THR A 59 -16.89 -13.48 18.13
N PRO A 60 -17.40 -12.50 18.88
CA PRO A 60 -17.05 -12.52 20.31
C PRO A 60 -17.51 -13.80 21.02
N LEU A 61 -16.66 -14.28 21.94
CA LEU A 61 -16.90 -15.46 22.82
C LEU A 61 -16.99 -14.94 24.25
N PRO A 62 -17.67 -15.65 25.14
CA PRO A 62 -18.41 -16.87 24.90
C PRO A 62 -19.69 -16.53 24.09
N VAL A 63 -20.19 -17.54 23.40
CA VAL A 63 -21.29 -17.30 22.44
C VAL A 63 -22.21 -18.52 22.41
N ILE A 64 -23.47 -18.22 22.12
CA ILE A 64 -24.43 -19.25 21.68
C ILE A 64 -24.48 -19.15 20.14
N ALA A 65 -23.84 -20.12 19.49
CA ALA A 65 -23.86 -20.18 18.02
C ALA A 65 -25.17 -20.75 17.47
N GLY A 66 -25.16 -21.17 16.19
CA GLY A 66 -26.34 -21.58 15.54
C GLY A 66 -27.07 -20.47 14.83
N HIS A 67 -27.39 -20.67 13.57
CA HIS A 67 -28.05 -19.62 12.82
C HIS A 67 -28.97 -20.15 11.72
N GLU A 68 -29.05 -21.46 11.56
CA GLU A 68 -29.87 -22.11 10.50
C GLU A 68 -30.95 -22.87 11.30
N ALA A 69 -32.16 -22.32 11.40
CA ALA A 69 -33.14 -22.88 12.34
C ALA A 69 -34.53 -22.48 12.01
N ALA A 70 -35.46 -23.19 12.73
CA ALA A 70 -36.88 -22.86 12.68
C ALA A 70 -37.49 -23.12 14.08
N GLY A 71 -38.49 -22.30 14.38
CA GLY A 71 -39.14 -22.41 15.72
C GLY A 71 -40.51 -21.78 15.72
N ILE A 72 -41.00 -21.61 16.95
CA ILE A 72 -42.33 -21.11 17.19
C ILE A 72 -42.25 -19.94 18.18
N VAL A 73 -42.86 -18.82 17.86
CA VAL A 73 -42.81 -17.67 18.70
C VAL A 73 -43.43 -17.96 20.05
N GLU A 74 -42.67 -17.80 21.12
CA GLU A 74 -43.17 -17.90 22.49
C GLU A 74 -43.79 -16.56 22.92
N SER A 75 -43.20 -15.43 22.63
CA SER A 75 -43.71 -14.13 23.09
C SER A 75 -43.08 -13.01 22.25
N ILE A 76 -43.80 -11.90 22.20
CA ILE A 76 -43.33 -10.68 21.47
C ILE A 76 -43.18 -9.53 22.40
N GLY A 77 -42.17 -8.69 22.17
CA GLY A 77 -42.05 -7.45 22.89
C GLY A 77 -42.97 -6.39 22.31
N GLU A 78 -43.03 -5.25 23.01
CA GLU A 78 -43.88 -4.11 22.61
C GLU A 78 -43.55 -3.63 21.22
N GLY A 79 -44.57 -3.39 20.40
CA GLY A 79 -44.37 -2.78 19.13
C GLY A 79 -44.14 -3.78 18.00
N VAL A 80 -44.03 -5.06 18.31
CA VAL A 80 -43.83 -6.04 17.23
C VAL A 80 -45.12 -6.16 16.44
N THR A 81 -45.02 -6.18 15.12
CA THR A 81 -46.20 -6.28 14.26
C THR A 81 -46.20 -7.46 13.29
N THR A 82 -45.05 -8.04 13.03
CA THR A 82 -44.90 -8.95 11.91
C THR A 82 -45.01 -10.37 12.29
N VAL A 83 -44.95 -10.67 13.60
CA VAL A 83 -45.21 -12.04 14.01
C VAL A 83 -46.05 -11.94 15.29
N ARG A 84 -46.62 -13.05 15.66
CA ARG A 84 -47.42 -13.21 16.88
C ARG A 84 -47.05 -14.52 17.60
N PRO A 85 -47.34 -14.59 18.92
CA PRO A 85 -47.20 -15.84 19.57
C PRO A 85 -47.88 -16.99 18.89
N GLY A 86 -47.20 -18.09 18.79
CA GLY A 86 -47.68 -19.28 18.11
C GLY A 86 -47.32 -19.42 16.62
N ASP A 87 -46.80 -18.33 16.04
CA ASP A 87 -46.39 -18.33 14.65
C ASP A 87 -45.13 -19.20 14.48
N LYS A 88 -45.05 -19.91 13.36
CA LYS A 88 -43.83 -20.55 12.94
C LYS A 88 -42.91 -19.51 12.26
N VAL A 89 -41.60 -19.56 12.59
CA VAL A 89 -40.66 -18.55 12.17
C VAL A 89 -39.30 -19.16 11.87
N ILE A 90 -38.57 -18.42 11.01
CA ILE A 90 -37.18 -18.71 10.73
C ILE A 90 -36.38 -17.46 11.08
N PRO A 91 -35.42 -17.60 12.00
CA PRO A 91 -34.52 -16.49 12.23
C PRO A 91 -33.66 -16.18 11.04
N LEU A 92 -33.33 -14.92 10.88
CA LEU A 92 -32.63 -14.41 9.71
C LEU A 92 -31.26 -13.92 10.12
N PHE A 93 -30.22 -14.61 9.72
CA PHE A 93 -28.83 -14.25 10.09
C PHE A 93 -28.35 -12.98 9.35
N THR A 94 -29.02 -12.67 8.22
CA THR A 94 -28.94 -11.40 7.54
C THR A 94 -30.26 -10.69 7.74
N PRO A 95 -30.26 -9.56 8.46
CA PRO A 95 -31.58 -8.93 8.74
C PRO A 95 -32.18 -8.27 7.47
N GLN A 96 -33.40 -7.80 7.57
CA GLN A 96 -33.96 -6.88 6.58
C GLN A 96 -34.69 -5.77 7.25
N CYS A 97 -33.99 -4.68 7.52
CA CYS A 97 -34.56 -3.57 8.24
C CYS A 97 -35.64 -2.82 7.41
N GLY A 98 -35.47 -2.90 6.09
CA GLY A 98 -36.38 -2.30 5.11
C GLY A 98 -36.19 -0.79 4.98
N LYS A 99 -35.27 -0.16 5.69
CA LYS A 99 -35.16 1.32 5.69
C LYS A 99 -33.83 1.83 5.19
N CYS A 100 -32.76 0.98 5.22
CA CYS A 100 -31.41 1.39 4.89
C CYS A 100 -31.25 1.43 3.35
N ARG A 101 -30.15 2.08 2.94
CA ARG A 101 -29.88 2.25 1.49
C ARG A 101 -29.75 0.88 0.76
N VAL A 102 -29.28 -0.13 1.48
CA VAL A 102 -29.18 -1.46 0.87
C VAL A 102 -30.56 -2.11 0.77
N CYS A 103 -31.34 -2.08 1.86
CA CYS A 103 -32.63 -2.69 1.82
C CYS A 103 -33.52 -2.05 0.74
N LYS A 104 -33.35 -0.74 0.48
CA LYS A 104 -34.10 0.00 -0.57
C LYS A 104 -33.53 -0.28 -1.94
N HIS A 105 -32.32 -0.83 -2.08
CA HIS A 105 -31.73 -1.08 -3.43
C HIS A 105 -32.35 -2.34 -4.01
N PRO A 106 -32.66 -2.34 -5.32
CA PRO A 106 -33.28 -3.55 -5.89
C PRO A 106 -32.40 -4.79 -5.88
N GLU A 107 -31.08 -4.65 -5.85
CA GLU A 107 -30.18 -5.82 -5.87
C GLU A 107 -29.47 -6.10 -4.53
N GLY A 108 -29.58 -5.21 -3.59
CA GLY A 108 -28.79 -5.41 -2.35
C GLY A 108 -29.56 -6.24 -1.36
N ASN A 109 -28.87 -7.06 -0.59
CA ASN A 109 -29.48 -7.77 0.51
C ASN A 109 -28.71 -7.68 1.82
N PHE A 110 -27.49 -7.11 1.83
CA PHE A 110 -26.64 -7.11 2.99
C PHE A 110 -26.94 -5.90 3.84
N CYS A 111 -28.11 -6.00 4.47
CA CYS A 111 -28.64 -4.87 5.28
C CYS A 111 -27.60 -4.28 6.19
N LEU A 112 -27.61 -2.97 6.36
CA LEU A 112 -26.66 -2.28 7.18
C LEU A 112 -26.73 -2.53 8.66
N LYS A 113 -27.85 -3.16 9.08
CA LYS A 113 -28.01 -3.60 10.50
C LYS A 113 -27.41 -4.95 10.78
N ASN A 114 -26.73 -5.59 9.80
CA ASN A 114 -26.14 -6.90 10.05
C ASN A 114 -25.10 -6.88 11.14
N ASP A 115 -24.84 -8.05 11.69
CA ASP A 115 -23.81 -8.24 12.69
C ASP A 115 -22.68 -9.08 12.15
N LEU A 116 -22.55 -9.08 10.83
CA LEU A 116 -21.52 -9.91 10.15
C LEU A 116 -20.19 -9.15 9.92
N SER A 117 -20.24 -7.92 9.45
CA SER A 117 -19.01 -7.21 9.02
C SER A 117 -18.14 -6.91 10.19
N MET A 118 -18.76 -6.36 11.24
CA MET A 118 -18.07 -5.87 12.48
C MET A 118 -18.79 -6.47 13.71
N PRO A 119 -18.59 -7.77 13.94
CA PRO A 119 -19.53 -8.48 14.84
C PRO A 119 -19.39 -7.98 16.27
N ARG A 120 -20.51 -7.68 16.88
CA ARG A 120 -20.56 -7.29 18.27
C ARG A 120 -21.20 -8.46 19.08
N GLY A 121 -21.90 -9.41 18.48
CA GLY A 121 -22.54 -10.51 19.20
C GLY A 121 -23.54 -10.04 20.23
N THR A 122 -24.38 -9.08 19.83
CA THR A 122 -25.40 -8.52 20.70
C THR A 122 -26.72 -8.46 19.95
N MET A 123 -27.76 -8.10 20.69
CA MET A 123 -28.98 -7.63 20.06
C MET A 123 -28.71 -6.28 19.37
N GLN A 124 -29.69 -5.74 18.65
CA GLN A 124 -29.53 -4.42 18.01
C GLN A 124 -29.22 -3.33 19.01
N ASP A 125 -29.78 -3.43 20.21
CA ASP A 125 -29.53 -2.45 21.27
C ASP A 125 -28.18 -2.51 21.98
N GLY A 126 -27.28 -3.40 21.57
CA GLY A 126 -25.97 -3.55 22.12
C GLY A 126 -25.86 -4.34 23.38
N THR A 127 -26.92 -5.01 23.78
CA THR A 127 -26.97 -5.87 24.99
C THR A 127 -27.31 -7.31 24.65
N SER A 128 -27.14 -8.23 25.58
CA SER A 128 -27.40 -9.63 25.42
C SER A 128 -28.66 -10.03 26.19
N ARG A 129 -29.33 -11.05 25.73
CA ARG A 129 -30.50 -11.59 26.41
C ARG A 129 -30.14 -12.88 27.14
N PHE A 130 -28.90 -13.28 27.08
CA PHE A 130 -28.48 -14.60 27.59
C PHE A 130 -27.54 -14.37 28.78
N THR A 131 -27.78 -15.19 29.81
CA THR A 131 -26.85 -15.26 30.97
C THR A 131 -26.53 -16.74 31.20
N CYS A 132 -25.29 -17.08 31.55
CA CYS A 132 -24.89 -18.43 31.89
C CYS A 132 -23.79 -18.32 32.94
N ARG A 133 -23.88 -19.09 34.04
CA ARG A 133 -22.90 -19.01 35.15
C ARG A 133 -22.76 -17.59 35.68
N GLY A 134 -23.85 -16.84 35.64
CA GLY A 134 -23.89 -15.46 36.03
C GLY A 134 -23.20 -14.49 35.11
N LYS A 135 -22.80 -14.92 33.91
CA LYS A 135 -22.08 -14.05 32.97
C LYS A 135 -22.95 -13.78 31.72
N PRO A 136 -22.85 -12.58 31.15
CA PRO A 136 -23.53 -12.40 29.85
C PRO A 136 -22.85 -13.24 28.74
N ILE A 137 -23.67 -13.77 27.84
CA ILE A 137 -23.18 -14.63 26.74
C ILE A 137 -23.57 -13.90 25.44
N HIS A 138 -22.64 -13.91 24.48
CA HIS A 138 -22.90 -13.29 23.21
C HIS A 138 -23.91 -14.05 22.36
N HIS A 139 -24.59 -13.24 21.55
CA HIS A 139 -25.40 -13.72 20.45
C HIS A 139 -24.50 -13.95 19.21
N PHE A 140 -25.08 -14.60 18.19
CA PHE A 140 -24.31 -14.95 16.97
C PHE A 140 -25.18 -14.54 15.78
N LEU A 141 -24.75 -13.55 15.01
CA LEU A 141 -25.49 -13.08 13.80
C LEU A 141 -26.92 -12.69 14.12
N GLY A 142 -27.19 -12.17 15.31
CA GLY A 142 -28.54 -11.86 15.66
C GLY A 142 -29.51 -13.03 15.63
N THR A 143 -29.05 -14.26 15.78
CA THR A 143 -29.87 -15.45 15.75
C THR A 143 -29.63 -16.37 16.99
N SER A 144 -28.51 -17.01 17.19
CA SER A 144 -28.25 -17.86 18.32
C SER A 144 -29.27 -18.96 18.52
N THR A 145 -29.15 -19.97 17.71
CA THR A 145 -30.17 -21.00 17.62
C THR A 145 -29.83 -22.30 18.30
N PHE A 146 -28.61 -22.39 18.85
CA PHE A 146 -28.20 -23.60 19.63
C PHE A 146 -28.67 -23.45 21.07
N SER A 147 -29.95 -23.19 21.24
CA SER A 147 -30.58 -22.99 22.52
C SER A 147 -32.02 -23.34 22.44
N GLN A 148 -32.61 -23.86 23.52
CA GLN A 148 -34.03 -24.21 23.47
C GLN A 148 -34.93 -22.97 23.23
N TYR A 149 -34.48 -21.80 23.68
CA TYR A 149 -35.09 -20.52 23.41
C TYR A 149 -34.07 -19.48 23.04
N THR A 150 -34.47 -18.59 22.13
CA THR A 150 -33.60 -17.44 21.79
C THR A 150 -34.45 -16.23 21.66
N VAL A 151 -33.81 -15.05 21.63
CA VAL A 151 -34.50 -13.77 21.45
C VAL A 151 -33.81 -13.09 20.27
N VAL A 152 -34.60 -12.60 19.32
CA VAL A 152 -34.09 -11.96 18.13
C VAL A 152 -34.80 -10.65 17.93
N ASP A 153 -34.16 -9.71 17.25
CA ASP A 153 -34.81 -8.50 16.80
C ASP A 153 -35.83 -8.83 15.74
N GLU A 154 -36.89 -7.99 15.66
CA GLU A 154 -37.91 -8.20 14.69
C GLU A 154 -37.42 -8.23 13.23
N ILE A 155 -36.46 -7.38 12.94
CA ILE A 155 -35.87 -7.36 11.56
C ILE A 155 -35.05 -8.63 11.22
N SER A 156 -34.85 -9.52 12.20
CA SER A 156 -34.13 -10.78 12.05
C SER A 156 -35.00 -12.01 12.22
N VAL A 157 -36.30 -11.86 11.90
CA VAL A 157 -37.22 -13.03 11.93
C VAL A 157 -38.27 -12.90 10.85
N ALA A 158 -38.60 -14.04 10.24
CA ALA A 158 -39.66 -14.10 9.26
C ALA A 158 -40.70 -15.12 9.66
N LYS A 159 -41.96 -14.67 9.58
CA LYS A 159 -43.12 -15.55 9.74
C LYS A 159 -43.21 -16.44 8.51
N ILE A 160 -43.42 -17.74 8.75
CA ILE A 160 -43.59 -18.66 7.65
C ILE A 160 -44.96 -19.40 7.79
N ASP A 161 -45.28 -20.17 6.75
CA ASP A 161 -46.52 -20.92 6.67
C ASP A 161 -46.80 -21.74 7.94
N ALA A 162 -48.03 -21.63 8.46
CA ALA A 162 -48.43 -22.32 9.69
C ALA A 162 -48.32 -23.85 9.60
N ALA A 163 -48.33 -24.40 8.38
CA ALA A 163 -48.26 -25.89 8.16
C ALA A 163 -46.87 -26.37 7.80
N SER A 164 -45.87 -25.46 7.84
CA SER A 164 -44.49 -25.81 7.45
C SER A 164 -43.91 -26.92 8.27
N PRO A 165 -43.12 -27.84 7.70
CA PRO A 165 -42.39 -28.84 8.50
C PRO A 165 -41.03 -28.32 8.94
N LEU A 166 -40.99 -27.92 10.20
CA LEU A 166 -39.88 -27.13 10.72
C LEU A 166 -38.56 -27.89 10.72
N GLU A 167 -38.59 -29.24 10.80
CA GLU A 167 -37.40 -30.04 10.83
C GLU A 167 -36.78 -30.15 9.39
N LYS A 168 -37.45 -29.68 8.36
CA LYS A 168 -36.85 -29.54 7.03
C LYS A 168 -36.55 -28.06 6.72
N VAL A 169 -37.52 -27.17 6.92
CA VAL A 169 -37.42 -25.78 6.39
C VAL A 169 -36.43 -24.95 7.20
N CYS A 170 -35.91 -25.43 8.31
CA CYS A 170 -34.76 -24.74 8.93
C CYS A 170 -33.62 -24.53 7.94
N LEU A 171 -33.46 -25.43 6.93
CA LEU A 171 -32.37 -25.26 5.96
C LEU A 171 -32.56 -24.02 5.10
N ILE A 172 -33.76 -23.53 4.94
CA ILE A 172 -34.08 -22.29 4.23
C ILE A 172 -33.47 -21.10 4.99
N GLY A 173 -33.20 -21.26 6.29
CA GLY A 173 -32.52 -20.24 7.09
C GLY A 173 -31.03 -20.11 6.80
N CYS A 174 -30.41 -21.03 6.06
CA CYS A 174 -29.03 -20.74 5.65
C CYS A 174 -28.65 -21.50 4.42
N GLY A 175 -28.35 -22.78 4.56
CA GLY A 175 -27.56 -23.43 3.53
C GLY A 175 -28.29 -23.58 2.18
N PHE A 176 -29.56 -23.98 2.23
CA PHE A 176 -30.28 -24.12 0.93
C PHE A 176 -30.43 -22.80 0.21
N SER A 177 -30.93 -21.79 0.90
CA SER A 177 -31.17 -20.56 0.27
C SER A 177 -29.88 -19.91 -0.22
N THR A 178 -28.78 -20.07 0.56
CA THR A 178 -27.50 -19.49 0.13
C THR A 178 -27.09 -20.11 -1.18
N GLY A 179 -27.07 -21.44 -1.21
CA GLY A 179 -26.60 -22.07 -2.49
C GLY A 179 -27.49 -21.76 -3.64
N TYR A 180 -28.79 -22.03 -3.45
CA TYR A 180 -29.74 -21.86 -4.50
C TYR A 180 -29.70 -20.48 -5.09
N GLY A 181 -29.74 -19.50 -4.20
CA GLY A 181 -29.78 -18.13 -4.69
C GLY A 181 -28.45 -17.73 -5.33
N SER A 182 -27.35 -18.27 -4.84
CA SER A 182 -26.04 -17.95 -5.47
C SER A 182 -26.11 -18.30 -6.98
N ALA A 183 -26.80 -19.36 -7.28
CA ALA A 183 -26.96 -19.74 -8.72
C ALA A 183 -27.99 -18.96 -9.41
N VAL A 184 -29.21 -18.90 -8.86
CA VAL A 184 -30.32 -18.31 -9.58
C VAL A 184 -30.37 -16.81 -9.57
N LYS A 185 -29.94 -16.18 -8.50
CA LYS A 185 -30.03 -14.77 -8.34
C LYS A 185 -28.72 -14.04 -8.49
N VAL A 186 -27.63 -14.57 -7.93
CA VAL A 186 -26.36 -13.87 -7.97
C VAL A 186 -25.68 -14.12 -9.29
N ALA A 187 -25.32 -15.35 -9.58
CA ALA A 187 -24.73 -15.66 -10.87
C ALA A 187 -25.72 -15.41 -12.02
N LYS A 188 -27.00 -15.73 -11.80
CA LYS A 188 -28.03 -15.72 -12.86
C LYS A 188 -27.66 -16.72 -13.98
N VAL A 189 -27.51 -17.97 -13.57
CA VAL A 189 -27.17 -19.07 -14.46
C VAL A 189 -28.19 -19.13 -15.58
N THR A 190 -27.72 -19.41 -16.82
CA THR A 190 -28.55 -19.35 -18.00
C THR A 190 -28.78 -20.80 -18.50
N GLN A 191 -29.93 -20.92 -19.18
CA GLN A 191 -30.27 -22.19 -19.85
C GLN A 191 -29.19 -22.63 -20.83
N GLY A 192 -28.80 -23.89 -20.70
CA GLY A 192 -27.84 -24.44 -21.61
C GLY A 192 -26.40 -24.19 -21.26
N SER A 193 -26.13 -23.53 -20.14
CA SER A 193 -24.76 -23.25 -19.77
C SER A 193 -24.01 -24.36 -19.06
N THR A 194 -22.73 -24.16 -18.89
CA THR A 194 -21.83 -25.11 -18.17
C THR A 194 -21.43 -24.39 -16.85
N CYS A 195 -21.67 -25.10 -15.75
CA CYS A 195 -21.33 -24.60 -14.40
C CYS A 195 -20.26 -25.51 -13.77
N ALA A 196 -19.40 -24.97 -12.89
CA ALA A 196 -18.47 -25.76 -12.02
C ALA A 196 -18.71 -25.31 -10.57
N VAL A 197 -18.92 -26.29 -9.71
CA VAL A 197 -19.25 -26.02 -8.34
C VAL A 197 -18.17 -26.65 -7.50
N PHE A 198 -17.41 -25.83 -6.79
CA PHE A 198 -16.31 -26.26 -5.95
C PHE A 198 -16.82 -26.40 -4.50
N GLY A 199 -16.85 -27.64 -4.02
CA GLY A 199 -17.39 -27.95 -2.68
C GLY A 199 -18.76 -28.53 -2.79
N LEU A 200 -18.94 -29.78 -2.33
CA LEU A 200 -20.20 -30.48 -2.45
C LEU A 200 -20.81 -30.84 -1.12
N GLY A 201 -20.70 -29.93 -0.17
CA GLY A 201 -21.50 -29.96 1.08
C GLY A 201 -22.90 -29.44 0.86
N GLY A 202 -23.61 -29.14 1.95
CA GLY A 202 -24.97 -28.71 1.81
C GLY A 202 -25.17 -27.50 0.98
N VAL A 203 -24.24 -26.52 1.08
CA VAL A 203 -24.39 -25.31 0.32
C VAL A 203 -24.07 -25.64 -1.14
N GLY A 204 -23.03 -26.34 -1.43
CA GLY A 204 -22.68 -26.64 -2.81
C GLY A 204 -23.71 -27.52 -3.52
N LEU A 205 -24.31 -28.43 -2.77
CA LEU A 205 -25.44 -29.18 -3.33
C LEU A 205 -26.60 -28.31 -3.68
N SER A 206 -26.85 -27.27 -2.83
CA SER A 206 -27.87 -26.36 -3.13
C SER A 206 -27.58 -25.46 -4.34
N VAL A 207 -26.31 -25.11 -4.53
CA VAL A 207 -25.88 -24.45 -5.75
C VAL A 207 -26.17 -25.31 -7.00
N ILE A 208 -25.91 -26.59 -6.89
CA ILE A 208 -26.24 -27.51 -7.99
C ILE A 208 -27.74 -27.52 -8.27
N MET A 209 -28.56 -27.56 -7.22
CA MET A 209 -29.96 -27.53 -7.38
C MET A 209 -30.36 -26.29 -8.14
N GLY A 210 -29.75 -25.13 -7.82
CA GLY A 210 -30.13 -23.89 -8.47
C GLY A 210 -29.67 -23.88 -9.91
N CYS A 211 -28.49 -24.38 -10.16
CA CYS A 211 -28.02 -24.49 -11.55
C CYS A 211 -28.91 -25.35 -12.44
N LYS A 212 -29.34 -26.49 -11.85
CA LYS A 212 -30.27 -27.37 -12.55
C LYS A 212 -31.61 -26.67 -12.81
N ALA A 213 -32.13 -25.97 -11.82
CA ALA A 213 -33.36 -25.24 -11.96
C ALA A 213 -33.31 -24.16 -13.02
N ALA A 214 -32.13 -23.57 -13.17
CA ALA A 214 -31.90 -22.52 -14.16
C ALA A 214 -31.72 -23.13 -15.56
N GLY A 215 -31.66 -24.47 -15.66
CA GLY A 215 -31.52 -25.12 -16.94
C GLY A 215 -30.11 -25.34 -17.44
N ALA A 216 -29.11 -25.31 -16.57
CA ALA A 216 -27.75 -25.57 -17.04
C ALA A 216 -27.70 -26.88 -17.76
N ALA A 217 -26.92 -26.92 -18.83
CA ALA A 217 -26.66 -28.21 -19.53
C ALA A 217 -25.65 -29.16 -18.86
N ARG A 218 -24.60 -28.60 -18.26
CA ARG A 218 -23.52 -29.31 -17.65
C ARG A 218 -23.31 -28.66 -16.30
N ILE A 219 -23.16 -29.47 -15.31
CA ILE A 219 -22.86 -29.08 -13.93
C ILE A 219 -21.77 -29.98 -13.42
N ILE A 220 -20.55 -29.47 -13.25
CA ILE A 220 -19.38 -30.23 -12.89
C ILE A 220 -19.10 -29.95 -11.45
N GLY A 221 -19.27 -31.00 -10.63
CA GLY A 221 -19.00 -30.89 -9.18
C GLY A 221 -17.56 -31.20 -8.93
N VAL A 222 -16.91 -30.43 -8.04
CA VAL A 222 -15.49 -30.62 -7.69
C VAL A 222 -15.38 -30.78 -6.23
N ASP A 223 -14.76 -31.87 -5.73
CA ASP A 223 -14.53 -32.06 -4.32
C ASP A 223 -13.37 -33.02 -4.19
N ILE A 224 -12.56 -32.84 -3.17
CA ILE A 224 -11.47 -33.75 -2.84
C ILE A 224 -11.93 -35.01 -2.15
N ASN A 225 -13.19 -35.01 -1.68
CA ASN A 225 -13.79 -36.19 -1.01
C ASN A 225 -14.75 -36.85 -2.00
N LYS A 226 -14.31 -37.94 -2.64
CA LYS A 226 -15.13 -38.57 -3.67
C LYS A 226 -16.43 -39.20 -3.13
N ASP A 227 -16.54 -39.36 -1.80
CA ASP A 227 -17.84 -39.81 -1.21
C ASP A 227 -18.95 -38.81 -1.35
N LYS A 228 -18.61 -37.56 -1.73
CA LYS A 228 -19.63 -36.57 -1.99
C LYS A 228 -20.28 -36.68 -3.33
N PHE A 229 -19.64 -37.43 -4.24
CA PHE A 229 -20.11 -37.40 -5.62
C PHE A 229 -21.48 -38.00 -5.92
N ALA A 230 -21.81 -39.07 -5.24
CA ALA A 230 -23.06 -39.76 -5.51
C ALA A 230 -24.23 -38.81 -5.28
N LYS A 231 -24.24 -38.11 -4.15
CA LYS A 231 -25.34 -37.20 -3.88
C LYS A 231 -25.37 -35.98 -4.79
N ALA A 232 -24.21 -35.47 -5.16
CA ALA A 232 -24.10 -34.38 -6.09
C ALA A 232 -24.72 -34.77 -7.43
N LYS A 233 -24.48 -35.99 -7.89
CA LYS A 233 -25.12 -36.45 -9.15
C LYS A 233 -26.64 -36.62 -8.99
N GLU A 234 -27.10 -37.11 -7.82
CA GLU A 234 -28.55 -37.20 -7.58
C GLU A 234 -29.28 -35.86 -7.68
N VAL A 235 -28.62 -34.76 -7.23
CA VAL A 235 -29.30 -33.48 -7.28
C VAL A 235 -28.99 -32.65 -8.53
N GLY A 236 -28.21 -33.21 -9.45
CA GLY A 236 -28.06 -32.61 -10.75
C GLY A 236 -26.69 -32.48 -11.38
N ALA A 237 -25.61 -32.87 -10.70
CA ALA A 237 -24.31 -32.81 -11.31
C ALA A 237 -24.26 -33.79 -12.45
N THR A 238 -23.76 -33.34 -13.58
CA THR A 238 -23.61 -34.22 -14.74
C THR A 238 -22.25 -34.99 -14.72
N GLU A 239 -21.24 -34.43 -14.08
CA GLU A 239 -19.89 -34.99 -13.90
C GLU A 239 -19.37 -34.52 -12.55
N CYS A 240 -18.51 -35.33 -11.92
CA CYS A 240 -17.75 -34.92 -10.75
C CYS A 240 -16.30 -35.24 -10.93
N VAL A 241 -15.45 -34.31 -10.48
CA VAL A 241 -14.02 -34.44 -10.57
C VAL A 241 -13.38 -34.23 -9.22
N ASN A 242 -12.41 -35.08 -8.89
CA ASN A 242 -11.60 -34.93 -7.71
C ASN A 242 -10.24 -34.40 -8.14
N PRO A 243 -9.84 -33.19 -7.76
CA PRO A 243 -8.53 -32.64 -8.12
C PRO A 243 -7.32 -33.54 -7.83
N GLN A 244 -7.42 -34.38 -6.81
CA GLN A 244 -6.35 -35.32 -6.41
C GLN A 244 -6.10 -36.43 -7.43
N ASP A 245 -7.08 -36.66 -8.31
CA ASP A 245 -6.92 -37.64 -9.39
C ASP A 245 -6.10 -37.18 -10.62
N TYR A 246 -5.74 -35.89 -10.69
CA TYR A 246 -5.18 -35.31 -11.89
C TYR A 246 -3.78 -34.79 -11.64
N LYS A 247 -2.88 -34.94 -12.61
CA LYS A 247 -1.59 -34.30 -12.53
C LYS A 247 -1.63 -32.78 -12.77
N LYS A 248 -2.47 -32.30 -13.68
CA LYS A 248 -2.61 -30.85 -13.92
C LYS A 248 -3.47 -30.18 -12.85
N PRO A 249 -3.22 -28.87 -12.64
CA PRO A 249 -4.12 -28.13 -11.70
C PRO A 249 -5.57 -28.15 -12.15
N ILE A 250 -6.53 -28.15 -11.22
CA ILE A 250 -7.89 -28.37 -11.62
C ILE A 250 -8.43 -27.27 -12.52
N GLN A 251 -7.94 -26.01 -12.47
CA GLN A 251 -8.50 -24.99 -13.37
C GLN A 251 -8.21 -25.43 -14.83
N GLU A 252 -7.07 -26.05 -15.04
CA GLU A 252 -6.64 -26.52 -16.38
C GLU A 252 -7.53 -27.65 -16.91
N VAL A 253 -7.78 -28.59 -16.01
CA VAL A 253 -8.70 -29.70 -16.24
C VAL A 253 -10.11 -29.22 -16.64
N LEU A 254 -10.68 -28.32 -15.80
CA LEU A 254 -12.01 -27.77 -16.08
C LEU A 254 -12.08 -26.96 -17.38
N THR A 255 -11.02 -26.17 -17.64
CA THR A 255 -11.00 -25.37 -18.85
C THR A 255 -10.98 -26.31 -20.06
N GLU A 256 -10.22 -27.40 -19.97
CA GLU A 256 -10.26 -28.43 -21.05
C GLU A 256 -11.63 -29.08 -21.26
N MET A 257 -12.17 -29.60 -20.14
CA MET A 257 -13.48 -30.25 -20.12
C MET A 257 -14.56 -29.42 -20.72
N SER A 258 -14.49 -28.08 -20.54
CA SER A 258 -15.52 -27.12 -20.98
C SER A 258 -15.15 -26.40 -22.26
N ASN A 259 -14.12 -26.88 -22.97
CA ASN A 259 -13.77 -26.38 -24.31
C ASN A 259 -13.43 -24.91 -24.25
N GLY A 260 -12.70 -24.52 -23.19
CA GLY A 260 -12.16 -23.17 -23.06
C GLY A 260 -12.62 -22.42 -21.82
N GLY A 261 -13.21 -23.08 -20.83
CA GLY A 261 -13.69 -22.41 -19.59
C GLY A 261 -15.18 -22.55 -19.41
N VAL A 262 -15.61 -22.50 -18.16
CA VAL A 262 -17.01 -22.67 -17.84
C VAL A 262 -17.77 -21.33 -17.89
N ASP A 263 -19.08 -21.34 -18.04
CA ASP A 263 -19.88 -20.09 -18.02
C ASP A 263 -19.95 -19.52 -16.60
N PHE A 264 -20.18 -20.41 -15.62
CA PHE A 264 -20.37 -19.96 -14.23
C PHE A 264 -19.58 -20.91 -13.36
N SER A 265 -18.82 -20.38 -12.38
CA SER A 265 -18.12 -21.17 -11.40
C SER A 265 -18.44 -20.62 -9.97
N PHE A 266 -18.43 -21.55 -9.05
CA PHE A 266 -18.84 -21.18 -7.65
C PHE A 266 -17.78 -21.74 -6.72
N GLU A 267 -17.29 -20.91 -5.78
CA GLU A 267 -16.43 -21.37 -4.69
C GLU A 267 -17.27 -21.57 -3.46
N VAL A 268 -17.43 -22.83 -3.02
CA VAL A 268 -18.36 -23.14 -1.93
C VAL A 268 -17.63 -23.97 -0.87
N ILE A 269 -16.43 -23.54 -0.50
CA ILE A 269 -15.53 -24.19 0.40
C ILE A 269 -15.06 -23.29 1.50
N GLY A 270 -14.42 -22.20 1.12
CA GLY A 270 -13.87 -21.23 2.02
C GLY A 270 -12.34 -21.25 2.03
N ARG A 271 -11.70 -21.51 0.90
CA ARG A 271 -10.23 -21.49 0.82
C ARG A 271 -9.80 -20.39 -0.15
N LEU A 272 -8.76 -19.68 0.18
CA LEU A 272 -8.27 -18.61 -0.70
C LEU A 272 -7.85 -19.22 -2.05
N ASP A 273 -7.19 -20.38 -2.04
CA ASP A 273 -6.65 -20.95 -3.26
C ASP A 273 -7.75 -21.34 -4.20
N THR A 274 -8.80 -21.97 -3.69
CA THR A 274 -9.91 -22.37 -4.50
C THR A 274 -10.72 -21.18 -5.04
N MET A 275 -10.75 -20.05 -4.30
CA MET A 275 -11.36 -18.85 -4.85
C MET A 275 -10.68 -18.44 -6.13
N VAL A 276 -9.35 -18.41 -6.10
CA VAL A 276 -8.62 -18.07 -7.30
C VAL A 276 -8.73 -19.12 -8.43
N THR A 277 -8.67 -20.40 -8.07
CA THR A 277 -8.85 -21.46 -9.05
C THR A 277 -10.27 -21.38 -9.67
N ALA A 278 -11.31 -21.17 -8.86
CA ALA A 278 -12.62 -21.15 -9.42
C ALA A 278 -12.73 -19.93 -10.38
N LEU A 279 -12.13 -18.81 -10.03
CA LEU A 279 -12.19 -17.66 -10.97
C LEU A 279 -11.48 -18.06 -12.30
N SER A 280 -10.35 -18.67 -12.18
CA SER A 280 -9.49 -18.99 -13.36
C SER A 280 -10.22 -19.96 -14.29
N CYS A 281 -11.07 -20.87 -13.77
CA CYS A 281 -11.73 -21.86 -14.64
C CYS A 281 -12.94 -21.37 -15.43
N CYS A 282 -13.45 -20.19 -15.11
CA CYS A 282 -14.49 -19.64 -15.93
CA CYS A 282 -14.44 -19.47 -15.89
C CYS A 282 -13.87 -18.99 -17.18
N GLN A 283 -14.69 -18.99 -18.22
CA GLN A 283 -14.18 -18.53 -19.53
C GLN A 283 -13.67 -17.08 -19.43
N GLU A 284 -12.48 -16.84 -19.98
CA GLU A 284 -11.80 -15.57 -19.75
C GLU A 284 -12.45 -14.34 -20.21
N ALA A 285 -13.30 -14.44 -21.25
CA ALA A 285 -13.98 -13.27 -21.80
C ALA A 285 -15.37 -12.95 -21.24
N TYR A 286 -16.09 -13.99 -20.83
CA TYR A 286 -17.46 -13.79 -20.41
C TYR A 286 -17.89 -14.63 -19.20
N GLY A 287 -16.96 -15.34 -18.59
CA GLY A 287 -17.24 -16.19 -17.42
C GLY A 287 -17.56 -15.37 -16.15
N VAL A 288 -18.36 -15.98 -15.28
CA VAL A 288 -18.70 -15.39 -13.99
C VAL A 288 -18.34 -16.36 -12.91
N SER A 289 -17.73 -15.86 -11.85
CA SER A 289 -17.36 -16.67 -10.69
C SER A 289 -17.87 -16.05 -9.44
N VAL A 290 -18.57 -16.88 -8.63
CA VAL A 290 -19.20 -16.39 -7.40
C VAL A 290 -18.51 -17.05 -6.24
N ILE A 291 -18.08 -16.27 -5.29
CA ILE A 291 -17.56 -16.72 -4.02
C ILE A 291 -18.74 -16.81 -3.03
N VAL A 292 -18.82 -18.03 -2.51
CA VAL A 292 -19.84 -18.33 -1.49
C VAL A 292 -19.15 -18.71 -0.14
N GLY A 293 -18.05 -19.44 -0.20
CA GLY A 293 -17.32 -19.90 0.99
C GLY A 293 -16.79 -18.75 1.85
N VAL A 294 -16.72 -19.00 3.15
CA VAL A 294 -16.25 -18.02 4.12
C VAL A 294 -14.74 -18.25 4.28
N PRO A 295 -13.92 -17.22 3.99
CA PRO A 295 -12.51 -17.22 4.07
C PRO A 295 -11.98 -17.13 5.50
N PRO A 296 -10.73 -17.66 5.78
CA PRO A 296 -10.20 -17.52 7.14
C PRO A 296 -10.05 -16.03 7.47
N ASP A 297 -10.37 -15.69 8.70
CA ASP A 297 -10.41 -14.32 9.12
C ASP A 297 -9.14 -13.50 8.79
N SER A 298 -9.38 -12.37 8.19
CA SER A 298 -8.42 -11.32 7.98
C SER A 298 -7.36 -11.70 6.98
N GLN A 299 -7.50 -12.80 6.24
CA GLN A 299 -6.45 -13.17 5.33
C GLN A 299 -6.74 -12.70 3.91
N ASN A 300 -5.68 -12.24 3.19
CA ASN A 300 -5.83 -11.81 1.83
C ASN A 300 -5.42 -12.90 0.86
N LEU A 301 -6.07 -12.88 -0.30
CA LEU A 301 -5.60 -13.68 -1.40
C LEU A 301 -4.78 -12.85 -2.37
N SER A 302 -4.07 -13.57 -3.24
CA SER A 302 -3.22 -12.99 -4.23
C SER A 302 -3.69 -13.45 -5.59
N MET A 303 -3.84 -12.51 -6.54
CA MET A 303 -4.29 -12.91 -7.86
C MET A 303 -3.84 -11.93 -8.91
N ASN A 304 -3.79 -12.44 -10.12
CA ASN A 304 -3.36 -11.66 -11.30
C ASN A 304 -4.58 -10.96 -11.90
N PRO A 305 -4.62 -9.60 -11.87
CA PRO A 305 -5.81 -8.87 -12.38
C PRO A 305 -6.02 -9.07 -13.87
N MET A 306 -5.05 -9.58 -14.62
CA MET A 306 -5.32 -9.97 -15.99
C MET A 306 -6.47 -10.99 -16.11
N LEU A 307 -6.73 -11.78 -15.04
CA LEU A 307 -7.90 -12.69 -15.07
C LEU A 307 -9.17 -11.91 -15.24
N LEU A 308 -9.27 -10.67 -14.68
CA LEU A 308 -10.44 -9.87 -14.82
C LEU A 308 -10.43 -9.00 -16.11
N LEU A 309 -9.24 -8.48 -16.49
CA LEU A 309 -9.16 -7.54 -17.59
C LEU A 309 -9.66 -8.20 -18.88
N SER A 310 -9.53 -9.53 -19.03
CA SER A 310 -10.00 -10.19 -20.24
C SER A 310 -11.53 -10.22 -20.36
N GLY A 311 -12.24 -9.99 -19.24
CA GLY A 311 -13.67 -9.89 -19.26
C GLY A 311 -14.39 -10.71 -18.20
N ARG A 312 -13.68 -11.48 -17.36
CA ARG A 312 -14.38 -12.18 -16.28
C ARG A 312 -15.03 -11.24 -15.30
N THR A 313 -16.09 -11.77 -14.66
CA THR A 313 -16.80 -11.12 -13.57
C THR A 313 -16.62 -11.97 -12.33
N TRP A 314 -16.26 -11.31 -11.22
CA TRP A 314 -16.06 -11.96 -9.95
C TRP A 314 -16.98 -11.33 -8.96
N LYS A 315 -17.74 -12.10 -8.23
CA LYS A 315 -18.58 -11.51 -7.25
C LYS A 315 -18.72 -12.45 -6.09
N GLY A 316 -19.31 -11.96 -4.99
CA GLY A 316 -19.66 -12.86 -3.86
C GLY A 316 -21.04 -12.44 -3.36
N ALA A 317 -21.56 -13.22 -2.42
CA ALA A 317 -22.79 -12.81 -1.82
C ALA A 317 -22.98 -13.50 -0.48
N ILE A 318 -23.83 -12.89 0.35
CA ILE A 318 -24.28 -13.49 1.56
C ILE A 318 -25.72 -13.99 1.33
N PHE A 319 -26.00 -15.17 1.84
CA PHE A 319 -27.39 -15.69 1.84
C PHE A 319 -27.96 -15.69 0.43
N GLY A 320 -27.18 -16.04 -0.59
CA GLY A 320 -27.68 -16.20 -1.93
C GLY A 320 -28.20 -14.95 -2.59
N GLY A 321 -27.87 -13.79 -2.02
CA GLY A 321 -28.39 -12.57 -2.53
C GLY A 321 -29.85 -12.30 -2.19
N PHE A 322 -30.50 -13.12 -1.40
CA PHE A 322 -31.90 -12.93 -1.08
C PHE A 322 -32.09 -11.85 -0.01
N LYS A 323 -32.99 -10.88 -0.28
CA LYS A 323 -33.59 -10.03 0.77
C LYS A 323 -34.27 -10.97 1.71
N SER A 324 -33.83 -11.01 2.97
CA SER A 324 -34.09 -12.19 3.78
C SER A 324 -35.57 -12.30 4.21
N LYS A 325 -36.11 -11.24 4.76
CA LYS A 325 -37.46 -11.31 5.28
C LYS A 325 -38.53 -11.40 4.21
N ASP A 326 -38.29 -10.74 3.05
CA ASP A 326 -39.15 -10.98 1.87
C ASP A 326 -39.05 -12.40 1.37
N SER A 327 -37.87 -12.96 1.32
CA SER A 327 -37.68 -14.13 0.55
C SER A 327 -37.96 -15.38 1.29
N VAL A 328 -37.59 -15.47 2.59
CA VAL A 328 -37.74 -16.72 3.30
C VAL A 328 -39.25 -17.29 3.31
N PRO A 329 -40.27 -16.43 3.53
CA PRO A 329 -41.63 -16.97 3.49
C PRO A 329 -41.98 -17.57 2.08
N LYS A 330 -41.49 -16.91 1.06
CA LYS A 330 -41.75 -17.34 -0.30
C LYS A 330 -41.03 -18.64 -0.57
N LEU A 331 -39.79 -18.77 -0.11
CA LEU A 331 -39.06 -20.00 -0.26
C LEU A 331 -39.78 -21.17 0.42
N VAL A 332 -40.22 -20.92 1.64
CA VAL A 332 -41.03 -21.94 2.33
C VAL A 332 -42.28 -22.34 1.52
N ALA A 333 -42.98 -21.37 1.00
CA ALA A 333 -44.20 -21.62 0.16
C ALA A 333 -43.86 -22.46 -1.06
N ASP A 334 -42.74 -22.10 -1.69
CA ASP A 334 -42.19 -22.94 -2.77
C ASP A 334 -41.81 -24.36 -2.38
N PHE A 335 -41.23 -24.54 -1.21
CA PHE A 335 -40.91 -25.86 -0.73
C PHE A 335 -42.20 -26.64 -0.48
N MET A 336 -43.23 -26.01 0.07
CA MET A 336 -44.42 -26.80 0.34
CA MET A 336 -44.53 -26.64 0.34
C MET A 336 -45.18 -27.12 -0.94
N ALA A 337 -44.95 -26.41 -2.03
CA ALA A 337 -45.44 -26.72 -3.37
C ALA A 337 -44.52 -27.66 -4.12
N LYS A 338 -43.46 -28.14 -3.50
CA LYS A 338 -42.46 -29.05 -3.97
C LYS A 338 -41.65 -28.52 -5.17
N LYS A 339 -41.42 -27.22 -5.21
CA LYS A 339 -40.60 -26.60 -6.27
C LYS A 339 -39.13 -26.91 -6.14
N PHE A 340 -38.68 -27.26 -4.96
CA PHE A 340 -37.38 -27.79 -4.70
C PHE A 340 -37.45 -28.81 -3.58
N ALA A 341 -36.36 -29.50 -3.36
CA ALA A 341 -36.27 -30.57 -2.40
C ALA A 341 -35.22 -30.21 -1.32
N LEU A 342 -35.49 -30.58 -0.08
CA LEU A 342 -34.53 -30.44 1.04
C LEU A 342 -34.03 -31.74 1.53
N ASP A 343 -34.83 -32.80 1.50
CA ASP A 343 -34.37 -34.13 1.97
C ASP A 343 -32.98 -34.63 1.51
N PRO A 344 -32.62 -34.37 0.22
CA PRO A 344 -31.29 -34.76 -0.22
C PRO A 344 -30.15 -34.10 0.59
N LEU A 345 -30.42 -32.96 1.27
CA LEU A 345 -29.38 -32.33 2.10
C LEU A 345 -29.27 -32.91 3.50
N ILE A 346 -30.32 -33.62 3.96
CA ILE A 346 -30.43 -34.02 5.35
C ILE A 346 -29.95 -35.46 5.43
N THR A 347 -28.77 -35.68 6.00
CA THR A 347 -28.22 -37.00 6.09
C THR A 347 -28.32 -37.61 7.47
N HIS A 348 -28.59 -36.79 8.49
CA HIS A 348 -28.54 -37.24 9.85
C HIS A 348 -29.49 -36.36 10.67
N VAL A 349 -30.20 -36.97 11.60
CA VAL A 349 -31.05 -36.29 12.56
C VAL A 349 -30.62 -36.71 13.91
N LEU A 350 -30.44 -35.77 14.81
CA LEU A 350 -30.06 -36.03 16.17
C LEU A 350 -30.82 -35.12 17.14
N PRO A 351 -30.99 -35.56 18.40
CA PRO A 351 -31.50 -34.67 19.37
C PRO A 351 -30.44 -33.59 19.64
N PHE A 352 -30.92 -32.40 20.04
CA PHE A 352 -30.04 -31.25 20.38
C PHE A 352 -28.90 -31.62 21.35
N GLU A 353 -29.17 -32.52 22.33
CA GLU A 353 -28.16 -32.85 23.32
C GLU A 353 -26.92 -33.53 22.73
N LYS A 354 -27.05 -34.04 21.50
CA LYS A 354 -25.93 -34.71 20.85
C LYS A 354 -25.24 -33.78 19.80
N ILE A 355 -25.30 -32.47 20.04
CA ILE A 355 -24.69 -31.49 19.17
C ILE A 355 -23.24 -31.76 18.89
N ASN A 356 -22.47 -32.19 19.89
CA ASN A 356 -21.06 -32.43 19.60
C ASN A 356 -20.87 -33.61 18.62
N GLU A 357 -21.64 -34.68 18.76
CA GLU A 357 -21.66 -35.70 17.74
C GLU A 357 -22.01 -35.15 16.35
N GLY A 358 -23.01 -34.27 16.26
CA GLY A 358 -23.29 -33.60 15.01
C GLY A 358 -22.12 -32.86 14.37
N PHE A 359 -21.32 -32.21 15.20
CA PHE A 359 -20.14 -31.53 14.71
C PHE A 359 -19.03 -32.52 14.33
N ASP A 360 -18.91 -33.62 15.08
CA ASP A 360 -17.99 -34.69 14.67
C ASP A 360 -18.37 -35.26 13.32
N LEU A 361 -19.66 -35.46 13.04
CA LEU A 361 -20.12 -35.97 11.76
C LEU A 361 -19.70 -35.03 10.60
N LEU A 362 -19.85 -33.73 10.84
CA LEU A 362 -19.47 -32.75 9.82
C LEU A 362 -17.97 -32.80 9.56
N ARG A 363 -17.21 -32.72 10.66
CA ARG A 363 -15.78 -32.66 10.57
C ARG A 363 -15.12 -33.89 9.92
N SER A 364 -15.71 -35.07 10.11
CA SER A 364 -15.19 -36.32 9.57
C SER A 364 -15.49 -36.48 8.10
N GLY A 365 -16.39 -35.66 7.53
CA GLY A 365 -16.71 -35.80 6.16
C GLY A 365 -17.94 -36.58 5.89
N GLU A 366 -18.55 -37.16 6.95
CA GLU A 366 -19.67 -38.08 6.79
C GLU A 366 -21.00 -37.46 6.47
N SER A 367 -21.29 -36.29 7.03
CA SER A 367 -22.61 -35.70 6.87
C SER A 367 -22.61 -34.61 5.83
N ILE A 368 -23.82 -34.33 5.35
CA ILE A 368 -24.12 -33.05 4.65
C ILE A 368 -24.73 -32.16 5.75
N ARG A 369 -26.04 -32.20 5.96
CA ARG A 369 -26.61 -31.54 7.12
C ARG A 369 -27.16 -32.52 8.12
N THR A 370 -26.75 -32.28 9.37
CA THR A 370 -27.39 -32.86 10.55
C THR A 370 -28.37 -31.87 11.09
N ILE A 371 -29.65 -32.26 11.22
CA ILE A 371 -30.67 -31.51 11.89
C ILE A 371 -30.75 -31.92 13.32
N LEU A 372 -30.64 -30.92 14.20
CA LEU A 372 -30.82 -31.11 15.64
C LEU A 372 -32.27 -30.77 16.04
N THR A 373 -32.96 -31.65 16.78
CA THR A 373 -34.34 -31.48 17.20
C THR A 373 -34.34 -31.23 18.72
N PHE A 374 -35.21 -30.32 19.13
CA PHE A 374 -35.21 -29.88 20.55
C PHE A 374 -36.21 -30.60 21.39
N SER B 1 -1.40 1.53 -57.77
CA SER B 1 -0.11 1.12 -58.45
C SER B 1 0.87 0.33 -57.56
N THR B 2 0.79 0.51 -56.23
CA THR B 2 1.68 -0.23 -55.31
C THR B 2 1.09 -1.61 -54.96
N ALA B 3 -0.08 -1.95 -55.45
CA ALA B 3 -0.65 -3.25 -55.12
C ALA B 3 0.25 -4.37 -55.56
N GLY B 4 0.38 -5.38 -54.72
CA GLY B 4 1.26 -6.50 -55.01
C GLY B 4 2.74 -6.24 -54.96
N LYS B 5 3.16 -5.05 -54.51
CA LYS B 5 4.57 -4.66 -54.48
C LYS B 5 4.96 -4.41 -53.06
N VAL B 6 6.24 -4.59 -52.77
CA VAL B 6 6.78 -4.11 -51.53
C VAL B 6 6.74 -2.58 -51.51
N ILE B 7 6.41 -2.01 -50.35
CA ILE B 7 6.45 -0.56 -50.14
C ILE B 7 7.62 -0.31 -49.22
N LYS B 8 8.43 0.67 -49.60
CA LYS B 8 9.41 1.27 -48.71
C LYS B 8 8.84 2.50 -48.12
N CYS B 9 8.85 2.60 -46.79
CA CYS B 9 8.30 3.76 -46.10
C CYS B 9 8.97 3.93 -44.77
N LYS B 10 8.59 4.95 -44.06
CA LYS B 10 9.09 5.20 -42.70
C LYS B 10 8.14 4.57 -41.68
N ALA B 11 8.76 4.09 -40.61
CA ALA B 11 8.02 3.62 -39.46
C ALA B 11 8.80 3.91 -38.21
N ALA B 12 8.13 3.97 -37.06
CA ALA B 12 8.79 4.18 -35.81
C ALA B 12 9.03 2.82 -35.17
N VAL B 13 10.28 2.42 -35.06
CA VAL B 13 10.70 1.12 -34.51
C VAL B 13 11.21 1.30 -33.05
N LEU B 14 10.76 0.38 -32.21
CA LEU B 14 11.23 0.33 -30.84
C LEU B 14 12.12 -0.89 -30.81
N TRP B 15 13.43 -0.62 -30.73
CA TRP B 15 14.44 -1.68 -30.71
C TRP B 15 14.66 -2.33 -29.34
N GLU B 16 14.41 -1.57 -28.30
CA GLU B 16 14.84 -1.89 -26.92
C GLU B 16 13.86 -1.20 -25.99
N GLU B 17 13.56 -1.81 -24.84
CA GLU B 17 12.79 -1.09 -23.85
C GLU B 17 13.54 0.19 -23.36
N LYS B 18 12.77 1.19 -22.95
CA LYS B 18 13.20 2.41 -22.30
C LYS B 18 14.05 3.31 -23.18
N LYS B 19 13.91 3.12 -24.48
CA LYS B 19 14.58 3.99 -25.47
C LYS B 19 13.58 4.77 -26.29
N PRO B 20 14.02 5.89 -26.87
CA PRO B 20 13.16 6.54 -27.83
C PRO B 20 12.82 5.62 -28.99
N PHE B 21 11.73 5.96 -29.63
CA PHE B 21 11.42 5.37 -30.93
C PHE B 21 12.43 5.85 -31.97
N SER B 22 12.72 4.99 -32.94
CA SER B 22 13.64 5.30 -34.00
C SER B 22 12.92 5.32 -35.33
N ILE B 23 12.91 6.45 -36.03
CA ILE B 23 12.30 6.50 -37.36
C ILE B 23 13.23 5.83 -38.34
N GLU B 24 12.76 4.75 -38.95
CA GLU B 24 13.58 3.89 -39.83
C GLU B 24 12.89 3.75 -41.16
N GLU B 25 13.71 3.45 -42.18
CA GLU B 25 13.19 2.99 -43.42
C GLU B 25 12.92 1.53 -43.24
N VAL B 26 11.66 1.16 -43.56
CA VAL B 26 11.29 -0.25 -43.46
C VAL B 26 10.70 -0.67 -44.82
N GLU B 27 10.67 -1.98 -45.02
CA GLU B 27 9.97 -2.57 -46.15
C GLU B 27 8.67 -3.25 -45.63
N VAL B 28 7.55 -2.90 -46.25
CA VAL B 28 6.22 -3.46 -45.91
C VAL B 28 5.82 -4.39 -47.10
N ALA B 29 5.74 -5.67 -46.80
CA ALA B 29 5.35 -6.68 -47.77
C ALA B 29 3.91 -6.46 -48.20
N PRO B 30 3.57 -6.93 -49.42
CA PRO B 30 2.17 -6.89 -49.81
C PRO B 30 1.31 -7.86 -49.00
N PRO B 31 0.00 -7.57 -48.89
CA PRO B 31 -0.89 -8.47 -48.13
C PRO B 31 -1.04 -9.78 -48.77
N LYS B 32 -1.00 -10.82 -47.95
CA LYS B 32 -1.25 -12.20 -48.36
C LYS B 32 -2.75 -12.45 -48.22
N ALA B 33 -3.19 -13.70 -48.35
CA ALA B 33 -4.63 -13.95 -48.38
C ALA B 33 -5.26 -13.46 -47.08
N HIS B 34 -6.42 -12.85 -47.19
CA HIS B 34 -7.16 -12.35 -46.02
C HIS B 34 -6.43 -11.32 -45.21
N GLU B 35 -5.56 -10.53 -45.88
CA GLU B 35 -4.83 -9.44 -45.26
C GLU B 35 -5.11 -8.15 -45.99
N VAL B 36 -4.89 -7.03 -45.33
CA VAL B 36 -5.26 -5.70 -45.83
C VAL B 36 -4.07 -4.82 -45.54
N ARG B 37 -3.57 -4.09 -46.53
CA ARG B 37 -2.54 -3.10 -46.33
C ARG B 37 -3.15 -1.71 -46.34
N ILE B 38 -2.80 -0.91 -45.33
CA ILE B 38 -3.47 0.31 -45.00
C ILE B 38 -2.43 1.47 -45.04
N LYS B 39 -2.80 2.53 -45.70
CA LYS B 39 -2.01 3.80 -45.66
C LYS B 39 -2.52 4.61 -44.45
N MET B 40 -1.67 4.82 -43.47
CA MET B 40 -2.14 5.55 -42.32
C MET B 40 -2.44 6.99 -42.56
N VAL B 41 -3.41 7.53 -41.82
CA VAL B 41 -3.78 8.87 -41.86
C VAL B 41 -3.59 9.57 -40.53
N ALA B 42 -3.95 8.88 -39.43
CA ALA B 42 -3.78 9.46 -38.13
C ALA B 42 -3.64 8.33 -37.12
N THR B 43 -2.85 8.57 -36.05
CA THR B 43 -2.71 7.58 -34.99
C THR B 43 -2.56 8.33 -33.70
N GLY B 44 -3.29 7.88 -32.68
CA GLY B 44 -3.14 8.46 -31.33
C GLY B 44 -2.08 7.80 -30.52
N ILE B 45 -1.55 8.57 -29.58
CA ILE B 45 -0.59 8.02 -28.64
C ILE B 45 -1.37 7.63 -27.37
N CYS B 46 -1.44 6.31 -27.14
CA CYS B 46 -2.15 5.73 -26.02
C CYS B 46 -1.15 5.31 -24.96
N ARG B 47 -1.53 5.43 -23.66
CA ARG B 47 -0.62 4.96 -22.68
C ARG B 47 -0.13 3.53 -22.86
N SER B 48 -0.96 2.68 -23.45
CA SER B 48 -0.52 1.30 -23.67
C SER B 48 0.67 1.20 -24.61
N ASP B 49 0.82 2.10 -25.56
CA ASP B 49 2.04 2.12 -26.38
C ASP B 49 3.27 2.49 -25.54
N ASP B 50 3.10 3.40 -24.60
CA ASP B 50 4.14 3.74 -23.64
C ASP B 50 4.47 2.56 -22.74
N HIS B 51 3.47 1.72 -22.41
CA HIS B 51 3.70 0.60 -21.59
C HIS B 51 4.67 -0.37 -22.28
N VAL B 52 4.69 -0.45 -23.61
CA VAL B 52 5.66 -1.28 -24.27
C VAL B 52 7.08 -0.71 -24.07
N VAL B 53 7.22 0.62 -24.11
CA VAL B 53 8.53 1.24 -23.90
C VAL B 53 8.99 0.97 -22.48
N SER B 54 8.10 1.10 -21.51
CA SER B 54 8.51 1.03 -20.11
C SER B 54 8.66 -0.42 -19.65
N GLY B 55 8.22 -1.40 -20.42
CA GLY B 55 8.24 -2.82 -19.93
C GLY B 55 7.02 -3.22 -19.10
N THR B 56 6.08 -2.33 -18.91
CA THR B 56 4.82 -2.66 -18.26
C THR B 56 4.08 -3.70 -19.03
N LEU B 57 4.06 -3.53 -20.36
CA LEU B 57 3.46 -4.47 -21.25
C LEU B 57 4.59 -5.19 -22.03
N VAL B 58 4.65 -6.51 -21.94
CA VAL B 58 5.64 -7.28 -22.63
C VAL B 58 5.13 -7.80 -23.96
N THR B 59 5.91 -7.54 -25.02
CA THR B 59 5.56 -8.02 -26.34
C THR B 59 6.91 -8.17 -27.05
N PRO B 60 7.04 -9.10 -28.00
CA PRO B 60 8.40 -9.26 -28.58
C PRO B 60 8.95 -8.00 -29.27
N LEU B 61 10.25 -7.80 -29.07
CA LEU B 61 10.99 -6.66 -29.65
C LEU B 61 12.02 -7.19 -30.63
N PRO B 62 12.45 -6.43 -31.63
CA PRO B 62 11.98 -5.06 -31.96
C PRO B 62 10.52 -5.07 -32.47
N VAL B 63 9.84 -3.91 -32.36
CA VAL B 63 8.44 -3.83 -32.69
C VAL B 63 8.07 -2.50 -33.29
N ILE B 64 7.01 -2.47 -34.15
CA ILE B 64 6.33 -1.26 -34.54
C ILE B 64 5.06 -1.26 -33.68
N ALA B 65 5.03 -0.36 -32.72
CA ALA B 65 3.85 -0.17 -31.91
C ALA B 65 2.80 0.70 -32.60
N GLY B 66 1.81 1.20 -31.83
CA GLY B 66 0.67 1.92 -32.38
C GLY B 66 -0.50 0.97 -32.60
N HIS B 67 -1.66 1.39 -32.09
CA HIS B 67 -2.81 0.59 -32.20
C HIS B 67 -4.08 1.40 -32.28
N GLU B 68 -4.07 2.74 -32.13
CA GLU B 68 -5.28 3.61 -32.06
C GLU B 68 -5.13 4.46 -33.32
N ALA B 69 -5.80 4.10 -34.40
CA ALA B 69 -5.47 4.72 -35.70
C ALA B 69 -6.65 4.68 -36.65
N ALA B 70 -6.48 5.45 -37.75
CA ALA B 70 -7.34 5.31 -38.89
C ALA B 70 -6.55 5.57 -40.15
N GLY B 71 -6.99 4.94 -41.22
CA GLY B 71 -6.35 5.18 -42.50
C GLY B 71 -7.23 4.75 -43.65
N ILE B 72 -6.58 4.55 -44.80
CA ILE B 72 -7.21 4.23 -46.04
C ILE B 72 -6.58 2.98 -46.61
N VAL B 73 -7.43 2.04 -47.04
CA VAL B 73 -6.96 0.78 -47.63
C VAL B 73 -6.19 1.05 -48.93
N GLU B 74 -4.95 0.58 -48.95
CA GLU B 74 -4.12 0.74 -50.15
C GLU B 74 -4.34 -0.49 -51.05
N SER B 75 -4.44 -1.71 -50.48
CA SER B 75 -4.67 -2.89 -51.27
C SER B 75 -5.19 -4.01 -50.37
N ILE B 76 -5.76 -5.00 -51.00
CA ILE B 76 -6.27 -6.19 -50.28
C ILE B 76 -5.67 -7.46 -50.83
N GLY B 77 -5.44 -8.43 -49.98
CA GLY B 77 -5.02 -9.74 -50.35
C GLY B 77 -6.18 -10.60 -50.85
N GLU B 78 -5.81 -11.75 -51.39
CA GLU B 78 -6.78 -12.71 -51.93
C GLU B 78 -7.81 -13.09 -50.88
N GLY B 79 -9.06 -13.03 -51.26
CA GLY B 79 -10.16 -13.50 -50.49
C GLY B 79 -10.75 -12.50 -49.52
N VAL B 80 -10.26 -11.28 -49.49
CA VAL B 80 -10.81 -10.22 -48.62
C VAL B 80 -12.17 -9.76 -49.16
N THR B 81 -13.17 -9.75 -48.29
CA THR B 81 -14.53 -9.39 -48.65
C THR B 81 -15.11 -8.22 -47.89
N THR B 82 -14.48 -7.75 -46.82
CA THR B 82 -15.10 -6.73 -45.98
C THR B 82 -14.67 -5.29 -46.18
N VAL B 83 -13.59 -5.10 -46.93
CA VAL B 83 -13.10 -3.79 -47.27
C VAL B 83 -12.60 -3.84 -48.71
N ARG B 84 -12.50 -2.65 -49.30
CA ARG B 84 -11.90 -2.52 -50.64
C ARG B 84 -10.86 -1.38 -50.66
N PRO B 85 -9.98 -1.39 -51.65
CA PRO B 85 -9.06 -0.25 -51.81
C PRO B 85 -9.80 1.07 -51.83
N GLY B 86 -9.31 2.08 -51.12
CA GLY B 86 -9.92 3.38 -51.02
C GLY B 86 -10.84 3.57 -49.81
N ASP B 87 -11.27 2.48 -49.17
CA ASP B 87 -12.10 2.57 -48.01
C ASP B 87 -11.36 3.19 -46.82
N LYS B 88 -12.07 4.01 -46.06
CA LYS B 88 -11.63 4.44 -44.73
C LYS B 88 -11.78 3.31 -43.73
N VAL B 89 -10.75 3.06 -42.89
CA VAL B 89 -10.75 1.87 -41.99
C VAL B 89 -10.12 2.26 -40.65
N ILE B 90 -10.54 1.54 -39.61
CA ILE B 90 -9.91 1.62 -38.31
C ILE B 90 -9.41 0.23 -38.01
N PRO B 91 -8.08 0.08 -37.78
CA PRO B 91 -7.56 -1.24 -37.33
C PRO B 91 -8.05 -1.60 -35.92
N LEU B 92 -8.15 -2.87 -35.68
CA LEU B 92 -8.86 -3.39 -34.46
C LEU B 92 -7.81 -4.18 -33.63
N PHE B 93 -7.36 -3.65 -32.50
CA PHE B 93 -6.35 -4.34 -31.69
C PHE B 93 -6.93 -5.57 -31.00
N THR B 94 -8.25 -5.64 -30.86
CA THR B 94 -8.96 -6.83 -30.51
C THR B 94 -9.73 -7.26 -31.79
N PRO B 95 -9.44 -8.45 -32.33
CA PRO B 95 -10.10 -8.88 -33.56
C PRO B 95 -11.52 -9.33 -33.31
N GLN B 96 -12.23 -9.50 -34.42
CA GLN B 96 -13.56 -10.16 -34.35
C GLN B 96 -13.65 -11.19 -35.50
N CYS B 97 -13.28 -12.40 -35.22
CA CYS B 97 -13.19 -13.45 -36.22
C CYS B 97 -14.62 -13.87 -36.59
N GLY B 98 -15.58 -13.72 -35.68
CA GLY B 98 -16.94 -14.20 -35.96
C GLY B 98 -17.24 -15.67 -35.78
N LYS B 99 -16.25 -16.50 -35.52
CA LYS B 99 -16.41 -17.97 -35.54
C LYS B 99 -16.06 -18.65 -34.24
N CYS B 100 -15.29 -18.02 -33.36
CA CYS B 100 -14.94 -18.61 -32.12
C CYS B 100 -16.08 -18.48 -31.09
N ARG B 101 -15.92 -19.22 -30.01
CA ARG B 101 -16.98 -19.27 -29.02
CA ARG B 101 -16.89 -19.31 -28.94
C ARG B 101 -17.24 -17.92 -28.36
N VAL B 102 -16.23 -17.06 -28.28
CA VAL B 102 -16.43 -15.72 -27.73
C VAL B 102 -17.16 -14.82 -28.71
N CYS B 103 -16.78 -14.86 -30.01
CA CYS B 103 -17.46 -14.03 -30.99
C CYS B 103 -18.89 -14.40 -31.07
N LYS B 104 -19.23 -15.68 -30.90
CA LYS B 104 -20.63 -16.14 -30.93
C LYS B 104 -21.40 -15.80 -29.66
N HIS B 105 -20.74 -15.51 -28.55
CA HIS B 105 -21.45 -15.27 -27.30
C HIS B 105 -22.04 -13.83 -27.34
N PRO B 106 -23.24 -13.62 -26.76
CA PRO B 106 -23.78 -12.27 -26.85
C PRO B 106 -22.98 -11.19 -26.15
N GLU B 107 -22.24 -11.54 -25.10
CA GLU B 107 -21.57 -10.49 -24.31
CA GLU B 107 -21.51 -10.54 -24.27
C GLU B 107 -20.06 -10.40 -24.68
C GLU B 107 -19.99 -10.62 -24.28
N GLY B 108 -19.44 -11.54 -24.89
N GLY B 108 -19.42 -11.49 -25.09
CA GLY B 108 -17.98 -11.58 -25.10
C GLY B 108 -17.45 -10.75 -26.23
N ASN B 109 -16.32 -10.12 -26.01
CA ASN B 109 -15.61 -9.46 -27.12
C ASN B 109 -14.14 -9.87 -27.27
N PHE B 110 -13.57 -10.64 -26.36
CA PHE B 110 -12.11 -10.95 -26.38
C PHE B 110 -11.91 -12.15 -27.25
N CYS B 111 -12.00 -11.92 -28.57
CA CYS B 111 -11.94 -12.92 -29.56
C CYS B 111 -10.68 -13.79 -29.32
N LEU B 112 -10.82 -15.10 -29.56
CA LEU B 112 -9.72 -16.04 -29.33
C LEU B 112 -8.48 -15.92 -30.28
N LYS B 113 -8.64 -15.13 -31.32
CA LYS B 113 -7.56 -14.80 -32.25
C LYS B 113 -6.72 -13.65 -31.82
N ASN B 114 -7.01 -13.04 -30.66
CA ASN B 114 -6.24 -11.92 -30.20
C ASN B 114 -4.75 -12.24 -29.98
N ASP B 115 -3.97 -11.15 -30.08
CA ASP B 115 -2.54 -11.21 -29.75
C ASP B 115 -2.16 -10.58 -28.45
N LEU B 116 -3.10 -10.53 -27.52
CA LEU B 116 -2.91 -9.92 -26.22
C LEU B 116 -2.49 -10.89 -25.14
N SER B 117 -3.14 -12.03 -25.04
CA SER B 117 -2.91 -12.96 -23.92
C SER B 117 -1.51 -13.58 -23.87
N MET B 118 -1.08 -14.05 -25.03
CA MET B 118 0.24 -14.68 -25.17
C MET B 118 0.91 -14.03 -26.39
N PRO B 119 1.39 -12.80 -26.23
CA PRO B 119 1.80 -12.07 -27.45
C PRO B 119 2.94 -12.72 -28.28
N ARG B 120 2.70 -12.81 -29.58
CA ARG B 120 3.66 -13.35 -30.57
C ARG B 120 4.17 -12.20 -31.42
N GLY B 121 3.43 -11.10 -31.57
CA GLY B 121 3.92 -9.97 -32.40
C GLY B 121 4.08 -10.35 -33.88
N THR B 122 3.13 -11.10 -34.39
CA THR B 122 3.07 -11.52 -35.76
C THR B 122 1.71 -11.22 -36.39
N MET B 123 1.59 -11.52 -37.68
CA MET B 123 0.28 -11.66 -38.35
C MET B 123 -0.35 -13.01 -37.87
N GLN B 124 -1.61 -13.25 -38.28
CA GLN B 124 -2.23 -14.52 -37.83
C GLN B 124 -1.47 -15.76 -38.29
N ASP B 125 -0.81 -15.65 -39.42
CA ASP B 125 0.01 -16.77 -39.92
C ASP B 125 1.35 -17.04 -39.24
N GLY B 126 1.73 -16.26 -38.23
CA GLY B 126 2.93 -16.47 -37.47
C GLY B 126 4.15 -15.78 -38.10
N THR B 127 3.93 -14.93 -39.11
CA THR B 127 5.04 -14.21 -39.76
C THR B 127 4.89 -12.70 -39.67
N SER B 128 5.95 -11.97 -39.99
CA SER B 128 5.93 -10.52 -40.03
C SER B 128 5.91 -9.96 -41.48
N ARG B 129 5.23 -8.81 -41.72
CA ARG B 129 5.21 -8.11 -42.99
C ARG B 129 6.24 -6.96 -43.02
N PHE B 130 6.99 -6.75 -41.94
CA PHE B 130 7.92 -5.64 -41.82
C PHE B 130 9.38 -6.14 -41.76
N THR B 131 10.26 -5.46 -42.51
CA THR B 131 11.71 -5.70 -42.38
C THR B 131 12.40 -4.37 -42.30
N CYS B 132 13.47 -4.36 -41.51
CA CYS B 132 14.31 -3.18 -41.45
C CYS B 132 15.74 -3.69 -41.67
N ARG B 133 16.36 -3.23 -42.75
CA ARG B 133 17.72 -3.76 -43.14
C ARG B 133 17.83 -5.28 -43.01
N GLY B 134 16.93 -5.99 -43.64
CA GLY B 134 16.94 -7.43 -43.56
C GLY B 134 16.35 -8.05 -42.31
N LYS B 135 16.14 -7.28 -41.21
CA LYS B 135 15.76 -7.92 -39.93
C LYS B 135 14.25 -7.88 -39.82
N PRO B 136 13.62 -9.03 -39.59
CA PRO B 136 12.18 -8.89 -39.31
C PRO B 136 11.80 -8.04 -38.08
N ILE B 137 10.76 -7.23 -38.21
CA ILE B 137 10.31 -6.37 -37.08
C ILE B 137 8.93 -6.95 -36.65
N HIS B 138 8.71 -7.09 -35.36
CA HIS B 138 7.41 -7.57 -34.88
C HIS B 138 6.32 -6.56 -35.03
N HIS B 139 5.11 -7.13 -35.17
CA HIS B 139 3.87 -6.41 -35.11
C HIS B 139 3.41 -6.26 -33.64
N PHE B 140 2.44 -5.39 -33.43
CA PHE B 140 1.90 -5.05 -32.09
C PHE B 140 0.40 -5.17 -32.08
N LEU B 141 -0.12 -6.15 -31.33
CA LEU B 141 -1.62 -6.36 -31.26
C LEU B 141 -2.30 -6.50 -32.63
N GLY B 142 -1.60 -7.06 -33.62
CA GLY B 142 -2.11 -7.22 -34.95
C GLY B 142 -2.47 -5.89 -35.61
N THR B 143 -1.84 -4.78 -35.20
CA THR B 143 -2.17 -3.51 -35.76
C THR B 143 -0.96 -2.74 -36.27
N SER B 144 -0.06 -2.38 -35.40
CA SER B 144 1.21 -1.68 -35.79
C SER B 144 0.92 -0.45 -36.64
N THR B 145 0.51 0.63 -35.99
CA THR B 145 0.07 1.84 -36.68
C THR B 145 1.09 2.98 -36.68
N PHE B 146 2.24 2.80 -36.01
CA PHE B 146 3.30 3.82 -36.05
C PHE B 146 4.18 3.60 -37.30
N SER B 147 3.53 3.67 -38.44
CA SER B 147 4.14 3.40 -39.73
C SER B 147 3.29 4.06 -40.77
N GLN B 148 3.95 4.51 -41.84
CA GLN B 148 3.19 5.06 -42.93
C GLN B 148 2.24 4.04 -43.59
N TYR B 149 2.64 2.78 -43.60
CA TYR B 149 1.81 1.70 -44.06
C TYR B 149 1.91 0.52 -43.12
N THR B 150 0.79 -0.16 -42.93
CA THR B 150 0.81 -1.37 -42.16
C THR B 150 0.01 -2.44 -42.88
N VAL B 151 0.18 -3.68 -42.45
CA VAL B 151 -0.61 -4.80 -42.93
C VAL B 151 -1.29 -5.46 -41.74
N VAL B 152 -2.57 -5.73 -41.85
CA VAL B 152 -3.37 -6.31 -40.78
C VAL B 152 -4.20 -7.43 -41.34
N ASP B 153 -4.53 -8.43 -40.52
CA ASP B 153 -5.48 -9.43 -40.90
C ASP B 153 -6.90 -8.84 -41.04
N GLU B 154 -7.69 -9.40 -41.95
CA GLU B 154 -8.99 -8.89 -42.20
C GLU B 154 -9.93 -8.84 -40.95
N ILE B 155 -9.76 -9.82 -40.09
CA ILE B 155 -10.47 -9.85 -38.77
C ILE B 155 -10.08 -8.72 -37.83
N SER B 156 -9.02 -7.98 -38.17
CA SER B 156 -8.46 -6.86 -37.38
C SER B 156 -8.62 -5.51 -38.08
N VAL B 157 -9.66 -5.39 -38.93
CA VAL B 157 -9.94 -4.12 -39.56
C VAL B 157 -11.43 -3.94 -39.81
N ALA B 158 -11.91 -2.72 -39.58
CA ALA B 158 -13.31 -2.38 -39.87
C ALA B 158 -13.42 -1.22 -40.84
N LYS B 159 -14.32 -1.37 -41.82
CA LYS B 159 -14.70 -0.27 -42.72
C LYS B 159 -15.55 0.74 -41.99
N ILE B 160 -15.27 2.01 -42.16
CA ILE B 160 -16.06 3.10 -41.56
C ILE B 160 -16.57 4.06 -42.63
N ASP B 161 -17.39 4.97 -42.16
CA ASP B 161 -18.08 5.99 -43.05
C ASP B 161 -17.04 6.73 -43.88
N ALA B 162 -17.30 6.76 -45.18
CA ALA B 162 -16.44 7.43 -46.16
C ALA B 162 -16.24 8.91 -45.91
N ALA B 163 -17.16 9.56 -45.21
CA ALA B 163 -17.06 10.97 -44.92
C ALA B 163 -16.44 11.26 -43.54
N SER B 164 -15.96 10.25 -42.81
CA SER B 164 -15.53 10.48 -41.42
C SER B 164 -14.17 11.18 -41.31
N PRO B 165 -14.00 12.09 -40.32
CA PRO B 165 -12.69 12.81 -40.16
C PRO B 165 -11.69 11.93 -39.42
N LEU B 166 -10.71 11.42 -40.16
CA LEU B 166 -9.80 10.40 -39.62
C LEU B 166 -8.92 10.86 -38.49
N GLU B 167 -8.60 12.15 -38.49
CA GLU B 167 -7.79 12.71 -37.44
C GLU B 167 -8.51 12.81 -36.08
N LYS B 168 -9.84 12.59 -36.08
CA LYS B 168 -10.63 12.50 -34.87
C LYS B 168 -11.04 11.06 -34.56
N VAL B 169 -11.47 10.32 -35.56
CA VAL B 169 -12.11 9.04 -35.28
C VAL B 169 -11.12 7.96 -35.00
N CYS B 170 -9.82 8.18 -35.24
CA CYS B 170 -8.83 7.29 -34.79
C CYS B 170 -8.98 6.97 -33.30
N LEU B 171 -9.53 7.88 -32.50
CA LEU B 171 -9.70 7.59 -31.08
C LEU B 171 -10.74 6.51 -30.77
N ILE B 172 -11.64 6.28 -31.72
CA ILE B 172 -12.56 5.17 -31.62
C ILE B 172 -11.84 3.82 -31.66
N GLY B 173 -10.69 3.79 -32.26
CA GLY B 173 -9.89 2.60 -32.29
C GLY B 173 -9.35 2.15 -30.93
N CYS B 174 -9.31 3.04 -29.95
CA CYS B 174 -8.94 2.57 -28.63
C CYS B 174 -9.49 3.37 -27.51
N GLY B 175 -8.99 4.56 -27.26
CA GLY B 175 -9.23 5.16 -25.98
C GLY B 175 -10.64 5.58 -25.74
N PHE B 176 -11.27 6.22 -26.73
CA PHE B 176 -12.65 6.62 -26.51
C PHE B 176 -13.54 5.41 -26.25
N SER B 177 -13.48 4.45 -27.17
CA SER B 177 -14.39 3.33 -27.08
C SER B 177 -14.13 2.51 -25.83
N THR B 178 -12.88 2.36 -25.44
CA THR B 178 -12.58 1.63 -24.23
C THR B 178 -13.23 2.30 -23.01
N GLY B 179 -13.05 3.59 -22.84
CA GLY B 179 -13.59 4.30 -21.66
C GLY B 179 -15.12 4.27 -21.71
N TYR B 180 -15.66 4.70 -22.85
CA TYR B 180 -17.10 4.89 -22.99
C TYR B 180 -17.85 3.55 -22.78
N GLY B 181 -17.39 2.49 -23.46
CA GLY B 181 -17.94 1.17 -23.27
C GLY B 181 -17.76 0.61 -21.85
N SER B 182 -16.67 0.89 -21.20
CA SER B 182 -16.49 0.44 -19.85
C SER B 182 -17.67 0.93 -18.97
N ALA B 183 -18.06 2.18 -19.18
CA ALA B 183 -19.17 2.72 -18.45
C ALA B 183 -20.51 2.20 -18.93
N VAL B 184 -20.77 2.29 -20.23
CA VAL B 184 -22.12 2.05 -20.72
C VAL B 184 -22.45 0.56 -20.93
N LYS B 185 -21.45 -0.25 -21.25
CA LYS B 185 -21.65 -1.63 -21.61
C LYS B 185 -21.16 -2.57 -20.53
N VAL B 186 -19.98 -2.33 -19.92
CA VAL B 186 -19.44 -3.28 -18.97
C VAL B 186 -20.05 -3.00 -17.59
N ALA B 187 -19.86 -1.81 -17.04
CA ALA B 187 -20.48 -1.48 -15.75
C ALA B 187 -22.01 -1.39 -15.85
N LYS B 188 -22.53 -0.92 -16.99
CA LYS B 188 -23.98 -0.61 -17.16
C LYS B 188 -24.39 0.41 -16.12
N VAL B 189 -23.70 1.55 -16.10
CA VAL B 189 -24.01 2.63 -15.20
C VAL B 189 -25.48 3.01 -15.31
N THR B 190 -26.15 3.28 -14.16
CA THR B 190 -27.59 3.58 -14.18
C THR B 190 -27.85 5.06 -13.92
N GLN B 191 -29.06 5.47 -14.34
CA GLN B 191 -29.47 6.84 -14.09
C GLN B 191 -29.50 7.16 -12.61
N GLY B 192 -28.95 8.30 -12.29
CA GLY B 192 -28.98 8.79 -10.92
C GLY B 192 -27.90 8.20 -10.02
N SER B 193 -27.00 7.36 -10.55
CA SER B 193 -25.97 6.76 -9.72
C SER B 193 -24.80 7.71 -9.44
N THR B 194 -23.98 7.25 -8.51
CA THR B 194 -22.70 7.84 -8.18
C THR B 194 -21.55 7.00 -8.71
N CYS B 195 -20.66 7.61 -9.44
CA CYS B 195 -19.50 6.93 -10.05
C CYS B 195 -18.22 7.58 -9.54
N ALA B 196 -17.15 6.81 -9.44
CA ALA B 196 -15.82 7.27 -9.19
C ALA B 196 -14.91 6.74 -10.28
N VAL B 197 -14.15 7.66 -10.88
CA VAL B 197 -13.27 7.32 -12.02
C VAL B 197 -11.86 7.65 -11.57
N PHE B 198 -11.00 6.65 -11.44
CA PHE B 198 -9.57 6.72 -11.06
C PHE B 198 -8.72 6.81 -12.30
N GLY B 199 -8.14 8.00 -12.54
CA GLY B 199 -7.31 8.22 -13.74
C GLY B 199 -8.09 9.08 -14.70
N LEU B 200 -7.58 10.28 -15.06
CA LEU B 200 -8.29 11.25 -15.85
C LEU B 200 -7.46 11.54 -17.11
N GLY B 201 -6.85 10.51 -17.69
CA GLY B 201 -6.33 10.58 -19.04
C GLY B 201 -7.39 10.40 -20.08
N GLY B 202 -6.98 10.12 -21.30
CA GLY B 202 -7.91 9.95 -22.37
C GLY B 202 -8.96 8.90 -22.13
N VAL B 203 -8.56 7.76 -21.56
CA VAL B 203 -9.49 6.70 -21.31
C VAL B 203 -10.42 7.07 -20.17
N GLY B 204 -9.93 7.61 -19.11
CA GLY B 204 -10.77 8.04 -17.98
C GLY B 204 -11.74 9.12 -18.29
N LEU B 205 -11.32 10.10 -19.09
CA LEU B 205 -12.27 11.02 -19.65
C LEU B 205 -13.38 10.45 -20.45
N SER B 206 -13.09 9.38 -21.19
CA SER B 206 -14.07 8.71 -21.96
C SER B 206 -15.01 7.91 -21.06
N VAL B 207 -14.48 7.36 -19.96
CA VAL B 207 -15.34 6.78 -18.91
C VAL B 207 -16.31 7.87 -18.37
N ILE B 208 -15.82 9.05 -18.07
CA ILE B 208 -16.71 10.10 -17.56
C ILE B 208 -17.79 10.41 -18.60
N MET B 209 -17.41 10.54 -19.86
CA MET B 209 -18.38 10.74 -20.92
C MET B 209 -19.47 9.68 -20.90
N GLY B 210 -19.07 8.42 -20.71
CA GLY B 210 -20.02 7.35 -20.69
C GLY B 210 -20.90 7.39 -19.45
N CYS B 211 -20.32 7.70 -18.29
CA CYS B 211 -21.14 7.83 -17.09
C CYS B 211 -22.16 8.92 -17.24
N LYS B 212 -21.77 10.06 -17.81
CA LYS B 212 -22.71 11.16 -18.02
C LYS B 212 -23.79 10.79 -19.03
N ALA B 213 -23.44 10.10 -20.11
CA ALA B 213 -24.40 9.64 -21.06
C ALA B 213 -25.39 8.68 -20.48
N ALA B 214 -24.97 7.89 -19.49
CA ALA B 214 -25.82 6.94 -18.82
C ALA B 214 -26.72 7.63 -17.76
N GLY B 215 -26.49 8.91 -17.46
CA GLY B 215 -27.35 9.63 -16.51
C GLY B 215 -26.88 9.60 -15.10
N ALA B 216 -25.61 9.31 -14.87
CA ALA B 216 -25.09 9.38 -13.48
C ALA B 216 -25.37 10.73 -12.90
N ALA B 217 -25.77 10.78 -11.65
CA ALA B 217 -25.92 12.06 -10.95
C ALA B 217 -24.62 12.67 -10.40
N ARG B 218 -23.67 11.84 -10.00
CA ARG B 218 -22.42 12.27 -9.45
C ARG B 218 -21.32 11.50 -10.12
N ILE B 219 -20.26 12.18 -10.51
CA ILE B 219 -19.13 11.54 -11.17
C ILE B 219 -17.91 12.18 -10.53
N ILE B 220 -17.24 11.42 -9.68
CA ILE B 220 -16.08 11.85 -8.94
C ILE B 220 -14.78 11.43 -9.65
N GLY B 221 -14.03 12.40 -10.15
CA GLY B 221 -12.76 12.09 -10.75
C GLY B 221 -11.63 12.03 -9.74
N VAL B 222 -10.71 11.06 -9.86
CA VAL B 222 -9.62 10.91 -8.93
C VAL B 222 -8.33 10.89 -9.71
N ASP B 223 -7.42 11.82 -9.43
CA ASP B 223 -6.12 11.87 -10.10
C ASP B 223 -5.12 12.55 -9.19
N ILE B 224 -3.85 12.13 -9.23
CA ILE B 224 -2.77 12.81 -8.49
C ILE B 224 -2.27 14.06 -9.18
N ASN B 225 -2.70 14.24 -10.42
CA ASN B 225 -2.30 15.44 -11.18
C ASN B 225 -3.49 16.33 -11.30
N LYS B 226 -3.54 17.37 -10.42
CA LYS B 226 -4.64 18.27 -10.43
C LYS B 226 -4.84 19.08 -11.69
N ASP B 227 -3.82 19.13 -12.56
CA ASP B 227 -4.02 19.79 -13.86
C ASP B 227 -5.00 19.03 -14.74
N LYS B 228 -5.32 17.79 -14.42
CA LYS B 228 -6.32 17.04 -15.20
C LYS B 228 -7.77 17.35 -14.85
N PHE B 229 -7.96 18.07 -13.75
CA PHE B 229 -9.32 18.23 -13.22
C PHE B 229 -10.24 19.11 -14.08
N ALA B 230 -9.64 20.17 -14.71
CA ALA B 230 -10.50 21.09 -15.42
C ALA B 230 -11.21 20.42 -16.58
N LYS B 231 -10.46 19.67 -17.36
CA LYS B 231 -10.99 18.91 -18.48
C LYS B 231 -11.96 17.80 -18.03
N ALA B 232 -11.64 17.12 -16.91
CA ALA B 232 -12.55 16.12 -16.36
C ALA B 232 -13.92 16.80 -16.05
N LYS B 233 -13.90 18.00 -15.45
CA LYS B 233 -15.16 18.71 -15.14
C LYS B 233 -15.88 19.15 -16.42
N GLU B 234 -15.10 19.58 -17.42
CA GLU B 234 -15.73 19.94 -18.70
C GLU B 234 -16.52 18.80 -19.34
N VAL B 235 -16.07 17.56 -19.19
CA VAL B 235 -16.74 16.45 -19.83
C VAL B 235 -17.71 15.68 -18.92
N GLY B 236 -17.90 16.15 -17.70
CA GLY B 236 -18.97 15.71 -16.87
C GLY B 236 -18.64 15.39 -15.42
N ALA B 237 -17.38 15.40 -14.98
CA ALA B 237 -17.10 15.20 -13.56
C ALA B 237 -17.79 16.28 -12.70
N THR B 238 -18.48 15.87 -11.65
CA THR B 238 -19.10 16.80 -10.73
C THR B 238 -18.19 17.28 -9.63
N GLU B 239 -17.12 16.52 -9.38
CA GLU B 239 -16.20 16.79 -8.32
CA GLU B 239 -16.17 16.73 -8.26
C GLU B 239 -14.88 16.06 -8.70
N CYS B 240 -13.74 16.59 -8.24
CA CYS B 240 -12.47 15.93 -8.42
C CYS B 240 -11.71 15.91 -7.12
N VAL B 241 -10.99 14.82 -6.88
CA VAL B 241 -10.20 14.64 -5.67
C VAL B 241 -8.80 14.16 -5.97
N ASN B 242 -7.82 14.75 -5.32
CA ASN B 242 -6.43 14.39 -5.40
C ASN B 242 -6.05 13.66 -4.16
N PRO B 243 -5.77 12.38 -4.26
CA PRO B 243 -5.41 11.66 -3.02
C PRO B 243 -4.24 12.25 -2.24
N GLN B 244 -3.37 13.00 -2.92
CA GLN B 244 -2.20 13.64 -2.23
C GLN B 244 -2.58 14.74 -1.30
N ASP B 245 -3.80 15.24 -1.44
CA ASP B 245 -4.30 16.34 -0.58
C ASP B 245 -4.74 15.92 0.80
N TYR B 246 -4.92 14.63 0.96
CA TYR B 246 -5.60 14.09 2.15
C TYR B 246 -4.64 13.35 3.04
N LYS B 247 -4.87 13.42 4.35
CA LYS B 247 -4.07 12.69 5.31
C LYS B 247 -4.67 11.33 5.70
N LYS B 248 -5.63 10.82 4.93
CA LYS B 248 -6.18 9.47 5.03
C LYS B 248 -6.38 8.84 3.61
N PRO B 249 -6.57 7.53 3.54
CA PRO B 249 -6.71 6.83 2.22
C PRO B 249 -7.92 7.27 1.45
N ILE B 250 -7.83 7.28 0.11
CA ILE B 250 -8.85 7.87 -0.67
C ILE B 250 -10.12 7.02 -0.68
N GLN B 251 -10.03 5.70 -0.48
CA GLN B 251 -11.25 4.86 -0.42
C GLN B 251 -12.13 5.33 0.76
N GLU B 252 -11.55 5.71 1.90
CA GLU B 252 -12.33 6.25 3.03
C GLU B 252 -12.97 7.58 2.67
N VAL B 253 -12.22 8.46 2.02
CA VAL B 253 -12.72 9.76 1.56
C VAL B 253 -13.90 9.54 0.66
N LEU B 254 -13.78 8.65 -0.30
CA LEU B 254 -14.84 8.46 -1.31
C LEU B 254 -16.07 7.82 -0.67
N THR B 255 -15.83 6.89 0.26
CA THR B 255 -16.91 6.22 0.96
C THR B 255 -17.70 7.27 1.77
N GLU B 256 -17.02 8.22 2.42
CA GLU B 256 -17.73 9.27 3.18
C GLU B 256 -18.46 10.29 2.23
N MET B 257 -17.76 10.66 1.14
CA MET B 257 -18.38 11.52 0.14
C MET B 257 -19.63 10.97 -0.43
N SER B 258 -19.67 9.62 -0.60
CA SER B 258 -20.80 8.93 -1.21
C SER B 258 -21.76 8.33 -0.18
N ASN B 259 -21.61 8.72 1.09
CA ASN B 259 -22.49 8.29 2.13
C ASN B 259 -22.56 6.77 2.22
N GLY B 260 -21.39 6.12 2.11
CA GLY B 260 -21.31 4.67 2.31
C GLY B 260 -20.85 3.85 1.12
N GLY B 261 -20.34 4.49 0.06
CA GLY B 261 -19.81 3.78 -1.08
C GLY B 261 -20.48 4.26 -2.33
N VAL B 262 -19.70 4.18 -3.44
CA VAL B 262 -20.23 4.58 -4.74
C VAL B 262 -20.93 3.42 -5.41
N ASP B 263 -21.78 3.71 -6.37
CA ASP B 263 -22.45 2.64 -7.16
C ASP B 263 -21.52 1.98 -8.15
N PHE B 264 -20.68 2.76 -8.81
CA PHE B 264 -19.77 2.22 -9.85
C PHE B 264 -18.41 2.88 -9.68
N SER B 265 -17.34 2.09 -9.73
CA SER B 265 -15.98 2.61 -9.74
C SER B 265 -15.23 2.03 -10.89
N PHE B 266 -14.26 2.82 -11.34
CA PHE B 266 -13.45 2.43 -12.50
C PHE B 266 -12.02 2.72 -12.24
N GLU B 267 -11.16 1.72 -12.47
CA GLU B 267 -9.70 1.88 -12.36
C GLU B 267 -9.18 2.08 -13.77
N VAL B 268 -8.67 3.29 -14.04
CA VAL B 268 -8.29 3.69 -15.40
C VAL B 268 -6.87 4.22 -15.39
N ILE B 269 -5.96 3.53 -14.65
CA ILE B 269 -4.60 3.95 -14.42
C ILE B 269 -3.68 2.80 -14.80
N GLY B 270 -3.79 1.67 -14.13
CA GLY B 270 -2.89 0.54 -14.30
C GLY B 270 -2.05 0.31 -13.08
N ARG B 271 -2.54 0.51 -11.87
CA ARG B 271 -1.73 0.26 -10.66
C ARG B 271 -2.52 -0.79 -9.85
N LEU B 272 -1.79 -1.71 -9.24
CA LEU B 272 -2.46 -2.72 -8.39
C LEU B 272 -3.14 -2.03 -7.22
N ASP B 273 -2.51 -1.03 -6.60
CA ASP B 273 -3.08 -0.44 -5.39
C ASP B 273 -4.39 0.26 -5.68
N THR B 274 -4.45 0.96 -6.83
CA THR B 274 -5.67 1.66 -7.20
C THR B 274 -6.74 0.68 -7.63
N MET B 275 -6.42 -0.47 -8.16
CA MET B 275 -7.42 -1.50 -8.43
C MET B 275 -8.14 -1.92 -7.14
N VAL B 276 -7.37 -2.13 -6.08
CA VAL B 276 -7.96 -2.54 -4.81
C VAL B 276 -8.68 -1.36 -4.11
N THR B 277 -8.11 -0.14 -4.19
CA THR B 277 -8.84 1.02 -3.68
C THR B 277 -10.18 1.23 -4.41
N ALA B 278 -10.20 1.09 -5.73
CA ALA B 278 -11.42 1.33 -6.50
C ALA B 278 -12.46 0.29 -6.12
N LEU B 279 -12.03 -0.96 -5.91
CA LEU B 279 -13.02 -1.99 -5.54
C LEU B 279 -13.60 -1.57 -4.17
N SER B 280 -12.72 -1.24 -3.23
CA SER B 280 -13.09 -0.92 -1.88
C SER B 280 -14.07 0.21 -1.76
N CYS B 281 -13.95 1.22 -2.64
CA CYS B 281 -14.80 2.42 -2.55
C CYS B 281 -16.19 2.26 -3.08
N CYS B 282 -16.50 1.16 -3.77
CA CYS B 282 -17.85 0.94 -4.20
C CYS B 282 -18.62 0.24 -3.04
N GLN B 283 -19.91 0.52 -2.97
CA GLN B 283 -20.75 0.10 -1.89
C GLN B 283 -20.69 -1.42 -1.70
N GLU B 284 -20.52 -1.85 -0.47
CA GLU B 284 -20.15 -3.25 -0.17
C GLU B 284 -21.19 -4.27 -0.58
N ALA B 285 -22.48 -3.91 -0.65
CA ALA B 285 -23.57 -4.85 -0.96
C ALA B 285 -23.92 -4.92 -2.41
N TYR B 286 -23.76 -3.79 -3.15
CA TYR B 286 -24.33 -3.71 -4.50
C TYR B 286 -23.38 -2.95 -5.48
N GLY B 287 -22.21 -2.53 -5.03
CA GLY B 287 -21.31 -1.80 -5.84
C GLY B 287 -20.66 -2.66 -6.92
N VAL B 288 -20.32 -1.97 -8.01
CA VAL B 288 -19.62 -2.61 -9.14
C VAL B 288 -18.34 -1.83 -9.39
N SER B 289 -17.23 -2.54 -9.58
CA SER B 289 -15.93 -1.95 -9.91
C SER B 289 -15.37 -2.59 -11.19
N VAL B 290 -14.94 -1.75 -12.14
CA VAL B 290 -14.38 -2.18 -13.38
C VAL B 290 -12.95 -1.79 -13.52
N ILE B 291 -12.12 -2.81 -13.76
CA ILE B 291 -10.70 -2.57 -14.06
C ILE B 291 -10.56 -2.36 -15.58
N VAL B 292 -9.98 -1.20 -15.88
CA VAL B 292 -9.68 -0.80 -17.25
C VAL B 292 -8.17 -0.71 -17.47
N GLY B 293 -7.46 -0.18 -16.48
CA GLY B 293 -6.00 0.00 -16.62
C GLY B 293 -5.25 -1.30 -16.79
N VAL B 294 -4.14 -1.24 -17.47
CA VAL B 294 -3.23 -2.36 -17.71
C VAL B 294 -2.19 -2.38 -16.61
N PRO B 295 -2.17 -3.49 -15.81
CA PRO B 295 -1.28 -3.67 -14.75
C PRO B 295 0.15 -4.03 -15.24
N PRO B 296 1.15 -3.88 -14.38
CA PRO B 296 2.49 -4.27 -14.76
C PRO B 296 2.58 -5.78 -14.89
N ASP B 297 3.36 -6.17 -15.89
CA ASP B 297 3.52 -7.56 -16.23
C ASP B 297 3.82 -8.46 -15.06
N SER B 298 3.05 -9.54 -15.03
CA SER B 298 3.22 -10.65 -14.10
C SER B 298 3.11 -10.32 -12.64
N GLN B 299 2.55 -9.19 -12.28
CA GLN B 299 2.40 -8.85 -10.88
C GLN B 299 1.00 -9.12 -10.38
N ASN B 300 0.93 -9.70 -9.20
CA ASN B 300 -0.34 -10.00 -8.54
C ASN B 300 -0.70 -8.94 -7.52
N LEU B 301 -1.99 -8.69 -7.38
CA LEU B 301 -2.51 -7.84 -6.29
C LEU B 301 -2.92 -8.74 -5.13
N SER B 302 -3.07 -8.08 -4.00
CA SER B 302 -3.48 -8.69 -2.77
C SER B 302 -4.80 -8.03 -2.33
N MET B 303 -5.82 -8.82 -1.95
CA MET B 303 -7.04 -8.29 -1.50
C MET B 303 -7.77 -9.25 -0.62
N ASN B 304 -8.65 -8.68 0.19
CA ASN B 304 -9.46 -9.45 1.15
C ASN B 304 -10.74 -9.87 0.46
N PRO B 305 -10.96 -11.17 0.28
CA PRO B 305 -12.18 -11.57 -0.38
C PRO B 305 -13.49 -11.23 0.29
N MET B 306 -13.48 -10.84 1.54
CA MET B 306 -14.67 -10.34 2.15
C MET B 306 -15.21 -9.11 1.41
N LEU B 307 -14.36 -8.39 0.66
CA LEU B 307 -14.87 -7.27 -0.13
C LEU B 307 -15.86 -7.76 -1.12
N LEU B 308 -15.72 -9.01 -1.65
CA LEU B 308 -16.64 -9.54 -2.59
C LEU B 308 -17.82 -10.25 -1.93
N LEU B 309 -17.54 -10.97 -0.82
CA LEU B 309 -18.60 -11.78 -0.16
C LEU B 309 -19.78 -10.94 0.24
N SER B 310 -19.53 -9.67 0.64
CA SER B 310 -20.68 -8.78 0.94
C SER B 310 -21.66 -8.48 -0.15
N GLY B 311 -21.18 -8.66 -1.41
CA GLY B 311 -22.02 -8.44 -2.57
C GLY B 311 -21.42 -7.62 -3.70
N ARG B 312 -20.21 -7.11 -3.57
CA ARG B 312 -19.57 -6.38 -4.66
C ARG B 312 -19.33 -7.29 -5.87
N THR B 313 -19.33 -6.61 -7.02
CA THR B 313 -19.00 -7.23 -8.29
C THR B 313 -17.76 -6.55 -8.82
N TRP B 314 -16.81 -7.37 -9.24
CA TRP B 314 -15.51 -6.88 -9.76
C TRP B 314 -15.36 -7.48 -11.17
N LYS B 315 -15.13 -6.63 -12.14
CA LYS B 315 -14.87 -7.13 -13.45
C LYS B 315 -13.88 -6.30 -14.19
N GLY B 316 -13.41 -6.80 -15.33
CA GLY B 316 -12.62 -5.95 -16.20
C GLY B 316 -13.03 -6.18 -17.60
N ALA B 317 -12.39 -5.43 -18.52
CA ALA B 317 -12.71 -5.63 -19.88
C ALA B 317 -11.59 -5.03 -20.78
N ILE B 318 -11.60 -5.56 -22.00
CA ILE B 318 -10.78 -5.05 -23.09
C ILE B 318 -11.67 -4.23 -24.03
N PHE B 319 -11.21 -3.08 -24.43
CA PHE B 319 -11.89 -2.34 -25.47
C PHE B 319 -13.36 -2.06 -25.11
N GLY B 320 -13.63 -1.77 -23.83
CA GLY B 320 -14.95 -1.35 -23.38
C GLY B 320 -16.03 -2.40 -23.52
N GLY B 321 -15.58 -3.64 -23.73
CA GLY B 321 -16.54 -4.74 -24.00
C GLY B 321 -17.12 -4.81 -25.40
N PHE B 322 -16.70 -3.90 -26.28
CA PHE B 322 -17.32 -3.88 -27.59
C PHE B 322 -16.78 -5.00 -28.48
N LYS B 323 -17.71 -5.72 -29.13
CA LYS B 323 -17.33 -6.59 -30.26
C LYS B 323 -16.79 -5.64 -31.37
N SER B 324 -15.52 -5.79 -31.68
CA SER B 324 -14.84 -4.67 -32.32
C SER B 324 -15.28 -4.34 -33.75
N LYS B 325 -15.35 -5.36 -34.61
CA LYS B 325 -15.69 -5.12 -35.99
C LYS B 325 -17.13 -4.71 -36.17
N ASP B 326 -18.03 -5.27 -35.35
CA ASP B 326 -19.40 -4.77 -35.37
C ASP B 326 -19.56 -3.38 -34.81
N SER B 327 -18.84 -3.08 -33.76
CA SER B 327 -19.13 -1.81 -32.99
C SER B 327 -18.43 -0.57 -33.58
N VAL B 328 -17.20 -0.71 -34.05
CA VAL B 328 -16.44 0.45 -34.48
C VAL B 328 -17.21 1.22 -35.58
N PRO B 329 -17.76 0.57 -36.61
CA PRO B 329 -18.52 1.38 -37.59
C PRO B 329 -19.71 2.19 -37.04
N LYS B 330 -20.38 1.54 -36.08
CA LYS B 330 -21.51 2.14 -35.42
C LYS B 330 -21.11 3.29 -34.52
N LEU B 331 -19.98 3.15 -33.82
CA LEU B 331 -19.45 4.25 -33.04
C LEU B 331 -19.09 5.45 -33.96
N VAL B 332 -18.46 5.17 -35.09
CA VAL B 332 -18.15 6.25 -36.03
C VAL B 332 -19.44 6.94 -36.52
N ALA B 333 -20.43 6.14 -36.87
CA ALA B 333 -21.76 6.65 -37.33
C ALA B 333 -22.37 7.49 -36.19
N ASP B 334 -22.21 7.03 -34.95
CA ASP B 334 -22.74 7.85 -33.82
C ASP B 334 -22.00 9.18 -33.64
N PHE B 335 -20.67 9.19 -33.83
CA PHE B 335 -19.91 10.43 -33.78
C PHE B 335 -20.38 11.39 -34.91
N MET B 336 -20.63 10.85 -36.10
CA MET B 336 -21.04 11.69 -37.25
C MET B 336 -22.41 12.32 -36.99
N ALA B 337 -23.23 11.65 -36.19
CA ALA B 337 -24.54 12.08 -35.76
C ALA B 337 -24.53 12.92 -34.49
N LYS B 338 -23.35 13.29 -34.00
CA LYS B 338 -23.13 14.17 -32.84
C LYS B 338 -23.60 13.58 -31.53
N LYS B 339 -23.54 12.28 -31.42
CA LYS B 339 -23.95 11.60 -30.18
C LYS B 339 -22.91 11.71 -29.03
N PHE B 340 -21.66 11.96 -29.38
CA PHE B 340 -20.57 12.15 -28.40
C PHE B 340 -19.48 13.03 -29.10
N ALA B 341 -18.63 13.62 -28.30
CA ALA B 341 -17.55 14.50 -28.75
C ALA B 341 -16.21 13.80 -28.56
N LEU B 342 -15.29 14.05 -29.48
CA LEU B 342 -13.90 13.56 -29.43
C LEU B 342 -12.89 14.69 -29.22
N ASP B 343 -13.16 15.94 -29.68
CA ASP B 343 -12.23 17.04 -29.50
C ASP B 343 -11.77 17.29 -28.06
N PRO B 344 -12.64 17.06 -27.02
CA PRO B 344 -12.09 17.24 -25.67
C PRO B 344 -10.94 16.30 -25.29
N LEU B 345 -10.76 15.20 -26.03
CA LEU B 345 -9.64 14.31 -25.75
C LEU B 345 -8.35 14.70 -26.45
N ILE B 346 -8.40 15.59 -27.44
CA ILE B 346 -7.25 15.86 -28.33
C ILE B 346 -6.64 17.15 -27.86
N THR B 347 -5.44 17.08 -27.30
CA THR B 347 -4.78 18.25 -26.82
C THR B 347 -3.65 18.73 -27.69
N HIS B 348 -3.15 17.86 -28.55
CA HIS B 348 -1.99 18.17 -29.38
C HIS B 348 -2.15 17.44 -30.69
N VAL B 349 -1.64 18.06 -31.75
CA VAL B 349 -1.59 17.42 -33.08
C VAL B 349 -0.19 17.62 -33.60
N LEU B 350 0.48 16.56 -34.00
CA LEU B 350 1.88 16.57 -34.46
C LEU B 350 2.07 15.75 -35.69
N PRO B 351 2.99 16.10 -36.59
CA PRO B 351 3.29 15.20 -37.66
C PRO B 351 3.95 13.90 -37.09
N PHE B 352 3.74 12.78 -37.78
CA PHE B 352 4.27 11.52 -37.38
C PHE B 352 5.70 11.51 -36.97
N GLU B 353 6.52 12.22 -37.73
CA GLU B 353 7.94 12.27 -37.48
CA GLU B 353 7.95 12.11 -37.41
C GLU B 353 8.34 12.78 -36.09
N LYS B 354 7.42 13.50 -35.46
CA LYS B 354 7.61 14.06 -34.13
C LYS B 354 7.02 13.13 -33.04
N ILE B 355 6.95 11.85 -33.34
CA ILE B 355 6.42 10.88 -32.34
C ILE B 355 7.08 10.97 -31.02
N ASN B 356 8.39 11.13 -30.94
CA ASN B 356 9.01 11.13 -29.61
C ASN B 356 8.57 12.34 -28.77
N GLU B 357 8.40 13.50 -29.39
CA GLU B 357 7.80 14.68 -28.75
C GLU B 357 6.42 14.35 -28.19
N GLY B 358 5.62 13.62 -28.95
CA GLY B 358 4.34 13.17 -28.49
C GLY B 358 4.35 12.33 -27.26
N PHE B 359 5.33 11.44 -27.23
CA PHE B 359 5.50 10.64 -26.01
C PHE B 359 6.03 11.43 -24.83
N ASP B 360 6.94 12.40 -25.08
CA ASP B 360 7.41 13.30 -24.05
C ASP B 360 6.24 14.04 -23.44
N LEU B 361 5.31 14.45 -24.27
CA LEU B 361 4.12 15.23 -23.81
C LEU B 361 3.27 14.34 -22.88
N LEU B 362 3.09 13.08 -23.26
CA LEU B 362 2.30 12.17 -22.44
C LEU B 362 2.99 11.94 -21.11
N ARG B 363 4.27 11.64 -21.14
CA ARG B 363 5.01 11.31 -19.93
C ARG B 363 5.12 12.47 -18.96
N SER B 364 5.21 13.72 -19.47
CA SER B 364 5.25 14.89 -18.62
C SER B 364 3.94 15.25 -17.96
N GLY B 365 2.83 14.62 -18.37
CA GLY B 365 1.54 14.90 -17.84
C GLY B 365 0.76 15.98 -18.56
N GLU B 366 1.34 16.60 -19.60
N GLU B 366 1.33 16.54 -19.63
CA GLU B 366 0.68 17.72 -20.27
CA GLU B 366 0.75 17.72 -20.24
C GLU B 366 -0.47 17.35 -21.18
C GLU B 366 -0.18 17.50 -21.43
N SER B 367 -0.35 16.25 -21.89
CA SER B 367 -1.31 15.92 -22.91
C SER B 367 -2.32 14.89 -22.43
N ILE B 368 -3.45 14.88 -23.13
CA ILE B 368 -4.36 13.75 -23.06
C ILE B 368 -4.07 12.88 -24.27
N ARG B 369 -4.63 13.16 -25.46
CA ARG B 369 -4.19 12.54 -26.67
C ARG B 369 -3.50 13.52 -27.61
N THR B 370 -2.32 13.08 -28.03
CA THR B 370 -1.66 13.62 -29.18
C THR B 370 -2.04 12.73 -30.35
N ILE B 371 -2.51 13.36 -31.40
CA ILE B 371 -2.76 12.72 -32.67
C ILE B 371 -1.54 13.00 -33.58
N LEU B 372 -0.99 11.91 -34.13
CA LEU B 372 0.10 11.94 -35.12
C LEU B 372 -0.49 11.86 -36.51
N THR B 373 -0.11 12.86 -37.37
CA THR B 373 -0.72 12.86 -38.69
C THR B 373 0.34 12.56 -39.75
N PHE B 374 -0.14 12.04 -40.85
CA PHE B 374 0.74 11.58 -41.95
C PHE B 374 0.53 12.47 -43.19
N SER C 1 -14.82 0.29 50.42
CA SER C 1 -14.15 -0.34 51.56
C SER C 1 -12.83 0.36 51.84
N THR C 2 -11.93 0.41 50.86
CA THR C 2 -10.60 1.03 51.05
C THR C 2 -10.58 2.50 50.55
N ALA C 3 -11.66 2.93 49.90
CA ALA C 3 -11.67 4.24 49.29
C ALA C 3 -11.44 5.31 50.32
N GLY C 4 -10.64 6.30 49.96
CA GLY C 4 -10.31 7.35 50.86
C GLY C 4 -9.31 7.05 51.93
N LYS C 5 -8.79 5.85 52.01
CA LYS C 5 -7.86 5.49 53.08
C LYS C 5 -6.56 4.96 52.49
N VAL C 6 -5.54 5.05 53.29
CA VAL C 6 -4.25 4.42 52.98
C VAL C 6 -4.43 2.92 52.91
N ILE C 7 -3.87 2.30 51.86
CA ILE C 7 -3.79 0.84 51.76
C ILE C 7 -2.38 0.36 52.13
N LYS C 8 -2.34 -0.62 53.01
CA LYS C 8 -1.12 -1.36 53.27
C LYS C 8 -1.14 -2.58 52.36
N CYS C 9 -0.11 -2.77 51.56
CA CYS C 9 -0.05 -3.90 50.67
C CYS C 9 1.35 -4.29 50.38
N LYS C 10 1.54 -5.35 49.60
CA LYS C 10 2.84 -5.77 49.22
C LYS C 10 3.31 -5.07 47.93
N ALA C 11 4.62 -4.80 47.85
CA ALA C 11 5.23 -4.29 46.62
C ALA C 11 6.62 -4.80 46.52
N ALA C 12 7.21 -4.73 45.34
CA ALA C 12 8.60 -5.09 45.09
C ALA C 12 9.38 -3.82 45.02
N VAL C 13 10.13 -3.55 46.08
CA VAL C 13 10.89 -2.29 46.17
C VAL C 13 12.32 -2.57 45.73
N LEU C 14 12.86 -1.65 44.93
CA LEU C 14 14.24 -1.70 44.53
C LEU C 14 14.98 -0.59 45.29
N TRP C 15 15.75 -1.01 46.31
CA TRP C 15 16.43 -0.09 47.17
C TRP C 15 17.75 0.43 46.61
N GLU C 16 18.46 -0.45 45.88
CA GLU C 16 19.78 -0.15 45.35
C GLU C 16 19.86 -0.78 43.98
N GLU C 17 20.69 -0.18 43.12
CA GLU C 17 21.02 -0.86 41.84
C GLU C 17 21.71 -2.20 42.07
N LYS C 18 21.50 -3.08 41.13
CA LYS C 18 22.20 -4.34 40.99
C LYS C 18 21.96 -5.26 42.18
N LYS C 19 20.78 -5.15 42.75
CA LYS C 19 20.36 -6.00 43.85
C LYS C 19 18.98 -6.58 43.55
N PRO C 20 18.61 -7.69 44.16
CA PRO C 20 17.26 -8.19 44.01
C PRO C 20 16.18 -7.20 44.51
N PHE C 21 14.97 -7.36 43.95
CA PHE C 21 13.83 -6.67 44.51
C PHE C 21 13.53 -7.15 45.93
N SER C 22 13.00 -6.29 46.78
CA SER C 22 12.59 -6.72 48.11
C SER C 22 11.04 -6.66 48.14
N ILE C 23 10.37 -7.81 48.30
CA ILE C 23 8.95 -7.86 48.47
C ILE C 23 8.62 -7.51 49.92
N GLU C 24 7.94 -6.42 50.16
CA GLU C 24 7.68 -6.06 51.54
C GLU C 24 6.52 -5.13 51.55
N GLU C 25 6.05 -4.86 52.75
CA GLU C 25 4.90 -4.01 52.96
C GLU C 25 5.19 -2.54 52.67
N VAL C 26 4.31 -1.96 51.87
CA VAL C 26 4.31 -0.56 51.60
C VAL C 26 2.97 0.08 51.92
N GLU C 27 2.94 1.40 52.04
CA GLU C 27 1.70 2.10 52.20
C GLU C 27 1.44 2.90 50.96
N VAL C 28 0.21 2.82 50.48
CA VAL C 28 -0.24 3.41 49.26
C VAL C 28 -1.29 4.46 49.63
N ALA C 29 -1.01 5.73 49.37
CA ALA C 29 -1.92 6.82 49.74
C ALA C 29 -3.15 6.79 48.84
N PRO C 30 -4.26 7.31 49.30
CA PRO C 30 -5.37 7.47 48.43
C PRO C 30 -5.12 8.52 47.30
N PRO C 31 -5.88 8.38 46.20
CA PRO C 31 -5.60 9.27 45.06
C PRO C 31 -6.08 10.69 45.37
N LYS C 32 -5.27 11.68 44.99
CA LYS C 32 -5.63 13.08 45.02
C LYS C 32 -6.40 13.44 43.75
N ALA C 33 -6.69 14.73 43.53
CA ALA C 33 -7.45 15.17 42.38
C ALA C 33 -6.75 14.63 41.12
N HIS C 34 -7.59 14.23 40.19
CA HIS C 34 -7.13 13.67 38.88
C HIS C 34 -6.15 12.52 38.95
N GLU C 35 -6.27 11.70 39.98
CA GLU C 35 -5.43 10.52 40.20
C GLU C 35 -6.34 9.29 40.31
N VAL C 36 -5.82 8.12 40.04
CA VAL C 36 -6.54 6.90 39.99
C VAL C 36 -5.72 5.86 40.75
N ARG C 37 -6.35 5.15 41.67
CA ARG C 37 -5.75 4.02 42.36
C ARG C 37 -6.23 2.69 41.80
N ILE C 38 -5.25 1.82 41.42
CA ILE C 38 -5.53 0.66 40.68
C ILE C 38 -5.02 -0.55 41.46
N LYS C 39 -5.89 -1.57 41.56
CA LYS C 39 -5.56 -2.91 42.03
C LYS C 39 -4.96 -3.72 40.88
N MET C 40 -3.69 -4.02 40.96
CA MET C 40 -3.04 -4.76 39.90
C MET C 40 -3.54 -6.17 39.80
N VAL C 41 -3.63 -6.62 38.54
CA VAL C 41 -4.01 -8.01 38.27
C VAL C 41 -2.89 -8.85 37.62
N ALA C 42 -2.14 -8.21 36.70
CA ALA C 42 -1.07 -8.88 36.06
C ALA C 42 -0.01 -7.81 35.65
N THR C 43 1.27 -8.20 35.68
CA THR C 43 2.30 -7.33 35.19
C THR C 43 3.34 -8.18 34.49
N GLY C 44 3.84 -7.64 33.35
CA GLY C 44 4.89 -8.33 32.65
C GLY C 44 6.28 -7.83 33.09
N ILE C 45 7.26 -8.69 32.89
CA ILE C 45 8.66 -8.33 33.13
C ILE C 45 9.26 -7.92 31.78
N CYS C 46 9.52 -6.62 31.62
CA CYS C 46 10.08 -6.10 30.36
C CYS C 46 11.58 -5.88 30.60
N ARG C 47 12.38 -5.95 29.55
CA ARG C 47 13.80 -5.65 29.76
C ARG C 47 14.06 -4.26 30.34
N SER C 48 13.20 -3.28 30.04
CA SER C 48 13.38 -1.95 30.61
C SER C 48 13.36 -1.96 32.11
N ASP C 49 12.51 -2.83 32.71
CA ASP C 49 12.61 -2.95 34.20
C ASP C 49 13.96 -3.46 34.70
N ASP C 50 14.52 -4.39 33.94
CA ASP C 50 15.84 -4.87 34.26
C ASP C 50 16.89 -3.76 34.07
N HIS C 51 16.67 -2.91 33.07
CA HIS C 51 17.58 -1.78 32.86
C HIS C 51 17.64 -0.91 34.09
N VAL C 52 16.53 -0.74 34.78
CA VAL C 52 16.56 0.04 36.03
C VAL C 52 17.49 -0.61 37.06
N VAL C 53 17.35 -1.91 37.21
CA VAL C 53 18.22 -2.67 38.11
C VAL C 53 19.71 -2.48 37.73
N SER C 54 20.00 -2.58 36.44
CA SER C 54 21.40 -2.62 36.01
C SER C 54 22.00 -1.22 35.90
N GLY C 55 21.19 -0.16 36.03
CA GLY C 55 21.65 1.18 35.85
C GLY C 55 21.71 1.60 34.39
N THR C 56 21.38 0.72 33.45
CA THR C 56 21.23 1.12 32.04
C THR C 56 20.24 2.26 31.88
N LEU C 57 19.11 2.18 32.57
CA LEU C 57 18.08 3.17 32.53
C LEU C 57 18.05 3.85 33.87
N VAL C 58 18.32 5.12 33.90
CA VAL C 58 18.41 5.84 35.15
C VAL C 58 17.12 6.40 35.60
N THR C 59 16.76 6.14 36.85
CA THR C 59 15.60 6.76 37.46
C THR C 59 15.89 6.85 38.95
N PRO C 60 15.29 7.80 39.67
CA PRO C 60 15.64 7.89 41.08
C PRO C 60 15.26 6.63 41.90
N LEU C 61 16.17 6.26 42.82
CA LEU C 61 15.94 5.11 43.71
C LEU C 61 15.85 5.67 45.15
N PRO C 62 15.15 4.99 46.05
CA PRO C 62 14.52 3.67 45.86
C PRO C 62 13.23 3.88 45.01
N VAL C 63 12.81 2.77 44.40
CA VAL C 63 11.76 2.88 43.42
C VAL C 63 10.90 1.62 43.40
N ILE C 64 9.63 1.82 43.07
CA ILE C 64 8.73 0.72 42.66
C ILE C 64 8.69 0.75 41.12
N ALA C 65 9.36 -0.22 40.51
CA ALA C 65 9.38 -0.30 39.05
C ALA C 65 8.16 -1.04 38.53
N GLY C 66 8.17 -1.46 37.26
CA GLY C 66 7.04 -2.09 36.66
C GLY C 66 6.28 -1.05 35.87
N HIS C 67 6.00 -1.35 34.61
CA HIS C 67 5.28 -0.42 33.76
C HIS C 67 4.40 -1.12 32.72
N GLU C 68 4.42 -2.45 32.59
CA GLU C 68 3.68 -3.23 31.60
C GLU C 68 2.64 -4.01 32.38
N ALA C 69 1.43 -3.54 32.45
CA ALA C 69 0.49 -4.15 33.46
C ALA C 69 -0.95 -3.92 33.07
N ALA C 70 -1.85 -4.60 33.81
CA ALA C 70 -3.28 -4.33 33.71
C ALA C 70 -3.88 -4.58 35.11
N GLY C 71 -4.91 -3.76 35.39
CA GLY C 71 -5.59 -3.93 36.68
C GLY C 71 -7.00 -3.43 36.67
N ILE C 72 -7.55 -3.16 37.84
CA ILE C 72 -8.93 -2.76 38.04
C ILE C 72 -8.92 -1.56 38.94
N VAL C 73 -9.63 -0.52 38.54
CA VAL C 73 -9.67 0.70 39.31
C VAL C 73 -10.30 0.44 40.68
N GLU C 74 -9.60 0.77 41.76
CA GLU C 74 -10.10 0.62 43.12
C GLU C 74 -10.81 1.93 43.50
N SER C 75 -10.27 3.10 43.19
CA SER C 75 -10.87 4.36 43.50
C SER C 75 -10.34 5.47 42.60
N ILE C 76 -11.05 6.58 42.54
CA ILE C 76 -10.68 7.75 41.78
C ILE C 76 -10.67 8.93 42.62
N GLY C 77 -9.82 9.87 42.30
CA GLY C 77 -9.77 11.12 42.98
C GLY C 77 -10.74 12.11 42.35
N GLU C 78 -10.82 13.29 42.96
CA GLU C 78 -11.79 14.30 42.48
C GLU C 78 -11.50 14.68 41.05
N GLY C 79 -12.54 14.76 40.22
CA GLY C 79 -12.40 15.32 38.88
C GLY C 79 -11.99 14.31 37.81
N VAL C 80 -11.80 13.05 38.16
CA VAL C 80 -11.53 12.04 37.16
C VAL C 80 -12.83 11.73 36.37
N THR C 81 -12.74 11.75 35.05
CA THR C 81 -13.86 11.52 34.15
C THR C 81 -13.69 10.32 33.22
N THR C 82 -12.47 9.81 33.07
CA THR C 82 -12.23 8.84 32.02
C THR C 82 -12.26 7.41 32.46
N VAL C 83 -12.26 7.18 33.78
CA VAL C 83 -12.40 5.83 34.32
C VAL C 83 -13.24 5.91 35.58
N ARG C 84 -13.69 4.73 36.01
CA ARG C 84 -14.50 4.61 37.22
C ARG C 84 -14.07 3.39 37.99
N PRO C 85 -14.31 3.35 39.34
CA PRO C 85 -14.13 2.08 40.06
C PRO C 85 -14.70 0.89 39.37
N GLY C 86 -13.95 -0.23 39.33
CA GLY C 86 -14.34 -1.42 38.73
C GLY C 86 -13.97 -1.57 37.27
N ASP C 87 -13.54 -0.49 36.65
CA ASP C 87 -13.09 -0.56 35.24
C ASP C 87 -11.71 -1.28 35.17
N LYS C 88 -11.55 -2.09 34.10
CA LYS C 88 -10.27 -2.62 33.69
C LYS C 88 -9.49 -1.52 33.03
N VAL C 89 -8.20 -1.45 33.39
CA VAL C 89 -7.32 -0.39 32.93
C VAL C 89 -5.92 -0.88 32.69
N ILE C 90 -5.24 -0.19 31.77
CA ILE C 90 -3.81 -0.35 31.54
C ILE C 90 -3.15 0.96 31.85
N PRO C 91 -2.18 0.97 32.77
CA PRO C 91 -1.37 2.17 32.96
C PRO C 91 -0.47 2.48 31.75
N LEU C 92 -0.25 3.76 31.54
CA LEU C 92 0.47 4.26 30.37
C LEU C 92 1.80 4.87 30.76
N PHE C 93 2.89 4.23 30.38
CA PHE C 93 4.27 4.70 30.77
C PHE C 93 4.62 5.96 30.00
N THR C 94 3.99 6.18 28.85
CA THR C 94 3.97 7.46 28.17
C THR C 94 2.58 8.08 28.27
N PRO C 95 2.45 9.23 28.93
CA PRO C 95 1.12 9.77 29.12
C PRO C 95 0.51 10.36 27.85
N GLN C 96 -0.76 10.73 27.90
CA GLN C 96 -1.37 11.48 26.79
C GLN C 96 -2.18 12.57 27.43
N CYS C 97 -1.55 13.69 27.69
CA CYS C 97 -2.26 14.83 28.32
C CYS C 97 -3.32 15.49 27.39
N GLY C 98 -3.18 15.30 26.09
CA GLY C 98 -4.12 15.81 25.08
C GLY C 98 -4.07 17.31 24.87
N LYS C 99 -3.17 18.04 25.54
CA LYS C 99 -3.08 19.50 25.49
C LYS C 99 -1.79 20.06 24.95
N CYS C 100 -0.70 19.28 25.04
CA CYS C 100 0.63 19.83 24.73
C CYS C 100 0.80 19.83 23.20
N ARG C 101 1.86 20.48 22.73
CA ARG C 101 2.13 20.55 21.29
C ARG C 101 2.32 19.18 20.62
N VAL C 102 2.85 18.23 21.41
CA VAL C 102 3.05 16.92 20.87
C VAL C 102 1.73 16.14 20.80
N CYS C 103 0.95 16.17 21.90
CA CYS C 103 -0.35 15.51 21.89
C CYS C 103 -1.23 16.03 20.74
N LYS C 104 -1.17 17.33 20.43
CA LYS C 104 -1.93 17.92 19.30
C LYS C 104 -1.37 17.60 17.91
N HIS C 105 -0.13 17.16 17.80
CA HIS C 105 0.46 16.89 16.49
C HIS C 105 0.01 15.52 16.05
N PRO C 106 -0.38 15.36 14.78
CA PRO C 106 -0.83 14.01 14.34
C PRO C 106 0.18 12.87 14.48
N GLU C 107 1.46 13.18 14.32
CA GLU C 107 2.49 12.13 14.33
C GLU C 107 3.35 12.08 15.61
N GLY C 108 3.03 12.88 16.59
CA GLY C 108 3.75 12.83 17.87
C GLY C 108 3.07 11.97 18.90
N ASN C 109 3.85 11.31 19.73
CA ASN C 109 3.23 10.61 20.87
C ASN C 109 4.00 10.83 22.19
N PHE C 110 5.17 11.53 22.18
CA PHE C 110 6.06 11.64 23.34
C PHE C 110 5.65 12.87 24.10
N CYS C 111 4.49 12.72 24.76
CA CYS C 111 3.83 13.80 25.47
C CYS C 111 4.81 14.51 26.40
N LEU C 112 4.70 15.81 26.45
CA LEU C 112 5.57 16.62 27.24
C LEU C 112 5.48 16.45 28.75
N LYS C 113 4.43 15.78 29.23
CA LYS C 113 4.29 15.45 30.63
C LYS C 113 5.01 14.15 31.03
N ASN C 114 5.76 13.54 30.07
CA ASN C 114 6.39 12.29 30.36
C ASN C 114 7.44 12.39 31.50
N ASP C 115 7.76 11.27 32.13
CA ASP C 115 8.81 11.22 33.12
C ASP C 115 10.00 10.41 32.65
N LEU C 116 10.18 10.37 31.35
CA LEU C 116 11.27 9.63 30.75
C LEU C 116 12.52 10.48 30.46
N SER C 117 12.37 11.68 29.94
CA SER C 117 13.56 12.45 29.49
CA SER C 117 13.57 12.38 29.48
C SER C 117 14.40 12.92 30.64
N MET C 118 13.72 13.42 31.68
CA MET C 118 14.42 13.91 32.88
C MET C 118 13.75 13.32 34.13
N PRO C 119 14.04 12.03 34.37
CA PRO C 119 13.20 11.33 35.36
C PRO C 119 13.26 11.88 36.78
N ARG C 120 12.10 12.16 37.34
CA ARG C 120 11.93 12.62 38.69
C ARG C 120 11.35 11.49 39.59
N GLY C 121 10.69 10.49 39.01
CA GLY C 121 10.11 9.41 39.80
C GLY C 121 9.04 9.87 40.78
N THR C 122 8.19 10.78 40.37
CA THR C 122 7.07 11.30 41.13
C THR C 122 5.77 11.17 40.37
N MET C 123 4.68 11.49 41.06
CA MET C 123 3.38 11.82 40.46
C MET C 123 3.53 13.18 39.71
N GLN C 124 2.57 13.57 38.87
CA GLN C 124 2.62 14.85 38.16
C GLN C 124 2.83 15.98 39.14
N ASP C 125 2.28 15.88 40.35
CA ASP C 125 2.41 16.99 41.31
C ASP C 125 3.74 17.09 42.03
N GLY C 126 4.73 16.23 41.71
CA GLY C 126 6.03 16.28 42.35
C GLY C 126 6.23 15.52 43.61
N THR C 127 5.19 14.76 44.01
CA THR C 127 5.22 13.95 45.23
C THR C 127 5.01 12.48 44.97
N SER C 128 5.19 11.68 46.01
CA SER C 128 5.00 10.27 45.92
C SER C 128 3.81 9.83 46.73
N ARG C 129 3.23 8.74 46.32
CA ARG C 129 2.09 8.12 46.97
C ARG C 129 2.52 6.87 47.71
N PHE C 130 3.79 6.57 47.75
CA PHE C 130 4.29 5.31 48.30
C PHE C 130 5.22 5.62 49.52
N THR C 131 5.02 4.86 50.58
CA THR C 131 5.90 4.92 51.72
C THR C 131 6.31 3.51 52.06
N CYS C 132 7.58 3.30 52.49
CA CYS C 132 8.09 1.97 52.87
C CYS C 132 9.18 2.12 53.91
N ARG C 133 9.02 1.45 55.02
CA ARG C 133 9.97 1.61 56.15
C ARG C 133 10.05 3.09 56.58
N GLY C 134 8.93 3.81 56.52
CA GLY C 134 8.86 5.20 56.88
C GLY C 134 9.43 6.20 55.86
N LYS C 135 9.87 5.74 54.70
CA LYS C 135 10.57 6.56 53.71
C LYS C 135 9.71 6.65 52.45
N PRO C 136 9.64 7.86 51.84
CA PRO C 136 9.02 7.92 50.53
C PRO C 136 9.77 7.10 49.49
N ILE C 137 9.01 6.49 48.58
CA ILE C 137 9.53 5.61 47.55
C ILE C 137 9.14 6.20 46.18
N HIS C 138 10.10 6.25 45.26
CA HIS C 138 9.81 6.82 43.96
C HIS C 138 8.90 5.93 43.10
N HIS C 139 8.16 6.62 42.27
CA HIS C 139 7.46 6.08 41.14
C HIS C 139 8.37 5.86 39.97
N PHE C 140 7.88 5.09 38.98
CA PHE C 140 8.65 4.76 37.78
C PHE C 140 7.76 5.04 36.55
N LEU C 141 8.17 6.01 35.75
CA LEU C 141 7.46 6.38 34.52
C LEU C 141 5.97 6.67 34.76
N GLY C 142 5.61 7.22 35.94
CA GLY C 142 4.22 7.41 36.28
C GLY C 142 3.35 6.20 36.27
N THR C 143 3.94 5.05 36.46
CA THR C 143 3.20 3.76 36.48
C THR C 143 3.45 3.00 37.79
N SER C 144 4.58 2.39 38.00
CA SER C 144 4.88 1.63 39.19
C SER C 144 3.90 0.49 39.41
N THR C 145 4.10 -0.55 38.64
CA THR C 145 3.17 -1.67 38.58
C THR C 145 3.58 -2.87 39.36
N PHE C 146 4.78 -2.89 39.94
CA PHE C 146 5.23 -4.00 40.81
C PHE C 146 4.74 -3.78 42.27
N SER C 147 3.45 -3.66 42.39
CA SER C 147 2.78 -3.43 43.64
C SER C 147 1.36 -3.93 43.54
N GLN C 148 0.78 -4.39 44.63
CA GLN C 148 -0.60 -4.83 44.57
C GLN C 148 -1.55 -3.68 44.28
N TYR C 149 -1.18 -2.45 44.65
CA TYR C 149 -1.91 -1.26 44.35
C TYR C 149 -0.95 -0.14 43.92
N THR C 150 -1.36 0.64 42.95
CA THR C 150 -0.59 1.79 42.59
C THR C 150 -1.51 2.95 42.38
N VAL C 151 -0.96 4.15 42.30
CA VAL C 151 -1.69 5.35 42.03
C VAL C 151 -1.00 6.01 40.85
N VAL C 152 -1.77 6.42 39.86
CA VAL C 152 -1.28 7.01 38.64
C VAL C 152 -2.09 8.24 38.35
N ASP C 153 -1.54 9.20 37.63
CA ASP C 153 -2.25 10.32 37.10
C ASP C 153 -3.21 9.88 36.01
N GLU C 154 -4.36 10.57 35.92
CA GLU C 154 -5.42 10.26 34.92
C GLU C 154 -4.86 10.17 33.46
N ILE C 155 -3.94 11.05 33.15
CA ILE C 155 -3.32 11.06 31.86
C ILE C 155 -2.43 9.87 31.57
N SER C 156 -2.17 9.08 32.60
CA SER C 156 -1.37 7.88 32.54
C SER C 156 -2.16 6.60 32.72
N VAL C 157 -3.47 6.63 32.39
CA VAL C 157 -4.24 5.37 32.46
C VAL C 157 -5.31 5.37 31.38
N ALA C 158 -5.51 4.20 30.80
CA ALA C 158 -6.57 3.99 29.81
C ALA C 158 -7.56 2.91 30.27
N LYS C 159 -8.86 3.17 30.06
CA LYS C 159 -9.94 2.19 30.21
C LYS C 159 -9.98 1.23 29.07
N ILE C 160 -10.08 -0.08 29.32
CA ILE C 160 -10.12 -1.06 28.30
C ILE C 160 -11.39 -1.90 28.44
N ASP C 161 -11.58 -2.75 27.46
CA ASP C 161 -12.78 -3.64 27.40
C ASP C 161 -12.96 -4.39 28.73
N ALA C 162 -14.20 -4.36 29.27
CA ALA C 162 -14.53 -5.03 30.51
C ALA C 162 -14.34 -6.54 30.45
N ALA C 163 -14.40 -7.11 29.24
CA ALA C 163 -14.18 -8.52 29.04
C ALA C 163 -12.72 -8.95 28.76
N SER C 164 -11.75 -8.02 28.79
CA SER C 164 -10.33 -8.28 28.52
C SER C 164 -9.70 -9.29 29.44
N PRO C 165 -8.88 -10.28 28.95
CA PRO C 165 -8.07 -11.15 29.84
C PRO C 165 -6.80 -10.45 30.25
N LEU C 166 -6.84 -9.94 31.48
CA LEU C 166 -5.75 -9.02 31.92
C LEU C 166 -4.37 -9.67 31.96
N GLU C 167 -4.32 -10.97 32.13
CA GLU C 167 -3.07 -11.72 32.17
C GLU C 167 -2.39 -11.84 30.80
N LYS C 168 -3.08 -11.45 29.74
CA LYS C 168 -2.50 -11.35 28.39
C LYS C 168 -2.36 -9.89 27.94
N VAL C 169 -3.41 -9.08 28.14
CA VAL C 169 -3.43 -7.74 27.59
C VAL C 169 -2.50 -6.77 28.32
N CYS C 170 -1.99 -7.15 29.47
CA CYS C 170 -0.92 -6.35 30.08
C CYS C 170 0.25 -6.08 29.12
N LEU C 171 0.50 -6.99 28.12
CA LEU C 171 1.60 -6.77 27.18
C LEU C 171 1.31 -5.61 26.23
N ILE C 172 0.06 -5.19 26.06
CA ILE C 172 -0.31 -4.04 25.31
C ILE C 172 0.17 -2.77 25.95
N GLY C 173 0.39 -2.83 27.26
CA GLY C 173 0.97 -1.68 27.93
C GLY C 173 2.44 -1.42 27.65
N CYS C 174 3.14 -2.38 27.04
CA CYS C 174 4.49 -2.03 26.65
C CYS C 174 4.98 -2.85 25.47
N GLY C 175 5.36 -4.09 25.71
CA GLY C 175 6.18 -4.76 24.68
C GLY C 175 5.54 -5.02 23.35
N PHE C 176 4.33 -5.55 23.44
CA PHE C 176 3.67 -5.81 22.16
C PHE C 176 3.51 -4.55 21.34
N SER C 177 2.88 -3.55 21.98
CA SER C 177 2.51 -2.35 21.24
C SER C 177 3.77 -1.64 20.68
N THR C 178 4.80 -1.61 21.53
CA THR C 178 6.07 -1.01 21.10
C THR C 178 6.54 -1.67 19.78
N GLY C 179 6.67 -2.98 19.82
CA GLY C 179 7.26 -3.67 18.67
C GLY C 179 6.37 -3.55 17.44
N TYR C 180 5.09 -3.85 17.66
CA TYR C 180 4.15 -3.88 16.55
C TYR C 180 4.06 -2.47 15.90
N GLY C 181 3.89 -1.44 16.74
CA GLY C 181 3.83 -0.07 16.23
C GLY C 181 5.14 0.39 15.57
N SER C 182 6.27 -0.07 16.06
CA SER C 182 7.51 0.29 15.41
C SER C 182 7.49 -0.15 13.91
N ALA C 183 6.96 -1.32 13.68
CA ALA C 183 6.84 -1.84 12.32
C ALA C 183 5.77 -1.17 11.53
N VAL C 184 4.57 -1.14 12.09
CA VAL C 184 3.38 -0.68 11.30
C VAL C 184 3.22 0.82 11.20
N LYS C 185 3.55 1.52 12.24
CA LYS C 185 3.32 2.94 12.32
C LYS C 185 4.59 3.76 12.12
N VAL C 186 5.72 3.39 12.76
CA VAL C 186 6.95 4.18 12.70
C VAL C 186 7.65 3.92 11.39
N ALA C 187 8.06 2.69 11.13
CA ALA C 187 8.75 2.32 9.87
C ALA C 187 7.75 2.37 8.70
N LYS C 188 6.48 1.97 8.91
CA LYS C 188 5.49 1.84 7.84
C LYS C 188 6.02 0.81 6.84
N VAL C 189 6.24 -0.41 7.27
CA VAL C 189 6.67 -1.48 6.45
C VAL C 189 5.66 -1.68 5.33
N THR C 190 6.17 -1.98 4.12
CA THR C 190 5.37 -2.15 2.92
C THR C 190 5.26 -3.59 2.54
N GLN C 191 4.19 -3.87 1.80
CA GLN C 191 3.95 -5.22 1.24
C GLN C 191 5.08 -5.61 0.30
N GLY C 192 5.61 -6.82 0.52
CA GLY C 192 6.65 -7.42 -0.32
C GLY C 192 8.11 -6.98 0.04
N SER C 193 8.25 -6.20 1.11
CA SER C 193 9.57 -5.75 1.51
C SER C 193 10.39 -6.84 2.26
N THR C 194 11.67 -6.55 2.46
CA THR C 194 12.58 -7.30 3.27
C THR C 194 12.88 -6.47 4.54
N CYS C 195 12.72 -7.10 5.68
CA CYS C 195 12.92 -6.52 6.94
C CYS C 195 14.03 -7.30 7.68
N ALA C 196 14.84 -6.65 8.55
CA ALA C 196 15.76 -7.29 9.44
C ALA C 196 15.47 -6.81 10.87
N VAL C 197 15.34 -7.78 11.80
CA VAL C 197 14.96 -7.40 13.17
C VAL C 197 16.11 -7.93 14.05
N PHE C 198 16.81 -6.99 14.71
CA PHE C 198 17.85 -7.31 15.62
C PHE C 198 17.31 -7.39 17.03
N GLY C 199 17.35 -8.59 17.59
CA GLY C 199 16.86 -8.85 18.93
C GLY C 199 15.51 -9.53 18.85
N LEU C 200 15.43 -10.75 19.38
CA LEU C 200 14.26 -11.58 19.26
C LEU C 200 13.67 -11.90 20.66
N GLY C 201 13.70 -10.91 21.55
CA GLY C 201 12.87 -10.93 22.75
C GLY C 201 11.44 -10.51 22.52
N GLY C 202 10.70 -10.23 23.57
CA GLY C 202 9.32 -9.92 23.39
C GLY C 202 9.04 -8.76 22.49
N VAL C 203 9.89 -7.74 22.52
CA VAL C 203 9.60 -6.60 21.67
C VAL C 203 10.00 -6.94 20.24
N GLY C 204 11.11 -7.58 20.01
CA GLY C 204 11.50 -8.01 18.65
C GLY C 204 10.54 -8.96 18.00
N LEU C 205 10.00 -9.90 18.75
CA LEU C 205 8.92 -10.73 18.27
C LEU C 205 7.74 -9.99 17.81
N SER C 206 7.41 -8.93 18.59
CA SER C 206 6.30 -8.08 18.24
C SER C 206 6.54 -7.23 17.00
N VAL C 207 7.79 -6.78 16.80
CA VAL C 207 8.19 -6.18 15.51
C VAL C 207 7.96 -7.17 14.33
N ILE C 208 8.35 -8.41 14.54
CA ILE C 208 8.17 -9.39 13.51
C ILE C 208 6.70 -9.54 13.23
N MET C 209 5.87 -9.64 14.24
CA MET C 209 4.42 -9.72 14.03
C MET C 209 3.92 -8.55 13.26
N GLY C 210 4.44 -7.34 13.49
CA GLY C 210 3.99 -6.19 12.71
C GLY C 210 4.48 -6.25 11.26
N CYS C 211 5.73 -6.63 11.05
CA CYS C 211 6.24 -6.79 9.67
C CYS C 211 5.36 -7.77 8.88
N LYS C 212 5.05 -8.91 9.49
CA LYS C 212 4.21 -9.91 8.86
C LYS C 212 2.82 -9.31 8.56
N ALA C 213 2.20 -8.61 9.49
CA ALA C 213 0.89 -7.99 9.31
C ALA C 213 0.91 -6.98 8.19
N ALA C 214 2.04 -6.34 7.97
CA ALA C 214 2.22 -5.33 6.94
C ALA C 214 2.48 -6.02 5.56
N GLY C 215 2.76 -7.29 5.55
CA GLY C 215 2.94 -8.06 4.31
C GLY C 215 4.36 -8.11 3.82
N ALA C 216 5.34 -8.01 4.71
CA ALA C 216 6.72 -8.15 4.26
C ALA C 216 6.90 -9.53 3.62
N ALA C 217 7.65 -9.58 2.54
CA ALA C 217 7.97 -10.89 1.98
C ALA C 217 9.06 -11.67 2.75
N ARG C 218 10.02 -10.96 3.35
CA ARG C 218 11.13 -11.58 4.04
C ARG C 218 11.34 -10.85 5.34
N ILE C 219 11.55 -11.60 6.40
CA ILE C 219 11.71 -11.06 7.77
C ILE C 219 12.89 -11.82 8.36
N ILE C 220 14.02 -11.18 8.47
CA ILE C 220 15.22 -11.83 8.87
C ILE C 220 15.44 -11.51 10.37
N GLY C 221 15.38 -12.53 11.23
CA GLY C 221 15.65 -12.30 12.59
C GLY C 221 17.10 -12.42 12.91
N VAL C 222 17.68 -11.59 13.77
CA VAL C 222 19.09 -11.62 14.11
C VAL C 222 19.17 -11.68 15.61
N ASP C 223 19.80 -12.72 16.14
CA ASP C 223 20.12 -12.80 17.59
C ASP C 223 21.33 -13.67 17.80
N ILE C 224 22.09 -13.36 18.81
CA ILE C 224 23.19 -14.19 19.22
C ILE C 224 22.82 -15.42 20.02
N ASN C 225 21.54 -15.51 20.42
CA ASN C 225 21.04 -16.68 21.13
C ASN C 225 20.15 -17.44 20.19
N LYS C 226 20.69 -18.54 19.64
CA LYS C 226 19.97 -19.25 18.61
C LYS C 226 18.74 -19.99 19.20
N ASP C 227 18.63 -20.08 20.54
CA ASP C 227 17.40 -20.66 21.12
C ASP C 227 16.17 -19.78 20.87
N LYS C 228 16.38 -18.51 20.45
CA LYS C 228 15.29 -17.58 20.15
C LYS C 228 14.69 -17.75 18.80
N PHE C 229 15.38 -18.55 17.94
CA PHE C 229 14.99 -18.64 16.58
C PHE C 229 13.66 -19.36 16.30
N ALA C 230 13.41 -20.48 17.00
CA ALA C 230 12.20 -21.21 16.75
C ALA C 230 10.96 -20.34 16.89
N LYS C 231 10.85 -19.60 18.01
CA LYS C 231 9.72 -18.76 18.24
C LYS C 231 9.64 -17.63 17.22
N ALA C 232 10.80 -17.09 16.82
CA ALA C 232 10.76 -16.02 15.81
C ALA C 232 10.13 -16.53 14.48
N LYS C 233 10.55 -17.74 14.09
CA LYS C 233 9.97 -18.33 12.90
C LYS C 233 8.47 -18.57 13.11
N GLU C 234 8.05 -19.04 14.29
CA GLU C 234 6.64 -19.27 14.50
C GLU C 234 5.81 -18.01 14.27
N VAL C 235 6.33 -16.85 14.66
CA VAL C 235 5.54 -15.66 14.51
C VAL C 235 5.76 -14.86 13.22
N GLY C 236 6.62 -15.38 12.32
CA GLY C 236 6.69 -14.88 10.99
C GLY C 236 8.07 -14.62 10.41
N ALA C 237 9.16 -14.84 11.15
CA ALA C 237 10.47 -14.73 10.56
C ALA C 237 10.64 -15.77 9.45
N THR C 238 11.16 -15.36 8.33
CA THR C 238 11.43 -16.30 7.26
C THR C 238 12.82 -16.96 7.38
N GLU C 239 13.75 -16.30 8.05
CA GLU C 239 15.12 -16.69 8.21
C GLU C 239 15.62 -16.11 9.50
N CYS C 240 16.55 -16.80 10.16
CA CYS C 240 17.24 -16.33 11.29
C CYS C 240 18.73 -16.49 11.15
N VAL C 241 19.48 -15.48 11.61
CA VAL C 241 20.86 -15.46 11.53
C VAL C 241 21.49 -15.12 12.86
N ASN C 242 22.54 -15.85 13.21
CA ASN C 242 23.33 -15.65 14.40
C ASN C 242 24.66 -15.07 13.96
N PRO C 243 24.93 -13.79 14.30
CA PRO C 243 26.21 -13.22 13.88
C PRO C 243 27.45 -14.00 14.27
N GLN C 244 27.39 -14.76 15.34
CA GLN C 244 28.51 -15.61 15.77
C GLN C 244 28.87 -16.72 14.81
N ASP C 245 27.99 -17.07 13.88
CA ASP C 245 28.17 -18.09 12.90
C ASP C 245 29.04 -17.68 11.72
N TYR C 246 29.34 -16.39 11.60
CA TYR C 246 29.97 -15.81 10.42
C TYR C 246 31.33 -15.24 10.72
N LYS C 247 32.20 -15.34 9.72
CA LYS C 247 33.54 -14.79 9.71
C LYS C 247 33.60 -13.32 9.33
N LYS C 248 32.49 -12.77 8.83
CA LYS C 248 32.40 -11.34 8.46
C LYS C 248 31.36 -10.63 9.32
N PRO C 249 31.38 -9.27 9.37
CA PRO C 249 30.36 -8.49 10.10
C PRO C 249 28.95 -8.74 9.62
N ILE C 250 27.97 -8.73 10.52
CA ILE C 250 26.63 -9.10 10.12
C ILE C 250 26.01 -8.13 9.15
N GLN C 251 26.41 -6.86 9.16
CA GLN C 251 25.77 -5.94 8.17
C GLN C 251 26.15 -6.37 6.75
N GLU C 252 27.34 -6.90 6.59
CA GLU C 252 27.78 -7.43 5.25
C GLU C 252 27.02 -8.68 4.85
N VAL C 253 26.87 -9.57 5.83
CA VAL C 253 26.01 -10.76 5.62
C VAL C 253 24.57 -10.37 5.20
N LEU C 254 23.96 -9.44 5.94
CA LEU C 254 22.61 -9.02 5.63
C LEU C 254 22.46 -8.30 4.33
N THR C 255 23.44 -7.47 4.00
CA THR C 255 23.45 -6.77 2.71
C THR C 255 23.54 -7.75 1.55
N GLU C 256 24.36 -8.82 1.72
CA GLU C 256 24.44 -9.85 0.71
C GLU C 256 23.14 -10.66 0.56
N MET C 257 22.60 -11.05 1.72
CA MET C 257 21.33 -11.79 1.73
C MET C 257 20.17 -11.07 1.08
N SER C 258 20.19 -9.73 1.20
CA SER C 258 19.10 -8.92 0.69
C SER C 258 19.43 -8.25 -0.65
N ASN C 259 20.51 -8.74 -1.31
CA ASN C 259 20.86 -8.27 -2.64
C ASN C 259 21.04 -6.76 -2.71
N GLY C 260 21.68 -6.27 -1.65
CA GLY C 260 22.13 -4.92 -1.57
C GLY C 260 21.60 -4.10 -0.41
N GLY C 261 20.94 -4.72 0.56
CA GLY C 261 20.47 -3.97 1.77
C GLY C 261 18.99 -4.25 1.93
N VAL C 262 18.52 -4.19 3.18
CA VAL C 262 17.12 -4.40 3.48
C VAL C 262 16.31 -3.14 3.31
N ASP C 263 15.00 -3.30 3.18
CA ASP C 263 14.11 -2.16 3.10
C ASP C 263 13.92 -1.48 4.46
N PHE C 264 13.79 -2.31 5.48
CA PHE C 264 13.52 -1.83 6.84
C PHE C 264 14.36 -2.61 7.83
N SER C 265 15.05 -1.94 8.77
CA SER C 265 15.74 -2.64 9.82
C SER C 265 15.31 -2.06 11.16
N PHE C 266 15.44 -2.89 12.17
CA PHE C 266 14.99 -2.52 13.51
C PHE C 266 16.04 -2.94 14.52
N GLU C 267 16.45 -2.00 15.42
CA GLU C 267 17.32 -2.37 16.51
C GLU C 267 16.42 -2.53 17.71
N VAL C 268 16.38 -3.75 18.26
CA VAL C 268 15.46 -4.08 19.35
C VAL C 268 16.21 -4.80 20.48
N ILE C 269 17.38 -4.24 20.79
CA ILE C 269 18.25 -4.81 21.77
C ILE C 269 18.57 -3.74 22.78
N GLY C 270 19.17 -2.64 22.36
CA GLY C 270 19.68 -1.60 23.25
C GLY C 270 21.21 -1.51 23.28
N ARG C 271 21.88 -1.74 22.17
CA ARG C 271 23.34 -1.63 22.09
C ARG C 271 23.72 -0.59 21.08
N LEU C 272 24.70 0.22 21.41
CA LEU C 272 25.13 1.26 20.44
C LEU C 272 25.67 0.64 19.15
N ASP C 273 26.41 -0.42 19.27
CA ASP C 273 27.00 -1.07 18.07
C ASP C 273 25.93 -1.65 17.13
N THR C 274 24.92 -2.28 17.71
CA THR C 274 23.87 -2.80 16.87
C THR C 274 22.98 -1.75 16.27
N MET C 275 22.86 -0.58 16.93
CA MET C 275 22.14 0.53 16.30
C MET C 275 22.78 0.96 14.96
N VAL C 276 24.11 1.05 15.01
CA VAL C 276 24.86 1.43 13.80
C VAL C 276 24.86 0.29 12.74
N THR C 277 25.02 -0.96 13.18
CA THR C 277 24.94 -2.09 12.28
C THR C 277 23.58 -2.16 11.59
N ALA C 278 22.52 -1.99 12.38
CA ALA C 278 21.22 -2.03 11.81
C ALA C 278 20.99 -0.95 10.77
N LEU C 279 21.51 0.25 11.07
CA LEU C 279 21.34 1.35 10.07
C LEU C 279 22.12 0.92 8.78
N SER C 280 23.32 0.42 8.96
CA SER C 280 24.21 0.04 7.83
C SER C 280 23.57 -1.01 6.93
N CYS C 281 22.80 -1.93 7.52
CA CYS C 281 22.27 -2.97 6.72
C CYS C 281 21.05 -2.65 5.90
N CYS C 282 20.45 -1.48 6.14
CA CYS C 282 19.37 -1.11 5.25
C CYS C 282 19.94 -0.47 3.99
N GLN C 283 19.19 -0.60 2.91
CA GLN C 283 19.63 -0.15 1.64
C GLN C 283 20.06 1.33 1.63
N GLU C 284 21.21 1.61 1.05
CA GLU C 284 21.84 2.94 1.25
C GLU C 284 21.06 4.09 0.70
N ALA C 285 20.25 3.86 -0.33
CA ALA C 285 19.52 4.93 -0.97
C ALA C 285 18.11 5.16 -0.48
N TYR C 286 17.44 4.09 -0.01
CA TYR C 286 16.03 4.19 0.34
C TYR C 286 15.67 3.41 1.58
N GLY C 287 16.62 2.85 2.27
CA GLY C 287 16.36 2.06 3.48
C GLY C 287 15.93 2.92 4.67
N VAL C 288 15.24 2.26 5.58
CA VAL C 288 14.79 2.89 6.81
C VAL C 288 15.23 2.03 7.93
N SER C 289 15.75 2.63 9.01
CA SER C 289 16.16 1.90 10.20
C SER C 289 15.51 2.56 11.41
N VAL C 290 14.87 1.74 12.27
CA VAL C 290 14.21 2.23 13.46
C VAL C 290 14.89 1.71 14.71
N ILE C 291 15.27 2.65 15.59
CA ILE C 291 15.85 2.29 16.89
C ILE C 291 14.65 2.13 17.86
N VAL C 292 14.60 0.94 18.46
CA VAL C 292 13.63 0.64 19.50
C VAL C 292 14.31 0.38 20.84
N GLY C 293 15.48 -0.26 20.85
CA GLY C 293 16.14 -0.59 22.10
C GLY C 293 16.59 0.62 22.85
N VAL C 294 16.62 0.46 24.17
CA VAL C 294 17.05 1.52 25.06
C VAL C 294 18.56 1.37 25.33
N PRO C 295 19.32 2.42 24.97
CA PRO C 295 20.71 2.49 25.12
C PRO C 295 21.21 2.75 26.56
N PRO C 296 22.44 2.37 26.90
CA PRO C 296 22.95 2.67 28.25
C PRO C 296 22.99 4.18 28.45
N ASP C 297 22.65 4.60 29.66
CA ASP C 297 22.48 5.98 29.98
C ASP C 297 23.68 6.85 29.60
N SER C 298 23.40 7.96 28.92
CA SER C 298 24.35 9.00 28.62
C SER C 298 25.43 8.65 27.63
N GLN C 299 25.42 7.46 27.08
CA GLN C 299 26.48 7.06 26.16
C GLN C 299 26.16 7.40 24.74
N ASN C 300 27.21 7.85 24.01
CA ASN C 300 27.03 8.25 22.60
C ASN C 300 27.51 7.15 21.69
N LEU C 301 26.87 7.01 20.54
CA LEU C 301 27.38 6.15 19.47
C LEU C 301 28.22 6.97 18.53
N SER C 302 28.94 6.24 17.67
CA SER C 302 29.80 6.83 16.69
C SER C 302 29.41 6.32 15.31
N MET C 303 29.22 7.23 14.34
CA MET C 303 28.81 6.76 13.04
C MET C 303 29.28 7.74 11.97
N ASN C 304 29.37 7.17 10.79
CA ASN C 304 29.77 7.92 9.56
C ASN C 304 28.50 8.51 8.93
N PRO C 305 28.37 9.83 8.85
CA PRO C 305 27.15 10.40 8.25
C PRO C 305 26.95 10.15 6.78
N MET C 306 27.98 9.67 6.09
CA MET C 306 27.75 9.20 4.73
C MET C 306 26.67 8.10 4.68
N LEU C 307 26.46 7.38 5.79
CA LEU C 307 25.39 6.41 5.79
C LEU C 307 24.03 7.03 5.53
N LEU C 308 23.89 8.28 6.01
CA LEU C 308 22.65 8.99 5.82
C LEU C 308 22.62 9.77 4.48
N LEU C 309 23.76 10.35 4.08
CA LEU C 309 23.78 11.29 2.94
C LEU C 309 23.36 10.53 1.69
N SER C 310 23.61 9.21 1.62
CA SER C 310 23.21 8.47 0.43
C SER C 310 21.71 8.27 0.27
N GLY C 311 20.96 8.45 1.40
CA GLY C 311 19.54 8.42 1.31
C GLY C 311 18.84 7.69 2.43
N ARG C 312 19.52 7.03 3.33
CA ARG C 312 18.89 6.35 4.42
C ARG C 312 18.13 7.27 5.36
N THR C 313 17.13 6.68 5.99
CA THR C 313 16.36 7.35 7.02
C THR C 313 16.54 6.60 8.32
N TRP C 314 16.81 7.34 9.38
CA TRP C 314 17.05 6.79 10.68
C TRP C 314 16.05 7.42 11.66
N LYS C 315 15.35 6.63 12.40
CA LYS C 315 14.41 7.13 13.35
C LYS C 315 14.36 6.30 14.58
N GLY C 316 13.70 6.82 15.62
CA GLY C 316 13.40 5.98 16.73
C GLY C 316 12.01 6.34 17.25
N ALA C 317 11.58 5.60 18.25
CA ALA C 317 10.30 5.92 18.83
C ALA C 317 10.17 5.30 20.21
N ILE C 318 9.25 5.89 20.96
CA ILE C 318 8.79 5.37 22.25
CA ILE C 318 8.83 5.32 22.22
C ILE C 318 7.44 4.73 22.03
N PHE C 319 7.21 3.56 22.54
CA PHE C 319 5.87 2.96 22.55
C PHE C 319 5.28 2.78 21.14
N GLY C 320 6.16 2.42 20.19
CA GLY C 320 5.71 2.12 18.85
C GLY C 320 5.08 3.33 18.13
N GLY C 321 5.35 4.53 18.60
CA GLY C 321 4.74 5.72 18.07
C GLY C 321 3.27 5.96 18.39
N PHE C 322 2.70 5.10 19.18
CA PHE C 322 1.29 5.17 19.50
C PHE C 322 1.00 6.31 20.48
N LYS C 323 0.03 7.17 20.17
CA LYS C 323 -0.61 8.06 21.19
C LYS C 323 -1.29 7.14 22.20
N SER C 324 -0.81 7.21 23.44
CA SER C 324 -1.03 6.05 24.31
C SER C 324 -2.50 5.84 24.75
N LYS C 325 -3.14 6.93 25.20
CA LYS C 325 -4.48 6.81 25.72
C LYS C 325 -5.51 6.55 24.59
N ASP C 326 -5.33 7.13 23.40
CA ASP C 326 -6.17 6.80 22.27
C ASP C 326 -5.95 5.34 21.83
N SER C 327 -4.70 4.92 21.79
CA SER C 327 -4.37 3.67 21.11
C SER C 327 -4.57 2.43 21.94
N VAL C 328 -4.24 2.47 23.25
CA VAL C 328 -4.29 1.24 24.04
C VAL C 328 -5.71 0.57 23.98
N PRO C 329 -6.77 1.35 24.17
CA PRO C 329 -8.09 0.66 24.13
C PRO C 329 -8.40 0.04 22.74
N LYS C 330 -7.94 0.70 21.70
CA LYS C 330 -8.11 0.22 20.35
C LYS C 330 -7.32 -1.06 20.14
N LEU C 331 -6.08 -1.07 20.66
CA LEU C 331 -5.26 -2.27 20.54
C LEU C 331 -5.95 -3.45 21.29
N VAL C 332 -6.46 -3.17 22.50
CA VAL C 332 -7.14 -4.22 23.23
C VAL C 332 -8.37 -4.73 22.43
N ALA C 333 -9.11 -3.78 21.86
CA ALA C 333 -10.28 -4.15 21.03
C ALA C 333 -9.81 -5.03 19.82
N ASP C 334 -8.65 -4.70 19.22
CA ASP C 334 -8.17 -5.54 18.15
C ASP C 334 -7.70 -6.91 18.60
N PHE C 335 -7.12 -7.01 19.82
CA PHE C 335 -6.78 -8.32 20.34
C PHE C 335 -8.04 -9.16 20.55
N MET C 336 -9.10 -8.54 21.05
CA MET C 336 -10.36 -9.23 21.32
C MET C 336 -11.02 -9.69 20.01
N ALA C 337 -10.75 -8.99 18.94
CA ALA C 337 -11.15 -9.37 17.62
C ALA C 337 -10.13 -10.24 16.87
N LYS C 338 -9.12 -10.76 17.52
CA LYS C 338 -8.20 -11.75 17.02
C LYS C 338 -7.30 -11.18 15.90
N LYS C 339 -7.06 -9.89 15.94
CA LYS C 339 -6.22 -9.27 14.92
C LYS C 339 -4.73 -9.54 15.09
N PHE C 340 -4.32 -9.86 16.30
CA PHE C 340 -2.99 -10.31 16.63
C PHE C 340 -3.05 -11.21 17.84
N ALA C 341 -2.00 -11.95 18.05
CA ALA C 341 -1.84 -12.92 19.13
C ALA C 341 -0.80 -12.46 20.15
N LEU C 342 -1.09 -12.71 21.44
CA LEU C 342 -0.17 -12.43 22.52
C LEU C 342 0.42 -13.61 23.18
N ASP C 343 -0.29 -14.77 23.14
CA ASP C 343 0.25 -15.98 23.69
C ASP C 343 1.65 -16.37 23.28
N PRO C 344 2.08 -16.16 22.01
CA PRO C 344 3.48 -16.45 21.65
C PRO C 344 4.55 -15.72 22.40
N LEU C 345 4.17 -14.62 23.02
CA LEU C 345 5.12 -13.85 23.83
C LEU C 345 5.25 -14.31 25.26
N ILE C 346 4.25 -15.08 25.72
CA ILE C 346 4.16 -15.44 27.12
C ILE C 346 4.77 -16.83 27.28
N THR C 347 5.90 -16.93 27.94
CA THR C 347 6.63 -18.17 28.09
C THR C 347 6.58 -18.73 29.52
N HIS C 348 6.33 -17.88 30.52
CA HIS C 348 6.34 -18.25 31.89
C HIS C 348 5.31 -17.44 32.65
N VAL C 349 4.71 -18.07 33.65
CA VAL C 349 3.78 -17.38 34.53
C VAL C 349 4.18 -17.73 35.97
N LEU C 350 4.14 -16.72 36.81
CA LEU C 350 4.61 -16.83 38.20
C LEU C 350 3.74 -15.92 39.06
N PRO C 351 3.58 -16.26 40.33
CA PRO C 351 2.97 -15.32 41.21
C PRO C 351 3.94 -14.11 41.39
N PHE C 352 3.37 -12.98 41.76
CA PHE C 352 4.10 -11.75 42.03
C PHE C 352 5.21 -11.96 43.05
N GLU C 353 4.99 -12.82 44.05
CA GLU C 353 6.02 -12.97 45.01
C GLU C 353 7.32 -13.59 44.47
N LYS C 354 7.28 -14.23 43.30
CA LYS C 354 8.45 -14.82 42.64
C LYS C 354 8.99 -13.85 41.57
N ILE C 355 8.79 -12.56 41.76
CA ILE C 355 9.42 -11.56 40.84
C ILE C 355 10.88 -11.78 40.58
N ASN C 356 11.68 -12.09 41.60
CA ASN C 356 13.13 -12.22 41.37
C ASN C 356 13.43 -13.41 40.50
N GLU C 357 12.72 -14.53 40.72
CA GLU C 357 12.83 -15.64 39.83
C GLU C 357 12.48 -15.27 38.38
N GLY C 358 11.45 -14.46 38.16
CA GLY C 358 11.08 -13.95 36.83
C GLY C 358 12.19 -13.10 36.19
N PHE C 359 12.86 -12.28 36.96
CA PHE C 359 14.01 -11.52 36.43
C PHE C 359 15.19 -12.48 36.14
N ASP C 360 15.40 -13.50 37.00
CA ASP C 360 16.42 -14.51 36.68
C ASP C 360 16.14 -15.20 35.35
N LEU C 361 14.89 -15.50 35.04
CA LEU C 361 14.54 -16.16 33.79
C LEU C 361 14.87 -15.25 32.61
N LEU C 362 14.63 -13.96 32.78
CA LEU C 362 14.88 -12.99 31.69
C LEU C 362 16.39 -12.91 31.46
N ARG C 363 17.13 -12.72 32.57
CA ARG C 363 18.58 -12.57 32.48
C ARG C 363 19.35 -13.79 31.93
N SER C 364 18.80 -14.99 32.16
CA SER C 364 19.44 -16.22 31.71
C SER C 364 19.25 -16.47 30.24
N GLY C 365 18.34 -15.71 29.62
CA GLY C 365 17.93 -15.92 28.24
C GLY C 365 16.76 -16.86 28.01
N GLU C 366 16.26 -17.50 29.07
CA GLU C 366 15.26 -18.55 28.91
C GLU C 366 13.85 -18.04 28.57
N SER C 367 13.47 -16.84 29.05
CA SER C 367 12.10 -16.41 28.87
C SER C 367 11.97 -15.37 27.75
N ILE C 368 10.72 -15.19 27.27
CA ILE C 368 10.36 -14.01 26.49
C ILE C 368 9.66 -13.08 27.50
N ARG C 369 8.36 -13.24 27.73
CA ARG C 369 7.67 -12.58 28.82
C ARG C 369 7.23 -13.57 29.89
N THR C 370 7.62 -13.21 31.13
CA THR C 370 7.05 -13.80 32.31
C THR C 370 5.97 -12.82 32.75
N ILE C 371 4.75 -13.32 32.96
CA ILE C 371 3.66 -12.55 33.55
C ILE C 371 3.51 -12.93 35.01
N LEU C 372 3.48 -11.90 35.83
CA LEU C 372 3.29 -12.07 37.30
C LEU C 372 1.83 -11.87 37.64
N THR C 373 1.33 -12.78 38.43
CA THR C 373 -0.08 -12.74 38.89
CA THR C 373 -0.06 -12.69 38.87
C THR C 373 -0.13 -12.26 40.35
N PHE C 374 -0.98 -11.31 40.60
CA PHE C 374 -1.21 -10.77 41.95
C PHE C 374 -2.17 -11.59 42.77
N SER D 1 33.19 18.58 -37.64
CA SER D 1 34.52 18.21 -38.18
C SER D 1 35.47 17.64 -37.14
N THR D 2 35.20 17.83 -35.81
CA THR D 2 35.97 17.17 -34.73
C THR D 2 35.47 15.75 -34.38
N ALA D 3 34.31 15.37 -34.93
CA ALA D 3 33.73 14.09 -34.63
C ALA D 3 34.72 12.97 -35.02
N GLY D 4 34.90 12.04 -34.09
CA GLY D 4 35.85 10.94 -34.28
C GLY D 4 37.29 11.26 -34.02
N LYS D 5 37.58 12.53 -33.74
CA LYS D 5 38.95 12.98 -33.53
C LYS D 5 39.20 13.40 -32.07
N VAL D 6 40.44 13.30 -31.64
CA VAL D 6 40.88 13.88 -30.34
C VAL D 6 40.74 15.37 -30.44
N ILE D 7 40.21 15.99 -29.40
CA ILE D 7 40.14 17.44 -29.29
C ILE D 7 41.25 17.91 -28.35
N LYS D 8 41.96 18.94 -28.78
CA LYS D 8 42.93 19.63 -27.90
C LYS D 8 42.25 20.86 -27.39
N CYS D 9 42.17 21.06 -26.08
CA CYS D 9 41.49 22.18 -25.52
C CYS D 9 42.09 22.54 -24.15
N LYS D 10 41.58 23.57 -23.51
CA LYS D 10 42.02 23.97 -22.18
C LYS D 10 41.10 23.28 -21.15
N ALA D 11 41.71 22.93 -20.03
CA ALA D 11 40.98 22.48 -18.85
C ALA D 11 41.69 22.90 -17.60
N ALA D 12 40.97 22.96 -16.50
CA ALA D 12 41.55 23.27 -15.18
C ALA D 12 41.87 21.98 -14.49
N VAL D 13 43.17 21.67 -14.36
CA VAL D 13 43.60 20.39 -13.77
C VAL D 13 44.04 20.63 -12.33
N LEU D 14 43.62 19.74 -11.46
CA LEU D 14 44.02 19.79 -10.08
C LEU D 14 45.03 18.69 -9.92
N TRP D 15 46.33 19.03 -9.83
CA TRP D 15 47.39 18.01 -9.73
C TRP D 15 47.59 17.45 -8.33
N GLU D 16 47.27 18.22 -7.30
CA GLU D 16 47.45 17.81 -5.92
C GLU D 16 46.51 18.65 -5.06
N GLU D 17 46.26 18.17 -3.84
CA GLU D 17 45.48 18.93 -2.89
CA GLU D 17 45.46 18.95 -2.93
C GLU D 17 46.14 20.25 -2.52
N LYS D 18 45.34 21.22 -2.15
CA LYS D 18 45.71 22.46 -1.54
C LYS D 18 46.57 23.31 -2.48
N LYS D 19 46.33 23.21 -3.80
CA LYS D 19 46.96 24.04 -4.79
C LYS D 19 45.91 24.67 -5.65
N PRO D 20 46.25 25.77 -6.35
CA PRO D 20 45.38 26.30 -7.37
C PRO D 20 45.18 25.33 -8.52
N PHE D 21 44.04 25.47 -9.18
CA PHE D 21 43.83 24.80 -10.44
C PHE D 21 44.85 25.30 -11.48
N SER D 22 45.34 24.38 -12.32
CA SER D 22 46.30 24.72 -13.34
C SER D 22 45.58 24.64 -14.70
N ILE D 23 45.48 25.78 -15.41
CA ILE D 23 44.87 25.82 -16.75
C ILE D 23 45.91 25.22 -17.70
N GLU D 24 45.60 24.08 -18.26
CA GLU D 24 46.53 23.28 -19.05
C GLU D 24 45.85 22.95 -20.39
N GLU D 25 46.68 22.66 -21.39
CA GLU D 25 46.22 21.98 -22.60
C GLU D 25 46.04 20.51 -22.30
N VAL D 26 44.85 20.03 -22.61
CA VAL D 26 44.52 18.64 -22.48
C VAL D 26 44.06 18.09 -23.84
N GLU D 27 44.08 16.81 -23.91
CA GLU D 27 43.53 16.10 -25.03
C GLU D 27 42.30 15.28 -24.54
N VAL D 28 41.23 15.41 -25.30
CA VAL D 28 39.95 14.85 -24.95
C VAL D 28 39.61 13.85 -26.07
N ALA D 29 39.64 12.57 -25.71
CA ALA D 29 39.38 11.50 -26.63
C ALA D 29 37.96 11.56 -27.16
N PRO D 30 37.72 10.96 -28.34
CA PRO D 30 36.35 10.92 -28.81
C PRO D 30 35.54 9.94 -27.94
N PRO D 31 34.22 10.10 -27.93
CA PRO D 31 33.39 9.20 -27.16
C PRO D 31 33.32 7.79 -27.71
N LYS D 32 33.44 6.83 -26.80
CA LYS D 32 33.26 5.39 -27.10
C LYS D 32 31.75 5.07 -27.08
N ALA D 33 31.45 3.78 -27.15
CA ALA D 33 30.08 3.34 -27.16
C ALA D 33 29.34 3.89 -25.93
N HIS D 34 28.17 4.40 -26.16
CA HIS D 34 27.31 4.91 -25.08
C HIS D 34 27.87 6.10 -24.35
N GLU D 35 28.74 6.90 -25.00
CA GLU D 35 29.37 8.07 -24.37
C GLU D 35 29.02 9.29 -25.22
N VAL D 36 29.12 10.43 -24.59
CA VAL D 36 28.67 11.69 -25.14
C VAL D 36 29.79 12.68 -24.94
N ARG D 37 30.24 13.39 -25.95
CA ARG D 37 31.22 14.45 -25.79
C ARG D 37 30.51 15.79 -25.87
N ILE D 38 30.73 16.66 -24.90
CA ILE D 38 30.03 17.93 -24.66
C ILE D 38 30.95 19.09 -24.72
N LYS D 39 30.60 20.10 -25.51
CA LYS D 39 31.24 21.40 -25.46
C LYS D 39 30.60 22.24 -24.35
N MET D 40 31.39 22.55 -23.34
CA MET D 40 30.86 23.29 -22.18
C MET D 40 30.52 24.71 -22.53
N VAL D 41 29.42 25.17 -21.94
CA VAL D 41 29.02 26.56 -22.09
C VAL D 41 29.12 27.33 -20.76
N ALA D 42 28.62 26.72 -19.68
CA ALA D 42 28.69 27.39 -18.39
C ALA D 42 28.89 26.33 -17.29
N THR D 43 29.60 26.75 -16.24
CA THR D 43 29.75 25.84 -15.07
C THR D 43 29.82 26.65 -13.81
N GLY D 44 29.13 26.19 -12.76
CA GLY D 44 29.21 26.88 -11.51
C GLY D 44 30.29 26.36 -10.62
N ILE D 45 30.68 27.15 -9.68
CA ILE D 45 31.62 26.76 -8.62
C ILE D 45 30.88 26.39 -7.36
N CYS D 46 30.85 25.10 -7.04
CA CYS D 46 30.17 24.54 -5.89
C CYS D 46 31.18 24.22 -4.82
N ARG D 47 30.77 24.34 -3.57
CA ARG D 47 31.67 24.05 -2.48
C ARG D 47 32.21 22.56 -2.57
N SER D 48 31.45 21.65 -3.20
CA SER D 48 31.99 20.30 -3.33
C SER D 48 33.24 20.23 -4.21
N ASP D 49 33.37 21.12 -5.19
CA ASP D 49 34.60 21.16 -5.98
C ASP D 49 35.71 21.65 -5.12
N ASP D 50 35.47 22.59 -4.22
CA ASP D 50 36.47 23.03 -3.30
C ASP D 50 36.85 21.97 -2.27
N HIS D 51 35.96 21.08 -1.92
CA HIS D 51 36.26 20.01 -0.98
C HIS D 51 37.33 19.07 -1.59
N VAL D 52 37.38 18.95 -2.91
CA VAL D 52 38.44 18.18 -3.49
C VAL D 52 39.80 18.87 -3.27
N VAL D 53 39.85 20.19 -3.40
CA VAL D 53 41.08 20.92 -3.20
C VAL D 53 41.52 20.77 -1.73
N SER D 54 40.60 20.90 -0.81
CA SER D 54 40.95 20.91 0.62
C SER D 54 41.27 19.47 1.15
N GLY D 55 40.92 18.43 0.42
CA GLY D 55 40.97 17.07 0.91
C GLY D 55 39.81 16.64 1.78
N THR D 56 38.81 17.49 1.95
CA THR D 56 37.54 17.10 2.57
C THR D 56 36.90 15.93 1.80
N LEU D 57 36.89 16.00 0.46
CA LEU D 57 36.31 14.98 -0.36
C LEU D 57 37.45 14.34 -1.12
N VAL D 58 37.60 13.04 -0.96
CA VAL D 58 38.67 12.25 -1.57
C VAL D 58 38.19 11.71 -2.90
N THR D 59 39.00 11.97 -3.95
CA THR D 59 38.75 11.39 -5.25
C THR D 59 40.10 11.30 -5.93
N PRO D 60 40.32 10.36 -6.83
CA PRO D 60 41.71 10.19 -7.35
C PRO D 60 42.22 11.44 -8.11
N LEU D 61 43.49 11.81 -7.84
CA LEU D 61 44.17 12.95 -8.45
C LEU D 61 45.24 12.40 -9.39
N PRO D 62 45.65 13.16 -10.39
CA PRO D 62 45.12 14.43 -10.79
C PRO D 62 43.72 14.30 -11.41
N VAL D 63 43.00 15.41 -11.33
CA VAL D 63 41.59 15.41 -11.71
C VAL D 63 41.16 16.68 -12.38
N ILE D 64 40.17 16.51 -13.28
CA ILE D 64 39.42 17.63 -13.80
C ILE D 64 38.08 17.65 -12.97
N ALA D 65 37.96 18.61 -12.07
CA ALA D 65 36.76 18.71 -11.26
C ALA D 65 35.68 19.48 -12.03
N GLY D 66 34.65 19.97 -11.30
CA GLY D 66 33.49 20.55 -11.92
C GLY D 66 32.40 19.56 -12.15
N HIS D 67 31.18 19.91 -11.70
CA HIS D 67 30.04 19.02 -11.84
C HIS D 67 28.68 19.70 -11.99
N GLU D 68 28.65 21.04 -11.92
CA GLU D 68 27.41 21.84 -12.01
C GLU D 68 27.53 22.63 -13.31
N ALA D 69 26.92 22.17 -14.38
CA ALA D 69 27.24 22.74 -15.68
C ALA D 69 26.17 22.48 -16.74
N ALA D 70 26.32 23.19 -17.87
CA ALA D 70 25.48 22.94 -19.05
C ALA D 70 26.29 23.19 -20.30
N GLY D 71 25.95 22.44 -21.35
CA GLY D 71 26.68 22.54 -22.59
C GLY D 71 25.86 22.06 -23.75
N ILE D 72 26.54 21.86 -24.88
CA ILE D 72 25.99 21.41 -26.11
C ILE D 72 26.74 20.22 -26.62
N VAL D 73 26.03 19.17 -26.99
CA VAL D 73 26.64 17.98 -27.47
C VAL D 73 27.41 18.21 -28.76
N GLU D 74 28.69 17.84 -28.75
CA GLU D 74 29.52 17.90 -29.95
C GLU D 74 29.48 16.62 -30.75
N SER D 75 29.42 15.47 -30.06
CA SER D 75 29.39 14.19 -30.76
C SER D 75 28.92 13.10 -29.81
N ILE D 76 28.44 12.02 -30.39
CA ILE D 76 27.97 10.87 -29.66
C ILE D 76 28.70 9.62 -30.11
N GLY D 77 28.88 8.70 -29.18
CA GLY D 77 29.45 7.43 -29.55
C GLY D 77 28.33 6.49 -30.03
N GLU D 78 28.78 5.32 -30.48
CA GLU D 78 27.90 4.30 -31.04
C GLU D 78 26.87 3.92 -29.97
N GLY D 79 25.64 3.86 -30.39
CA GLY D 79 24.60 3.29 -29.56
C GLY D 79 23.91 4.34 -28.69
N VAL D 80 24.35 5.59 -28.67
CA VAL D 80 23.65 6.65 -27.93
C VAL D 80 22.32 6.97 -28.56
N THR D 81 21.25 7.00 -27.78
CA THR D 81 19.94 7.27 -28.30
C THR D 81 19.21 8.48 -27.72
N THR D 82 19.64 8.96 -26.57
CA THR D 82 18.85 9.90 -25.77
C THR D 82 19.28 11.34 -26.01
N VAL D 83 20.44 11.55 -26.67
CA VAL D 83 20.89 12.91 -27.02
C VAL D 83 21.49 12.85 -28.43
N ARG D 84 21.61 13.99 -29.07
CA ARG D 84 22.17 14.10 -30.43
C ARG D 84 23.06 15.35 -30.48
N PRO D 85 24.01 15.36 -31.43
CA PRO D 85 24.81 16.56 -31.62
C PRO D 85 23.94 17.81 -31.74
N GLY D 86 24.32 18.87 -31.04
CA GLY D 86 23.61 20.10 -31.02
C GLY D 86 22.57 20.25 -29.94
N ASP D 87 22.27 19.17 -29.23
CA ASP D 87 21.37 19.31 -28.09
C ASP D 87 22.02 20.02 -26.91
N LYS D 88 21.25 20.84 -26.21
CA LYS D 88 21.62 21.35 -24.93
C LYS D 88 21.49 20.27 -23.90
N VAL D 89 22.47 20.21 -22.99
CA VAL D 89 22.52 19.14 -22.02
C VAL D 89 23.04 19.67 -20.68
N ILE D 90 22.65 18.92 -19.62
CA ILE D 90 23.21 19.07 -18.30
C ILE D 90 23.80 17.74 -17.89
N PRO D 91 25.12 17.72 -17.57
CA PRO D 91 25.71 16.49 -17.03
C PRO D 91 25.17 16.20 -15.61
N LEU D 92 25.08 14.90 -15.29
CA LEU D 92 24.36 14.46 -14.11
C LEU D 92 25.42 13.83 -13.20
N PHE D 93 25.76 14.45 -12.07
CA PHE D 93 26.78 13.91 -11.21
C PHE D 93 26.24 12.65 -10.51
N THR D 94 24.93 12.51 -10.35
CA THR D 94 24.32 11.26 -9.95
C THR D 94 23.73 10.69 -11.23
N PRO D 95 24.11 9.49 -11.69
CA PRO D 95 23.55 9.01 -12.93
C PRO D 95 22.11 8.43 -12.73
N GLN D 96 21.49 8.09 -13.85
CA GLN D 96 20.23 7.34 -13.75
C GLN D 96 20.21 6.28 -14.84
N CYS D 97 20.69 5.12 -14.47
CA CYS D 97 20.82 4.00 -15.41
C CYS D 97 19.42 3.46 -15.80
N GLY D 98 18.43 3.60 -14.90
CA GLY D 98 17.02 3.16 -15.14
C GLY D 98 16.83 1.67 -14.96
N LYS D 99 17.90 0.91 -14.67
CA LYS D 99 17.82 -0.54 -14.62
C LYS D 99 18.10 -1.16 -13.26
N CYS D 100 18.80 -0.47 -12.37
CA CYS D 100 19.21 -1.03 -11.09
C CYS D 100 18.06 -0.91 -10.09
N ARG D 101 18.19 -1.64 -9.00
CA ARG D 101 17.11 -1.68 -8.00
C ARG D 101 16.73 -0.30 -7.44
N VAL D 102 17.72 0.58 -7.36
CA VAL D 102 17.47 1.91 -6.88
C VAL D 102 16.73 2.73 -7.90
N CYS D 103 17.17 2.67 -9.18
CA CYS D 103 16.46 3.40 -10.20
C CYS D 103 15.04 2.96 -10.32
N LYS D 104 14.78 1.67 -10.09
CA LYS D 104 13.39 1.15 -10.16
C LYS D 104 12.58 1.46 -8.92
N HIS D 105 13.18 1.86 -7.81
CA HIS D 105 12.43 2.13 -6.54
C HIS D 105 11.78 3.49 -6.65
N PRO D 106 10.53 3.65 -6.17
CA PRO D 106 9.86 4.96 -6.28
C PRO D 106 10.55 6.10 -5.59
N GLU D 107 11.29 5.83 -4.51
CA GLU D 107 11.86 6.91 -3.73
C GLU D 107 13.38 7.05 -3.91
N GLY D 108 14.02 6.09 -4.50
CA GLY D 108 15.47 6.09 -4.57
C GLY D 108 16.02 6.90 -5.70
N ASN D 109 17.16 7.57 -5.53
CA ASN D 109 17.84 8.20 -6.63
C ASN D 109 19.33 7.97 -6.70
N PHE D 110 19.93 7.27 -5.74
CA PHE D 110 21.38 7.12 -5.71
C PHE D 110 21.69 5.87 -6.49
N CYS D 111 21.64 6.03 -7.80
CA CYS D 111 21.85 4.91 -8.76
C CYS D 111 23.15 4.19 -8.48
N LEU D 112 23.08 2.86 -8.59
CA LEU D 112 24.26 2.04 -8.27
C LEU D 112 25.45 2.20 -9.21
N LYS D 113 25.26 2.91 -10.30
CA LYS D 113 26.38 3.26 -11.19
C LYS D 113 27.13 4.50 -10.79
N ASN D 114 26.75 5.13 -9.66
CA ASN D 114 27.38 6.38 -9.23
C ASN D 114 28.88 6.20 -8.93
N ASP D 115 29.60 7.32 -9.06
CA ASP D 115 31.03 7.34 -8.72
C ASP D 115 31.29 8.11 -7.45
N LEU D 116 30.29 8.17 -6.57
CA LEU D 116 30.37 8.98 -5.33
C LEU D 116 30.79 8.10 -4.16
N SER D 117 30.22 6.90 -4.06
CA SER D 117 30.45 6.04 -2.88
C SER D 117 31.86 5.60 -2.74
N MET D 118 32.41 5.12 -3.86
CA MET D 118 33.80 4.67 -3.86
C MET D 118 34.51 5.22 -5.11
N PRO D 119 34.87 6.50 -5.05
CA PRO D 119 35.21 7.20 -6.31
C PRO D 119 36.41 6.57 -7.01
N ARG D 120 36.24 6.24 -8.28
CA ARG D 120 37.28 5.70 -9.16
C ARG D 120 37.81 6.83 -10.07
N GLY D 121 37.00 7.85 -10.37
CA GLY D 121 37.42 8.95 -11.23
C GLY D 121 37.68 8.53 -12.68
N THR D 122 36.80 7.65 -13.17
CA THR D 122 36.85 7.17 -14.55
C THR D 122 35.50 7.29 -15.20
N MET D 123 35.47 6.94 -16.47
CA MET D 123 34.25 6.62 -17.18
C MET D 123 33.69 5.27 -16.61
N GLN D 124 32.48 4.90 -17.04
CA GLN D 124 31.90 3.64 -16.60
C GLN D 124 32.76 2.46 -17.00
N ASP D 125 33.46 2.51 -18.13
CA ASP D 125 34.40 1.46 -18.50
C ASP D 125 35.74 1.35 -17.72
N GLY D 126 35.96 2.19 -16.71
CA GLY D 126 37.15 2.15 -15.90
C GLY D 126 38.40 2.82 -16.51
N THR D 127 38.18 3.61 -17.56
CA THR D 127 39.26 4.33 -18.26
C THR D 127 38.94 5.82 -18.27
N SER D 128 39.93 6.64 -18.59
CA SER D 128 39.77 8.06 -18.73
C SER D 128 39.81 8.57 -20.18
N ARG D 129 39.12 9.65 -20.50
CA ARG D 129 39.14 10.29 -21.78
C ARG D 129 40.09 11.47 -21.87
N PHE D 130 40.72 11.82 -20.76
CA PHE D 130 41.56 13.03 -20.68
C PHE D 130 43.06 12.67 -20.52
N THR D 131 43.91 13.46 -21.24
CA THR D 131 45.33 13.34 -21.11
C THR D 131 45.86 14.75 -20.98
N CYS D 132 46.91 14.89 -20.18
CA CYS D 132 47.63 16.17 -20.13
C CYS D 132 49.14 15.78 -20.20
N ARG D 133 49.86 16.20 -21.25
CA ARG D 133 51.26 15.78 -21.53
C ARG D 133 51.48 14.32 -21.29
N GLY D 134 50.65 13.55 -21.95
CA GLY D 134 50.71 12.12 -21.93
C GLY D 134 50.30 11.43 -20.66
N LYS D 135 49.88 12.16 -19.63
CA LYS D 135 49.49 11.54 -18.37
C LYS D 135 47.93 11.46 -18.33
N PRO D 136 47.37 10.31 -17.98
CA PRO D 136 45.92 10.27 -17.82
C PRO D 136 45.46 11.18 -16.66
N ILE D 137 44.35 11.87 -16.84
CA ILE D 137 43.75 12.72 -15.82
C ILE D 137 42.37 12.12 -15.47
N HIS D 138 42.08 12.06 -14.19
CA HIS D 138 40.87 11.47 -13.73
C HIS D 138 39.68 12.39 -13.99
N HIS D 139 38.54 11.73 -14.11
CA HIS D 139 37.22 12.35 -14.15
C HIS D 139 36.75 12.58 -12.72
N PHE D 140 35.70 13.35 -12.56
CA PHE D 140 35.12 13.68 -11.26
C PHE D 140 33.64 13.48 -11.29
N LEU D 141 33.15 12.50 -10.56
CA LEU D 141 31.69 12.23 -10.46
C LEU D 141 31.05 11.90 -11.83
N GLY D 142 31.83 11.38 -12.79
CA GLY D 142 31.37 11.11 -14.13
C GLY D 142 30.93 12.37 -14.87
N THR D 143 31.45 13.54 -14.52
CA THR D 143 31.10 14.83 -15.11
C THR D 143 32.33 15.54 -15.62
N SER D 144 33.17 16.10 -14.80
CA SER D 144 34.36 16.85 -15.20
C SER D 144 34.06 18.03 -16.09
N THR D 145 33.56 19.06 -15.51
CA THR D 145 33.03 20.20 -16.28
C THR D 145 33.94 21.40 -16.32
N PHE D 146 35.06 21.34 -15.57
CA PHE D 146 36.08 22.45 -15.67
C PHE D 146 37.00 22.19 -16.83
N SER D 147 36.40 22.14 -18.00
CA SER D 147 37.10 21.85 -19.25
C SER D 147 36.25 22.39 -20.39
N GLN D 148 36.90 22.88 -21.47
CA GLN D 148 36.11 23.29 -22.64
C GLN D 148 35.28 22.14 -23.26
N TYR D 149 35.77 20.93 -23.20
CA TYR D 149 35.04 19.74 -23.66
C TYR D 149 35.21 18.62 -22.63
N THR D 150 34.14 17.88 -22.38
CA THR D 150 34.23 16.71 -21.53
C THR D 150 33.52 15.56 -22.24
N VAL D 151 33.69 14.35 -21.73
CA VAL D 151 33.03 13.15 -22.19
C VAL D 151 32.35 12.52 -21.00
N VAL D 152 31.09 12.17 -21.18
CA VAL D 152 30.28 11.57 -20.11
C VAL D 152 29.56 10.37 -20.61
N ASP D 153 29.28 9.45 -19.70
CA ASP D 153 28.45 8.33 -20.04
C ASP D 153 27.01 8.82 -20.34
N GLU D 154 26.33 8.08 -21.21
CA GLU D 154 24.95 8.47 -21.53
C GLU D 154 24.01 8.54 -20.29
N ILE D 155 24.23 7.64 -19.34
CA ILE D 155 23.39 7.64 -18.11
C ILE D 155 23.67 8.82 -17.23
N SER D 156 24.69 9.65 -17.59
CA SER D 156 25.08 10.79 -16.83
C SER D 156 24.87 12.11 -17.61
N VAL D 157 23.90 12.12 -18.51
CA VAL D 157 23.56 13.34 -19.25
C VAL D 157 22.06 13.38 -19.55
N ALA D 158 21.52 14.56 -19.39
CA ALA D 158 20.13 14.83 -19.75
C ALA D 158 20.01 15.93 -20.76
N LYS D 159 19.23 15.65 -21.82
CA LYS D 159 18.83 16.67 -22.81
C LYS D 159 17.86 17.61 -22.13
N ILE D 160 18.03 18.91 -22.39
CA ILE D 160 17.13 19.92 -21.85
C ILE D 160 16.57 20.85 -22.99
N ASP D 161 15.61 21.74 -22.64
CA ASP D 161 14.90 22.63 -23.57
C ASP D 161 15.91 23.35 -24.46
N ALA D 162 15.71 23.29 -25.78
CA ALA D 162 16.62 23.92 -26.74
C ALA D 162 16.72 25.45 -26.59
N ALA D 163 15.73 26.07 -25.95
CA ALA D 163 15.72 27.54 -25.66
C ALA D 163 16.26 27.97 -24.31
N SER D 164 16.78 27.00 -23.53
CA SER D 164 17.27 27.22 -22.16
C SER D 164 18.44 28.13 -22.12
N PRO D 165 18.47 29.09 -21.13
CA PRO D 165 19.69 29.92 -20.94
C PRO D 165 20.72 29.19 -20.07
N LEU D 166 21.79 28.74 -20.74
CA LEU D 166 22.72 27.81 -20.10
C LEU D 166 23.49 28.42 -18.94
N GLU D 167 23.68 29.74 -18.97
CA GLU D 167 24.41 30.45 -17.93
C GLU D 167 23.63 30.53 -16.61
N LYS D 168 22.35 30.20 -16.68
CA LYS D 168 21.51 30.12 -15.46
C LYS D 168 21.22 28.66 -15.12
N VAL D 169 20.79 27.85 -16.09
CA VAL D 169 20.23 26.52 -15.79
C VAL D 169 21.32 25.49 -15.42
N CYS D 170 22.61 25.83 -15.62
CA CYS D 170 23.66 25.04 -15.05
C CYS D 170 23.49 24.75 -13.57
N LEU D 171 22.86 25.67 -12.82
CA LEU D 171 22.59 25.47 -11.40
C LEU D 171 21.61 24.35 -11.07
N ILE D 172 20.80 23.94 -12.04
CA ILE D 172 19.92 22.77 -11.89
C ILE D 172 20.76 21.46 -11.86
N GLY D 173 21.98 21.50 -12.38
CA GLY D 173 22.95 20.41 -12.30
C GLY D 173 23.44 20.12 -10.91
N CYS D 174 23.35 21.06 -9.96
CA CYS D 174 23.68 20.71 -8.62
C CYS D 174 22.98 21.54 -7.59
N GLY D 175 23.47 22.75 -7.33
CA GLY D 175 23.08 23.45 -6.15
C GLY D 175 21.63 23.78 -5.96
N PHE D 176 20.97 24.27 -7.02
CA PHE D 176 19.57 24.52 -6.89
C PHE D 176 18.77 23.25 -6.58
N SER D 177 18.94 22.27 -7.42
CA SER D 177 18.11 21.09 -7.32
C SER D 177 18.33 20.39 -5.97
N THR D 178 19.56 20.36 -5.54
CA THR D 178 19.89 19.74 -4.25
C THR D 178 19.14 20.42 -3.15
N GLY D 179 19.26 21.72 -3.08
CA GLY D 179 18.62 22.42 -1.92
C GLY D 179 17.11 22.34 -1.99
N TYR D 180 16.60 22.61 -3.16
CA TYR D 180 15.14 22.67 -3.35
C TYR D 180 14.50 21.33 -3.04
N GLY D 181 15.06 20.31 -3.64
CA GLY D 181 14.52 19.00 -3.42
C GLY D 181 14.72 18.46 -2.02
N SER D 182 15.79 18.86 -1.35
CA SER D 182 15.94 18.50 0.04
C SER D 182 14.77 18.96 0.88
N ALA D 183 14.32 20.17 0.59
CA ALA D 183 13.11 20.67 1.33
C ALA D 183 11.82 20.00 0.84
N VAL D 184 11.57 20.00 -0.47
CA VAL D 184 10.26 19.64 -0.95
C VAL D 184 10.05 18.17 -1.03
N LYS D 185 11.08 17.42 -1.40
CA LYS D 185 10.99 16.02 -1.68
C LYS D 185 11.53 15.13 -0.53
N VAL D 186 12.67 15.48 0.06
CA VAL D 186 13.26 14.64 1.06
C VAL D 186 12.63 14.92 2.45
N ALA D 187 12.72 16.15 2.94
CA ALA D 187 12.04 16.56 4.18
C ALA D 187 10.52 16.52 4.04
N LYS D 188 10.03 16.89 2.87
CA LYS D 188 8.58 17.01 2.68
C LYS D 188 8.04 18.08 3.67
N VAL D 189 8.59 19.26 3.61
CA VAL D 189 8.19 20.38 4.45
C VAL D 189 6.67 20.66 4.21
N THR D 190 5.94 20.90 5.29
CA THR D 190 4.50 21.08 5.32
C THR D 190 4.15 22.56 5.47
N GLN D 191 2.94 22.87 4.97
CA GLN D 191 2.41 24.22 5.07
C GLN D 191 2.25 24.64 6.55
N GLY D 192 2.75 25.80 6.89
CA GLY D 192 2.62 26.33 8.24
C GLY D 192 3.69 25.92 9.19
N SER D 193 4.68 25.13 8.70
CA SER D 193 5.69 24.63 9.59
C SER D 193 6.82 25.65 9.86
N THR D 194 7.68 25.37 10.84
CA THR D 194 8.90 26.09 11.13
C THR D 194 10.11 25.24 10.68
N CYS D 195 10.98 25.90 9.97
CA CYS D 195 12.19 25.30 9.43
C CYS D 195 13.44 26.04 9.95
N ALA D 196 14.56 25.33 10.10
CA ALA D 196 15.84 25.92 10.41
C ALA D 196 16.84 25.41 9.33
N VAL D 197 17.53 26.34 8.68
CA VAL D 197 18.50 26.02 7.66
C VAL D 197 19.87 26.44 8.13
N PHE D 198 20.79 25.49 8.28
CA PHE D 198 22.19 25.75 8.70
C PHE D 198 23.06 25.80 7.44
N GLY D 199 23.58 27.02 7.17
CA GLY D 199 24.38 27.27 5.98
C GLY D 199 23.56 27.98 4.95
N LEU D 200 24.03 29.18 4.55
CA LEU D 200 23.28 30.05 3.63
C LEU D 200 24.08 30.36 2.39
N GLY D 201 24.77 29.34 1.88
CA GLY D 201 25.36 29.36 0.57
C GLY D 201 24.36 29.03 -0.50
N GLY D 202 24.88 28.72 -1.66
CA GLY D 202 23.99 28.43 -2.78
C GLY D 202 23.01 27.32 -2.46
N VAL D 203 23.45 26.25 -1.82
CA VAL D 203 22.57 25.13 -1.55
C VAL D 203 21.57 25.51 -0.48
N GLY D 204 22.06 26.12 0.57
CA GLY D 204 21.15 26.54 1.65
C GLY D 204 20.10 27.52 1.23
N LEU D 205 20.45 28.49 0.35
CA LEU D 205 19.45 29.34 -0.20
C LEU D 205 18.39 28.62 -1.00
N SER D 206 18.78 27.56 -1.75
CA SER D 206 17.87 26.75 -2.46
C SER D 206 16.95 25.94 -1.53
N VAL D 207 17.47 25.52 -0.41
CA VAL D 207 16.63 24.91 0.66
C VAL D 207 15.56 25.91 1.17
N ILE D 208 16.00 27.15 1.40
CA ILE D 208 15.03 28.17 1.82
C ILE D 208 13.96 28.36 0.71
N MET D 209 14.38 28.45 -0.52
CA MET D 209 13.41 28.56 -1.65
C MET D 209 12.41 27.43 -1.62
N GLY D 210 12.90 26.23 -1.30
CA GLY D 210 12.04 25.09 -1.21
C GLY D 210 11.07 25.15 -0.05
N CYS D 211 11.61 25.58 1.08
CA CYS D 211 10.76 25.68 2.29
C CYS D 211 9.60 26.67 2.08
N LYS D 212 9.95 27.79 1.44
CA LYS D 212 8.96 28.82 1.13
C LYS D 212 7.93 28.34 0.12
N ALA D 213 8.40 27.64 -0.92
CA ALA D 213 7.51 27.03 -1.87
C ALA D 213 6.54 26.02 -1.27
N ALA D 214 6.99 25.30 -0.23
CA ALA D 214 6.18 24.33 0.43
C ALA D 214 5.24 24.98 1.47
N GLY D 215 5.35 26.29 1.69
CA GLY D 215 4.40 26.99 2.56
C GLY D 215 4.82 27.07 3.98
N ALA D 216 6.11 26.91 4.27
CA ALA D 216 6.57 27.11 5.65
C ALA D 216 6.15 28.49 6.18
N ALA D 217 5.78 28.55 7.46
CA ALA D 217 5.45 29.83 8.05
C ALA D 217 6.66 30.57 8.59
N ARG D 218 7.64 29.87 9.14
CA ARG D 218 8.86 30.44 9.61
C ARG D 218 10.05 29.68 9.04
N ILE D 219 11.06 30.41 8.62
CA ILE D 219 12.31 29.83 8.10
C ILE D 219 13.44 30.55 8.73
N ILE D 220 14.18 29.90 9.63
CA ILE D 220 15.24 30.54 10.36
C ILE D 220 16.52 30.13 9.67
N GLY D 221 17.28 31.09 9.16
CA GLY D 221 18.63 30.84 8.60
C GLY D 221 19.67 30.96 9.68
N VAL D 222 20.70 30.10 9.64
CA VAL D 222 21.84 30.05 10.58
C VAL D 222 23.11 30.05 9.82
N ASP D 223 23.94 31.09 10.02
CA ASP D 223 25.25 31.15 9.35
C ASP D 223 26.20 32.03 10.25
N ILE D 224 27.46 31.66 10.34
CA ILE D 224 28.51 32.40 11.06
C ILE D 224 29.00 33.62 10.26
N ASN D 225 28.56 33.74 9.02
CA ASN D 225 28.85 34.93 8.19
C ASN D 225 27.57 35.73 8.02
N LYS D 226 27.47 36.83 8.80
CA LYS D 226 26.29 37.69 8.76
C LYS D 226 26.04 38.36 7.43
N ASP D 227 27.06 38.38 6.55
CA ASP D 227 26.83 38.96 5.20
C ASP D 227 25.91 38.13 4.33
N LYS D 228 25.65 36.87 4.74
CA LYS D 228 24.74 35.99 4.04
C LYS D 228 23.26 36.19 4.38
N PHE D 229 22.97 36.99 5.42
CA PHE D 229 21.59 37.12 5.88
C PHE D 229 20.62 37.87 4.93
N ALA D 230 21.12 38.94 4.27
CA ALA D 230 20.25 39.75 3.47
C ALA D 230 19.67 38.95 2.31
N LYS D 231 20.48 38.19 1.58
CA LYS D 231 19.99 37.35 0.49
C LYS D 231 19.05 36.22 1.01
N ALA D 232 19.40 35.65 2.15
CA ALA D 232 18.58 34.60 2.74
C ALA D 232 17.17 35.12 3.02
N LYS D 233 17.10 36.34 3.56
CA LYS D 233 15.77 36.95 3.76
C LYS D 233 15.09 37.27 2.43
N GLU D 234 15.85 37.74 1.43
CA GLU D 234 15.23 38.01 0.12
C GLU D 234 14.50 36.76 -0.45
N VAL D 235 15.05 35.54 -0.23
CA VAL D 235 14.49 34.32 -0.82
C VAL D 235 13.56 33.54 0.10
N GLY D 236 13.40 34.04 1.32
CA GLY D 236 12.33 33.60 2.18
C GLY D 236 12.59 33.43 3.64
N ALA D 237 13.81 33.62 4.11
CA ALA D 237 14.04 33.47 5.55
C ALA D 237 13.29 34.54 6.29
N THR D 238 12.70 34.16 7.37
CA THR D 238 11.96 35.09 8.24
C THR D 238 12.84 35.69 9.33
N GLU D 239 13.92 35.01 9.74
CA GLU D 239 14.85 35.44 10.77
C GLU D 239 16.17 34.78 10.42
N CYS D 240 17.29 35.41 10.79
CA CYS D 240 18.60 34.80 10.68
C CYS D 240 19.34 34.99 11.96
N VAL D 241 20.11 33.95 12.31
CA VAL D 241 20.88 33.94 13.50
C VAL D 241 22.29 33.55 13.29
N ASN D 242 23.23 34.22 13.96
CA ASN D 242 24.65 33.93 13.90
C ASN D 242 25.08 33.31 15.19
N PRO D 243 25.43 32.02 15.19
CA PRO D 243 25.87 31.37 16.47
C PRO D 243 26.97 32.09 17.25
N GLN D 244 27.85 32.78 16.54
CA GLN D 244 28.99 33.47 17.17
C GLN D 244 28.54 34.69 17.99
N ASP D 245 27.31 35.13 17.78
CA ASP D 245 26.72 36.22 18.59
C ASP D 245 26.29 35.85 20.00
N TYR D 246 26.18 34.56 20.31
CA TYR D 246 25.62 34.04 21.53
C TYR D 246 26.64 33.38 22.46
N LYS D 247 26.39 33.51 23.74
CA LYS D 247 27.17 32.85 24.76
C LYS D 247 26.62 31.48 25.16
N LYS D 248 25.63 30.95 24.45
CA LYS D 248 25.13 29.58 24.66
C LYS D 248 25.02 28.90 23.30
N PRO D 249 24.93 27.56 23.26
CA PRO D 249 24.86 26.82 22.03
C PRO D 249 23.63 27.15 21.24
N ILE D 250 23.73 27.08 19.95
CA ILE D 250 22.68 27.55 19.08
C ILE D 250 21.49 26.62 19.12
N GLN D 251 21.71 25.31 19.41
CA GLN D 251 20.56 24.38 19.46
C GLN D 251 19.52 24.88 20.53
N GLU D 252 20.05 25.42 21.63
CA GLU D 252 19.23 26.11 22.67
C GLU D 252 18.51 27.40 22.24
N VAL D 253 19.23 28.30 21.58
CA VAL D 253 18.65 29.49 21.05
C VAL D 253 17.53 29.04 20.12
N LEU D 254 17.78 28.05 19.24
CA LEU D 254 16.73 27.71 18.26
C LEU D 254 15.53 27.00 18.90
N THR D 255 15.81 26.13 19.87
CA THR D 255 14.73 25.45 20.59
C THR D 255 13.84 26.47 21.33
N GLU D 256 14.44 27.48 21.93
CA GLU D 256 13.67 28.57 22.53
C GLU D 256 12.87 29.44 21.55
N MET D 257 13.49 29.84 20.43
CA MET D 257 12.82 30.61 19.41
C MET D 257 11.61 29.89 18.80
N SER D 258 11.70 28.55 18.73
CA SER D 258 10.69 27.73 18.09
C SER D 258 9.77 27.10 19.12
N ASN D 259 9.88 27.50 20.37
CA ASN D 259 8.93 27.08 21.43
C ASN D 259 8.93 25.56 21.60
N GLY D 260 10.17 25.01 21.64
CA GLY D 260 10.41 23.62 21.90
C GLY D 260 10.99 22.77 20.77
N GLY D 261 11.43 23.41 19.64
CA GLY D 261 12.06 22.74 18.49
C GLY D 261 11.35 22.99 17.20
N VAL D 262 12.12 22.94 16.11
CA VAL D 262 11.55 23.25 14.80
C VAL D 262 10.96 21.98 14.18
N ASP D 263 10.09 22.09 13.21
CA ASP D 263 9.53 20.98 12.52
C ASP D 263 10.54 20.29 11.56
N PHE D 264 11.34 21.07 10.86
CA PHE D 264 12.30 20.60 9.86
C PHE D 264 13.57 21.35 10.02
N SER D 265 14.71 20.64 10.11
CA SER D 265 15.98 21.30 10.06
C SER D 265 16.88 20.69 8.99
N PHE D 266 17.81 21.52 8.52
CA PHE D 266 18.65 21.12 7.41
C PHE D 266 20.09 21.50 7.75
N GLU D 267 21.03 20.56 7.54
CA GLU D 267 22.47 20.83 7.69
C GLU D 267 23.03 20.99 6.27
N VAL D 268 23.42 22.19 5.94
CA VAL D 268 23.80 22.56 4.56
C VAL D 268 25.24 23.19 4.58
N ILE D 269 26.12 22.62 5.39
CA ILE D 269 27.47 23.11 5.59
C ILE D 269 28.49 22.01 5.30
N GLY D 270 28.42 20.92 6.02
CA GLY D 270 29.38 19.86 5.97
C GLY D 270 30.24 19.73 7.18
N ARG D 271 29.73 20.02 8.34
CA ARG D 271 30.49 19.87 9.56
C ARG D 271 29.78 18.84 10.48
N LEU D 272 30.55 18.00 11.10
CA LEU D 272 29.98 17.01 12.01
C LEU D 272 29.23 17.69 13.19
N ASP D 273 29.80 18.71 13.77
CA ASP D 273 29.14 19.37 14.94
C ASP D 273 27.77 19.94 14.54
N THR D 274 27.68 20.60 13.38
CA THR D 274 26.43 21.15 12.95
C THR D 274 25.38 20.12 12.56
N MET D 275 25.86 18.94 12.10
CA MET D 275 24.97 17.85 11.86
C MET D 275 24.22 17.44 13.14
N VAL D 276 24.97 17.35 14.20
CA VAL D 276 24.34 16.98 15.50
C VAL D 276 23.46 18.11 16.02
N THR D 277 23.94 19.33 15.93
CA THR D 277 23.15 20.52 16.36
C THR D 277 21.84 20.66 15.58
N ALA D 278 21.87 20.37 14.27
CA ALA D 278 20.66 20.54 13.49
C ALA D 278 19.66 19.45 13.88
N LEU D 279 20.17 18.24 14.14
CA LEU D 279 19.26 17.17 14.60
C LEU D 279 18.64 17.61 15.95
N SER D 280 19.45 18.10 16.86
CA SER D 280 19.00 18.46 18.19
C SER D 280 17.92 19.53 18.17
N CYS D 281 18.02 20.50 17.24
CA CYS D 281 17.10 21.60 17.29
CA CYS D 281 17.11 21.63 17.18
C CYS D 281 15.73 21.30 16.71
N CYS D 282 15.58 20.14 16.09
CA CYS D 282 14.22 19.79 15.63
CA CYS D 282 14.27 19.62 15.68
C CYS D 282 13.49 19.20 16.84
N GLN D 283 12.17 19.32 16.81
CA GLN D 283 11.34 18.91 17.98
C GLN D 283 11.56 17.40 18.24
N GLU D 284 11.74 17.06 19.51
CA GLU D 284 12.15 15.71 19.89
C GLU D 284 11.24 14.58 19.55
N ALA D 285 9.92 14.86 19.47
CA ALA D 285 8.91 13.86 19.21
C ALA D 285 8.53 13.69 17.76
N TYR D 286 8.64 14.72 16.92
CA TYR D 286 8.12 14.66 15.56
C TYR D 286 9.00 15.45 14.56
N GLY D 287 10.09 15.95 15.01
CA GLY D 287 10.97 16.74 14.15
C GLY D 287 11.73 15.85 13.10
N VAL D 288 12.07 16.52 11.99
CA VAL D 288 12.83 15.87 10.88
C VAL D 288 14.03 16.70 10.62
N SER D 289 15.21 16.04 10.53
CA SER D 289 16.43 16.73 10.16
C SER D 289 17.07 16.09 8.95
N VAL D 290 17.47 16.91 7.97
CA VAL D 290 18.08 16.40 6.74
C VAL D 290 19.52 16.89 6.68
N ILE D 291 20.45 15.95 6.47
CA ILE D 291 21.85 16.25 6.20
C ILE D 291 21.98 16.39 4.65
N VAL D 292 22.49 17.56 4.27
CA VAL D 292 22.78 17.91 2.89
C VAL D 292 24.35 18.10 2.74
N GLY D 293 25.01 18.71 3.71
CA GLY D 293 26.45 19.01 3.67
C GLY D 293 27.29 17.74 3.54
N VAL D 294 28.41 17.87 2.86
CA VAL D 294 29.36 16.80 2.70
C VAL D 294 30.35 16.81 3.83
N PRO D 295 30.39 15.70 4.62
CA PRO D 295 31.26 15.61 5.71
C PRO D 295 32.76 15.40 5.33
N PRO D 296 33.69 15.69 6.25
CA PRO D 296 35.14 15.42 6.02
C PRO D 296 35.43 13.93 5.94
N ASP D 297 36.24 13.58 4.98
CA ASP D 297 36.51 12.23 4.66
C ASP D 297 36.85 11.39 5.87
N SER D 298 36.11 10.26 5.97
CA SER D 298 36.36 9.18 6.91
C SER D 298 36.12 9.56 8.37
N GLN D 299 35.55 10.70 8.66
CA GLN D 299 35.38 11.10 10.08
C GLN D 299 33.97 10.76 10.54
N ASN D 300 33.88 10.23 11.75
CA ASN D 300 32.58 9.85 12.35
C ASN D 300 32.13 10.94 13.30
N LEU D 301 30.83 11.12 13.40
CA LEU D 301 30.26 11.99 14.42
C LEU D 301 29.92 11.13 15.61
N SER D 302 29.70 11.81 16.71
CA SER D 302 29.33 11.26 17.96
C SER D 302 27.94 11.80 18.33
N MET D 303 26.98 10.93 18.69
CA MET D 303 25.68 11.46 19.10
C MET D 303 24.96 10.51 20.03
N ASN D 304 24.06 11.11 20.82
CA ASN D 304 23.26 10.32 21.76
C ASN D 304 22.03 9.81 21.09
N PRO D 305 21.87 8.47 21.00
CA PRO D 305 20.69 7.92 20.31
C PRO D 305 19.36 8.23 20.95
N MET D 306 19.33 8.70 22.21
CA MET D 306 18.08 9.21 22.75
C MET D 306 17.48 10.33 21.94
N LEU D 307 18.31 11.09 21.15
CA LEU D 307 17.73 12.04 20.25
C LEU D 307 16.79 11.46 19.27
N LEU D 308 17.06 10.22 18.83
CA LEU D 308 16.20 9.54 17.89
C LEU D 308 15.04 8.80 18.62
N LEU D 309 15.35 8.15 19.75
CA LEU D 309 14.34 7.34 20.42
C LEU D 309 13.08 8.11 20.80
N SER D 310 13.24 9.38 21.09
CA SER D 310 12.08 10.22 21.40
C SER D 310 11.12 10.44 20.24
N GLY D 311 11.57 10.22 19.01
CA GLY D 311 10.71 10.33 17.87
C GLY D 311 11.27 11.11 16.67
N ARG D 312 12.46 11.67 16.77
CA ARG D 312 13.03 12.36 15.59
C ARG D 312 13.41 11.41 14.46
N THR D 313 13.40 12.02 13.27
CA THR D 313 13.75 11.37 12.01
C THR D 313 14.98 12.08 11.53
N TRP D 314 15.99 11.33 11.13
CA TRP D 314 17.24 11.87 10.60
C TRP D 314 17.48 11.25 9.27
N LYS D 315 17.68 12.05 8.24
CA LYS D 315 17.98 11.50 6.94
C LYS D 315 18.93 12.36 6.18
N GLY D 316 19.46 11.82 5.08
CA GLY D 316 20.26 12.66 4.20
C GLY D 316 19.87 12.33 2.76
N ALA D 317 20.47 13.08 1.84
CA ALA D 317 20.16 12.81 0.42
C ALA D 317 21.27 13.41 -0.42
N ILE D 318 21.39 12.81 -1.61
CA ILE D 318 22.20 13.33 -2.68
C ILE D 318 21.23 14.01 -3.68
N PHE D 319 21.64 15.16 -4.20
CA PHE D 319 20.91 15.80 -5.31
C PHE D 319 19.42 15.99 -4.99
N GLY D 320 19.13 16.35 -3.72
CA GLY D 320 17.80 16.62 -3.31
C GLY D 320 16.80 15.49 -3.45
N GLY D 321 17.26 14.24 -3.57
CA GLY D 321 16.40 13.13 -3.80
C GLY D 321 15.89 12.94 -5.23
N PHE D 322 16.26 13.80 -6.18
CA PHE D 322 15.73 13.71 -7.54
C PHE D 322 16.38 12.55 -8.32
N LYS D 323 15.52 11.76 -8.97
CA LYS D 323 16.02 10.85 -10.02
C LYS D 323 16.53 11.75 -11.13
N SER D 324 17.84 11.70 -11.44
CA SER D 324 18.46 12.80 -12.10
C SER D 324 18.00 13.02 -13.54
N LYS D 325 18.03 11.97 -14.36
CA LYS D 325 17.70 12.13 -15.76
C LYS D 325 16.23 12.42 -15.97
N ASP D 326 15.34 11.80 -15.19
CA ASP D 326 13.90 12.22 -15.23
C ASP D 326 13.70 13.67 -14.79
N SER D 327 14.42 14.11 -13.77
CA SER D 327 14.05 15.35 -13.10
C SER D 327 14.66 16.57 -13.69
N VAL D 328 15.91 16.50 -14.18
CA VAL D 328 16.56 17.66 -14.67
C VAL D 328 15.78 18.35 -15.81
N PRO D 329 15.36 17.58 -16.85
CA PRO D 329 14.64 18.29 -17.94
C PRO D 329 13.35 18.92 -17.43
N LYS D 330 12.67 18.28 -16.47
CA LYS D 330 11.45 18.82 -15.86
C LYS D 330 11.73 20.09 -15.08
N LEU D 331 12.81 20.10 -14.31
CA LEU D 331 13.20 21.32 -13.57
C LEU D 331 13.54 22.42 -14.52
N VAL D 332 14.24 22.12 -15.63
CA VAL D 332 14.50 23.19 -16.63
C VAL D 332 13.15 23.72 -17.19
N ALA D 333 12.25 22.81 -17.56
CA ALA D 333 10.91 23.19 -18.07
C ALA D 333 10.16 24.07 -17.04
N ASP D 334 10.27 23.75 -15.77
CA ASP D 334 9.69 24.58 -14.69
C ASP D 334 10.35 25.94 -14.56
N PHE D 335 11.68 26.02 -14.70
CA PHE D 335 12.34 27.31 -14.67
C PHE D 335 11.90 28.21 -15.83
N MET D 336 11.71 27.60 -17.00
CA MET D 336 11.31 28.33 -18.21
C MET D 336 9.83 28.85 -18.07
N ALA D 337 9.01 28.09 -17.33
CA ALA D 337 7.66 28.44 -16.91
C ALA D 337 7.63 29.34 -15.65
N LYS D 338 8.77 29.89 -15.22
CA LYS D 338 8.94 30.80 -14.10
C LYS D 338 8.39 30.25 -12.78
N LYS D 339 8.53 28.95 -12.56
CA LYS D 339 8.06 28.38 -11.28
C LYS D 339 9.01 28.62 -10.15
N PHE D 340 10.26 28.90 -10.48
CA PHE D 340 11.26 29.32 -9.46
C PHE D 340 12.26 30.25 -10.14
N ALA D 341 13.10 30.89 -9.33
CA ALA D 341 14.13 31.84 -9.78
C ALA D 341 15.53 31.24 -9.52
N LEU D 342 16.49 31.49 -10.40
CA LEU D 342 17.92 31.18 -10.20
C LEU D 342 18.79 32.37 -10.05
N ASP D 343 18.38 33.52 -10.58
CA ASP D 343 19.19 34.72 -10.42
C ASP D 343 19.64 35.09 -9.01
N PRO D 344 18.81 34.80 -7.99
CA PRO D 344 19.27 35.15 -6.63
C PRO D 344 20.57 34.37 -6.17
N LEU D 345 20.83 33.23 -6.85
CA LEU D 345 22.00 32.42 -6.47
C LEU D 345 23.29 32.89 -7.16
N ILE D 346 23.15 33.68 -8.23
CA ILE D 346 24.28 34.03 -9.10
C ILE D 346 24.77 35.40 -8.68
N THR D 347 25.92 35.41 -8.01
CA THR D 347 26.49 36.68 -7.53
C THR D 347 27.69 37.17 -8.34
N HIS D 348 28.40 36.30 -9.09
CA HIS D 348 29.58 36.68 -9.88
C HIS D 348 29.56 35.87 -11.15
N VAL D 349 30.16 36.47 -12.17
CA VAL D 349 30.34 35.84 -13.46
C VAL D 349 31.81 36.06 -13.81
N LEU D 350 32.45 35.04 -14.32
CA LEU D 350 33.86 35.10 -14.74
C LEU D 350 34.10 34.22 -15.95
N PRO D 351 35.12 34.61 -16.77
CA PRO D 351 35.53 33.67 -17.80
C PRO D 351 36.19 32.47 -17.13
N PHE D 352 36.11 31.33 -17.80
CA PHE D 352 36.72 30.09 -17.29
C PHE D 352 38.14 30.25 -16.83
N GLU D 353 38.92 31.01 -17.59
CA GLU D 353 40.32 31.14 -17.28
C GLU D 353 40.61 31.78 -15.95
N LYS D 354 39.61 32.43 -15.38
CA LYS D 354 39.79 33.01 -14.05
C LYS D 354 39.17 32.13 -12.95
N ILE D 355 39.15 30.82 -13.19
CA ILE D 355 38.58 29.86 -12.24
C ILE D 355 39.12 30.10 -10.85
N ASN D 356 40.41 30.32 -10.71
CA ASN D 356 40.98 30.49 -9.38
C ASN D 356 40.46 31.69 -8.63
N GLU D 357 40.27 32.81 -9.32
CA GLU D 357 39.53 33.93 -8.72
C GLU D 357 38.16 33.54 -8.22
N GLY D 358 37.43 32.70 -8.99
CA GLY D 358 36.11 32.25 -8.56
C GLY D 358 36.17 31.42 -7.28
N PHE D 359 37.24 30.64 -7.13
CA PHE D 359 37.38 29.83 -5.92
C PHE D 359 37.81 30.73 -4.75
N ASP D 360 38.61 31.78 -5.04
CA ASP D 360 39.01 32.73 -3.99
C ASP D 360 37.75 33.47 -3.47
N LEU D 361 36.83 33.83 -4.33
CA LEU D 361 35.54 34.46 -3.98
C LEU D 361 34.68 33.56 -3.07
N LEU D 362 34.68 32.29 -3.36
CA LEU D 362 33.88 31.34 -2.57
C LEU D 362 34.54 31.26 -1.21
N ARG D 363 35.85 31.02 -1.18
CA ARG D 363 36.57 30.84 0.06
C ARG D 363 36.54 32.05 0.99
N SER D 364 36.54 33.25 0.44
CA SER D 364 36.58 34.47 1.24
C SER D 364 35.21 34.78 1.84
N GLY D 365 34.15 34.12 1.39
CA GLY D 365 32.80 34.35 1.86
C GLY D 365 31.97 35.29 1.04
N GLU D 366 32.58 35.86 -0.04
CA GLU D 366 31.98 36.90 -0.81
CA GLU D 366 31.96 36.91 -0.83
C GLU D 366 30.93 36.42 -1.82
N SER D 367 31.09 35.22 -2.35
CA SER D 367 30.15 34.77 -3.37
C SER D 367 29.11 33.74 -2.86
N ILE D 368 28.05 33.62 -3.64
CA ILE D 368 27.15 32.48 -3.51
C ILE D 368 27.62 31.58 -4.69
N ARG D 369 27.09 31.73 -5.92
CA ARG D 369 27.59 31.03 -7.07
C ARG D 369 28.26 32.01 -8.01
N THR D 370 29.49 31.65 -8.38
CA THR D 370 30.14 32.18 -9.55
C THR D 370 29.91 31.23 -10.71
N ILE D 371 29.41 31.78 -11.82
CA ILE D 371 29.24 31.03 -13.04
C ILE D 371 30.42 31.37 -13.94
N LEU D 372 31.08 30.33 -14.43
CA LEU D 372 32.21 30.44 -15.38
C LEU D 372 31.64 30.25 -16.76
N THR D 373 32.03 31.20 -17.66
CA THR D 373 31.67 31.09 -19.07
C THR D 373 32.88 30.65 -19.92
N PHE D 374 32.62 29.92 -21.01
CA PHE D 374 33.68 29.42 -21.84
C PHE D 374 33.77 30.20 -23.14
#